data_4RNV
#
_entry.id   4RNV
#
_cell.length_a   45.591
_cell.length_b   88.076
_cell.length_c   105.617
_cell.angle_alpha   89.45
_cell.angle_beta   81.43
_cell.angle_gamma   89.88
#
_symmetry.space_group_name_H-M   'P 1'
#
loop_
_entity.id
_entity.type
_entity.pdbx_description
1 polymer 'NADPH dehydrogenase 1'
2 non-polymer 'FLAVIN MONONUCLEOTIDE'
3 non-polymer P-HYDROXYBENZALDEHYDE
4 water water
#
_entity_poly.entity_id   1
_entity_poly.type   'polypeptide(L)'
_entity_poly.pdbx_seq_one_letter_code
;MGEYEGGSNDFVYSIWKGPVIRAGNFALHPEVVREEVKDKRTLIGYGRFFISNPDLVDRLEKGLPLNKYDRDTFYQMSAH
GYIDYPTYEEALKLGWGTSSFVKDFKPQALGDTNLFKPIKIGNNELLHRAVIPPLTRMRALHPGNIPNRDWAVEYYTQRA
QRPGTMIITEGAFISPQAGGYDNAPGVWSEEQMVEWTKIFNAIHEKKSFVWVQLWVLGWAAFPDNLARDGLRYDSASDNV
FMDAEQEAKAKKANNPQHSLTKDEIKQYIKEYVQAAKNSIAAGADGVEIHSANGYLLNQFLDPHSNTRTDEYGGSIENRA
RFTLEVVDALVEAIGHEKVGLRLSPYGVFNSMSGGAETGIVAQYAYVAGELEKRAKAGKRLAFVHLVEPRVTNPFLTEGE
;
_entity_poly.pdbx_strand_id   A,B,C,D
#
loop_
_chem_comp.id
_chem_comp.type
_chem_comp.name
_chem_comp.formula
FMN non-polymer 'FLAVIN MONONUCLEOTIDE' 'C17 H21 N4 O9 P'
HBA non-polymer P-HYDROXYBENZALDEHYDE 'C7 H6 O2'
#
# COMPACT_ATOMS: atom_id res chain seq x y z
N GLY A 6 1.22 52.71 -22.79
CA GLY A 6 0.24 52.90 -23.85
C GLY A 6 -0.06 51.61 -24.59
N GLY A 7 -1.34 51.35 -24.82
CA GLY A 7 -1.77 50.16 -25.53
C GLY A 7 -3.25 49.89 -25.30
N SER A 8 -4.03 49.86 -26.39
CA SER A 8 -5.47 49.70 -26.29
C SER A 8 -5.99 48.51 -27.09
N ASN A 9 -7.17 48.02 -26.72
CA ASN A 9 -7.81 46.93 -27.45
C ASN A 9 -8.78 47.45 -28.52
N ASP A 10 -8.77 48.76 -28.73
CA ASP A 10 -9.69 49.39 -29.68
C ASP A 10 -9.49 48.92 -31.11
N PHE A 11 -8.30 48.41 -31.41
CA PHE A 11 -7.98 47.96 -32.77
C PHE A 11 -8.89 46.82 -33.21
N VAL A 12 -9.35 46.03 -32.25
CA VAL A 12 -10.21 44.89 -32.52
C VAL A 12 -11.52 45.33 -33.19
N TYR A 13 -12.04 46.47 -32.74
CA TYR A 13 -13.30 47.00 -33.25
C TYR A 13 -13.23 47.36 -34.73
N SER A 14 -12.04 47.74 -35.20
CA SER A 14 -11.85 48.10 -36.60
C SER A 14 -11.71 46.86 -37.48
N ILE A 15 -11.65 45.69 -36.85
CA ILE A 15 -11.46 44.44 -37.57
C ILE A 15 -12.67 43.52 -37.39
N TRP A 16 -12.98 43.22 -36.13
CA TRP A 16 -14.11 42.35 -35.79
C TRP A 16 -15.38 43.20 -35.62
N LYS A 17 -16.43 42.82 -36.33
CA LYS A 17 -17.65 43.63 -36.38
C LYS A 17 -18.80 43.03 -35.57
N GLY A 18 -18.49 42.13 -34.66
CA GLY A 18 -19.50 41.50 -33.83
C GLY A 18 -19.41 41.92 -32.38
N PRO A 19 -20.16 41.24 -31.50
CA PRO A 19 -20.17 41.53 -30.06
C PRO A 19 -18.79 41.38 -29.41
N VAL A 20 -18.44 42.33 -28.55
CA VAL A 20 -17.15 42.31 -27.88
C VAL A 20 -17.31 42.44 -26.37
N ILE A 21 -16.83 41.45 -25.63
CA ILE A 21 -16.85 41.50 -24.18
C ILE A 21 -15.50 41.96 -23.65
N ARG A 22 -15.52 42.97 -22.78
CA ARG A 22 -14.30 43.51 -22.21
C ARG A 22 -14.31 43.38 -20.69
N ALA A 23 -13.20 42.92 -20.13
CA ALA A 23 -13.10 42.74 -18.68
C ALA A 23 -11.76 43.21 -18.15
N GLY A 24 -11.78 43.79 -16.95
CA GLY A 24 -10.55 44.26 -16.32
C GLY A 24 -10.69 45.60 -15.62
N ASN A 25 -10.85 45.57 -14.30
CA ASN A 25 -10.89 46.77 -13.48
C ASN A 25 -11.98 47.76 -13.92
N PHE A 26 -13.19 47.27 -14.10
CA PHE A 26 -14.29 48.09 -14.57
C PHE A 26 -15.29 48.41 -13.45
N ALA A 27 -15.23 47.64 -12.37
CA ALA A 27 -16.17 47.79 -11.25
C ALA A 27 -15.96 49.10 -10.50
N LEU A 28 -14.71 49.45 -10.24
CA LEU A 28 -14.39 50.65 -9.48
C LEU A 28 -14.13 51.84 -10.39
N HIS A 29 -14.49 51.71 -11.66
CA HIS A 29 -14.36 52.81 -12.62
C HIS A 29 -15.57 52.89 -13.53
N PRO A 30 -16.72 53.32 -12.97
CA PRO A 30 -17.97 53.39 -13.74
C PRO A 30 -17.94 54.49 -14.80
N GLU A 31 -17.03 55.45 -14.66
CA GLU A 31 -16.90 56.53 -15.63
C GLU A 31 -16.27 56.02 -16.91
N VAL A 32 -15.41 55.00 -16.79
CA VAL A 32 -14.82 54.36 -17.95
C VAL A 32 -15.87 53.53 -18.67
N VAL A 33 -16.63 52.76 -17.88
CA VAL A 33 -17.69 51.92 -18.42
C VAL A 33 -18.73 52.76 -19.17
N ARG A 34 -19.10 53.90 -18.59
CA ARG A 34 -20.07 54.81 -19.19
C ARG A 34 -19.66 55.23 -20.60
N GLU A 35 -18.36 55.43 -20.80
CA GLU A 35 -17.82 55.81 -22.10
C GLU A 35 -17.77 54.63 -23.06
N GLU A 36 -17.33 53.48 -22.56
CA GLU A 36 -17.11 52.31 -23.40
C GLU A 36 -18.41 51.70 -23.91
N VAL A 37 -19.47 51.74 -23.10
CA VAL A 37 -20.73 51.11 -23.49
C VAL A 37 -21.50 51.95 -24.52
N LYS A 38 -20.97 53.12 -24.85
CA LYS A 38 -21.56 53.95 -25.91
C LYS A 38 -21.48 53.22 -27.24
N ASP A 39 -20.47 52.37 -27.39
CA ASP A 39 -20.42 51.44 -28.50
C ASP A 39 -21.53 50.40 -28.33
N LYS A 40 -22.35 50.24 -29.37
CA LYS A 40 -23.58 49.45 -29.25
C LYS A 40 -23.35 47.94 -29.17
N ARG A 41 -22.12 47.50 -29.39
CA ARG A 41 -21.82 46.07 -29.33
C ARG A 41 -20.72 45.75 -28.32
N THR A 42 -20.62 46.57 -27.28
CA THR A 42 -19.63 46.36 -26.23
C THR A 42 -20.28 45.86 -24.94
N LEU A 43 -19.78 44.76 -24.41
CA LEU A 43 -20.26 44.22 -23.14
C LEU A 43 -19.15 44.29 -22.10
N ILE A 44 -19.53 44.34 -20.83
CA ILE A 44 -18.56 44.50 -19.75
C ILE A 44 -18.56 43.33 -18.78
N GLY A 45 -17.38 42.79 -18.51
CA GLY A 45 -17.23 41.70 -17.56
C GLY A 45 -16.68 42.17 -16.24
N TYR A 46 -17.33 41.76 -15.15
CA TYR A 46 -16.89 42.11 -13.80
C TYR A 46 -16.45 40.87 -13.05
N GLY A 47 -15.15 40.77 -12.79
CA GLY A 47 -14.59 39.58 -12.18
C GLY A 47 -14.67 39.52 -10.66
N ARG A 48 -13.70 40.14 -10.01
CA ARG A 48 -13.53 40.06 -8.56
C ARG A 48 -14.73 40.52 -7.75
N PHE A 49 -15.48 41.47 -8.27
CA PHE A 49 -16.60 42.03 -7.49
C PHE A 49 -17.89 41.25 -7.72
N PHE A 50 -17.93 40.41 -8.75
CA PHE A 50 -19.05 39.50 -8.91
C PHE A 50 -18.92 38.35 -7.92
N ILE A 51 -17.68 38.09 -7.50
CA ILE A 51 -17.40 37.13 -6.45
C ILE A 51 -17.97 37.64 -5.13
N SER A 52 -17.75 38.91 -4.84
CA SER A 52 -18.17 39.51 -3.58
C SER A 52 -19.61 40.01 -3.62
N ASN A 53 -20.13 40.23 -4.83
CA ASN A 53 -21.49 40.72 -4.99
C ASN A 53 -22.31 39.86 -5.93
N PRO A 54 -23.14 38.96 -5.38
CA PRO A 54 -24.03 38.11 -6.19
C PRO A 54 -25.14 38.92 -6.83
N ASP A 55 -25.43 40.08 -6.24
CA ASP A 55 -26.45 40.99 -6.77
C ASP A 55 -25.80 42.21 -7.41
N LEU A 56 -24.63 41.99 -8.03
CA LEU A 56 -23.82 43.08 -8.58
C LEU A 56 -24.56 43.86 -9.66
N VAL A 57 -25.40 43.17 -10.42
CA VAL A 57 -26.14 43.81 -11.51
C VAL A 57 -27.05 44.92 -10.99
N ASP A 58 -27.71 44.67 -9.85
CA ASP A 58 -28.58 45.67 -9.24
C ASP A 58 -27.78 46.86 -8.73
N ARG A 59 -26.64 46.57 -8.10
CA ARG A 59 -25.81 47.60 -7.51
C ARG A 59 -25.21 48.54 -8.57
N LEU A 60 -25.09 48.03 -9.79
CA LEU A 60 -24.58 48.83 -10.90
C LEU A 60 -25.68 49.70 -11.50
N GLU A 61 -26.89 49.17 -11.56
CA GLU A 61 -28.03 49.88 -12.13
C GLU A 61 -28.41 51.09 -11.27
N LYS A 62 -28.41 50.89 -9.96
CA LYS A 62 -28.90 51.91 -9.04
C LYS A 62 -27.77 52.63 -8.31
N GLY A 63 -26.53 52.28 -8.65
CA GLY A 63 -25.36 52.92 -8.06
C GLY A 63 -25.23 52.64 -6.56
N LEU A 64 -25.31 51.36 -6.19
CA LEU A 64 -25.20 50.95 -4.80
C LEU A 64 -23.75 50.65 -4.44
N PRO A 65 -23.39 50.82 -3.15
CA PRO A 65 -22.05 50.46 -2.70
C PRO A 65 -21.81 48.95 -2.84
N LEU A 66 -20.55 48.56 -2.96
CA LEU A 66 -20.21 47.17 -3.22
C LEU A 66 -19.52 46.52 -2.02
N ASN A 67 -19.71 45.22 -1.86
CA ASN A 67 -19.01 44.46 -0.83
C ASN A 67 -17.55 44.30 -1.20
N LYS A 68 -16.68 44.29 -0.19
CA LYS A 68 -15.27 44.00 -0.41
C LYS A 68 -15.08 42.52 -0.70
N TYR A 69 -14.04 42.18 -1.45
CA TYR A 69 -13.72 40.79 -1.74
C TYR A 69 -12.54 40.33 -0.90
N ASP A 70 -12.45 39.02 -0.67
CA ASP A 70 -11.38 38.44 0.12
C ASP A 70 -10.49 37.56 -0.76
N ARG A 71 -9.26 37.99 -0.98
CA ARG A 71 -8.32 37.25 -1.83
C ARG A 71 -7.97 35.90 -1.23
N ASP A 72 -7.96 35.82 0.10
CA ASP A 72 -7.59 34.59 0.80
C ASP A 72 -8.60 33.47 0.57
N THR A 73 -9.84 33.84 0.24
CA THR A 73 -10.89 32.86 0.01
C THR A 73 -11.22 32.71 -1.47
N PHE A 74 -10.31 33.13 -2.34
CA PHE A 74 -10.50 33.00 -3.77
C PHE A 74 -10.41 31.55 -4.22
N TYR A 75 -9.37 30.85 -3.76
CA TYR A 75 -9.13 29.47 -4.17
C TYR A 75 -9.15 28.50 -2.99
N GLN A 76 -9.98 28.81 -1.99
CA GLN A 76 -10.02 28.02 -0.77
C GLN A 76 -11.20 27.04 -0.77
N MET A 77 -10.96 25.82 -0.32
CA MET A 77 -12.02 24.82 -0.25
C MET A 77 -12.92 25.08 0.94
N SER A 78 -13.86 26.01 0.77
CA SER A 78 -14.78 26.39 1.83
C SER A 78 -15.98 27.17 1.28
N ALA A 79 -17.10 27.09 1.99
CA ALA A 79 -18.27 27.88 1.65
C ALA A 79 -18.01 29.35 1.95
N HIS A 80 -17.09 29.59 2.89
CA HIS A 80 -16.71 30.94 3.27
C HIS A 80 -16.04 31.68 2.11
N GLY A 81 -16.51 32.88 1.82
CA GLY A 81 -15.99 33.67 0.72
C GLY A 81 -16.35 33.07 -0.62
N TYR A 82 -17.47 32.36 -0.67
CA TYR A 82 -17.90 31.67 -1.88
C TYR A 82 -19.42 31.79 -2.06
N ILE A 83 -20.16 31.38 -1.04
CA ILE A 83 -21.62 31.45 -1.08
C ILE A 83 -22.19 32.26 0.08
N ASP A 84 -21.30 32.87 0.86
CA ASP A 84 -21.74 33.63 2.04
C ASP A 84 -21.57 35.13 1.86
N TYR A 85 -21.47 35.58 0.60
CA TYR A 85 -21.47 37.00 0.30
C TYR A 85 -22.90 37.51 0.24
N PRO A 86 -23.23 38.53 1.05
CA PRO A 86 -24.59 39.04 1.16
C PRO A 86 -25.01 39.94 0.01
N THR A 87 -26.30 39.93 -0.33
CA THR A 87 -26.84 40.91 -1.25
C THR A 87 -26.94 42.24 -0.53
N TYR A 88 -27.27 43.30 -1.26
CA TYR A 88 -27.36 44.61 -0.63
C TYR A 88 -28.48 44.65 0.40
N GLU A 89 -29.60 43.99 0.08
CA GLU A 89 -30.74 43.94 0.99
C GLU A 89 -30.41 43.12 2.24
N GLU A 90 -29.53 42.13 2.08
CA GLU A 90 -29.08 41.30 3.20
C GLU A 90 -28.04 42.01 4.05
N ALA A 91 -27.09 42.66 3.39
CA ALA A 91 -25.98 43.33 4.06
C ALA A 91 -26.45 44.46 4.97
N LEU A 92 -27.60 45.04 4.63
CA LEU A 92 -28.20 46.11 5.42
C LEU A 92 -28.72 45.59 6.76
N LYS A 93 -29.26 44.37 6.74
CA LYS A 93 -29.85 43.77 7.93
C LYS A 93 -28.78 43.34 8.94
N LEU A 94 -27.54 43.19 8.47
CA LEU A 94 -26.44 42.84 9.35
C LEU A 94 -25.60 44.06 9.70
N GLY A 95 -26.06 45.22 9.27
CA GLY A 95 -25.35 46.47 9.50
C GLY A 95 -24.92 47.12 8.19
N TRP A 96 -23.62 47.09 7.92
CA TRP A 96 -23.09 47.64 6.68
C TRP A 96 -21.74 47.04 6.33
N SER A 99 -19.00 47.90 10.35
CA SER A 99 -20.07 48.02 9.37
C SER A 99 -19.65 48.93 8.22
N SER A 100 -18.95 48.37 7.25
CA SER A 100 -18.44 49.14 6.13
C SER A 100 -18.32 48.29 4.86
N PHE A 101 -18.47 48.95 3.72
CA PHE A 101 -18.33 48.31 2.41
C PHE A 101 -16.95 48.62 1.82
N VAL A 102 -16.91 48.84 0.51
CA VAL A 102 -15.67 49.24 -0.16
C VAL A 102 -15.29 50.66 0.24
N LYS A 103 -14.05 50.85 0.66
CA LYS A 103 -13.62 52.14 1.23
C LYS A 103 -13.26 53.17 0.17
N ASP A 104 -13.65 54.42 0.42
CA ASP A 104 -13.32 55.56 -0.43
C ASP A 104 -13.70 55.32 -1.89
N PHE A 105 -14.96 55.01 -2.14
CA PHE A 105 -15.45 54.79 -3.49
C PHE A 105 -16.81 55.46 -3.70
N LYS A 106 -16.91 56.23 -4.78
CA LYS A 106 -18.15 56.92 -5.11
C LYS A 106 -18.88 56.19 -6.23
N PRO A 107 -19.98 55.49 -5.90
CA PRO A 107 -20.76 54.71 -6.86
C PRO A 107 -21.38 55.58 -7.94
N GLN A 108 -22.01 54.95 -8.93
CA GLN A 108 -22.64 55.67 -10.03
C GLN A 108 -23.69 54.81 -10.72
N ALA A 109 -24.90 55.34 -10.88
CA ALA A 109 -25.98 54.62 -11.53
C ALA A 109 -25.71 54.46 -13.02
N LEU A 110 -25.87 53.24 -13.53
CA LEU A 110 -25.61 52.96 -14.93
C LEU A 110 -26.83 52.38 -15.65
N GLY A 111 -27.98 52.44 -14.98
CA GLY A 111 -29.21 51.88 -15.52
C GLY A 111 -29.73 52.60 -16.74
N ASP A 112 -29.22 53.80 -16.99
CA ASP A 112 -29.65 54.61 -18.11
C ASP A 112 -28.81 54.37 -19.37
N THR A 113 -27.67 53.71 -19.20
CA THR A 113 -26.74 53.48 -20.30
C THR A 113 -27.06 52.20 -21.07
N ASN A 114 -26.24 51.90 -22.08
CA ASN A 114 -26.42 50.70 -22.89
C ASN A 114 -26.13 49.42 -22.14
N LEU A 115 -25.57 49.55 -20.94
CA LEU A 115 -25.27 48.40 -20.09
C LEU A 115 -26.55 47.65 -19.73
N PHE A 116 -27.69 48.35 -19.79
CA PHE A 116 -28.97 47.74 -19.47
C PHE A 116 -29.95 47.82 -20.64
N LYS A 117 -29.40 47.84 -21.85
CA LYS A 117 -30.20 47.67 -23.06
C LYS A 117 -29.99 46.24 -23.55
N PRO A 118 -31.09 45.56 -23.92
CA PRO A 118 -31.00 44.16 -24.36
C PRO A 118 -30.11 43.97 -25.59
N ILE A 119 -29.57 42.77 -25.73
CA ILE A 119 -28.72 42.43 -26.86
C ILE A 119 -28.67 40.91 -27.00
N LYS A 120 -28.59 40.42 -28.24
CA LYS A 120 -28.58 38.99 -28.47
C LYS A 120 -27.16 38.45 -28.64
N ILE A 121 -26.77 37.55 -27.75
CA ILE A 121 -25.49 36.86 -27.85
C ILE A 121 -25.75 35.39 -28.17
N GLY A 122 -25.47 35.00 -29.41
CA GLY A 122 -25.77 33.65 -29.86
C GLY A 122 -27.28 33.44 -29.90
N ASN A 123 -27.76 32.44 -29.17
CA ASN A 123 -29.18 32.15 -29.09
C ASN A 123 -29.84 32.86 -27.91
N ASN A 124 -29.03 33.43 -27.03
CA ASN A 124 -29.53 34.01 -25.79
C ASN A 124 -29.92 35.47 -25.92
N GLU A 125 -31.10 35.80 -25.42
CA GLU A 125 -31.57 37.17 -25.37
C GLU A 125 -31.21 37.82 -24.05
N LEU A 126 -30.02 38.42 -23.99
CA LEU A 126 -29.56 39.10 -22.79
C LEU A 126 -30.41 40.33 -22.50
N LEU A 127 -30.71 40.55 -21.22
CA LEU A 127 -31.50 41.70 -20.80
C LEU A 127 -30.60 42.86 -20.35
N HIS A 128 -29.33 42.54 -20.12
CA HIS A 128 -28.34 43.54 -19.75
C HIS A 128 -26.96 43.07 -20.21
N ARG A 129 -25.97 43.94 -20.13
CA ARG A 129 -24.67 43.63 -20.71
C ARG A 129 -23.56 43.54 -19.66
N ALA A 130 -23.96 43.36 -18.41
CA ALA A 130 -23.01 43.06 -17.35
C ALA A 130 -22.76 41.56 -17.30
N VAL A 131 -21.64 41.12 -17.83
CA VAL A 131 -21.34 39.71 -17.97
C VAL A 131 -20.50 39.18 -16.81
N ILE A 132 -20.77 37.95 -16.40
CA ILE A 132 -19.93 37.27 -15.42
C ILE A 132 -18.81 36.52 -16.16
N PRO A 133 -17.58 37.02 -16.03
CA PRO A 133 -16.42 36.40 -16.68
C PRO A 133 -16.04 35.09 -15.99
N PRO A 134 -15.28 34.22 -16.67
CA PRO A 134 -14.81 32.97 -16.06
C PRO A 134 -14.02 33.23 -14.79
N LEU A 135 -14.35 32.53 -13.72
CA LEU A 135 -13.70 32.74 -12.43
C LEU A 135 -13.40 31.42 -11.72
N THR A 136 -12.16 30.97 -11.82
CA THR A 136 -11.70 29.76 -11.15
C THR A 136 -11.80 29.91 -9.65
N ARG A 137 -12.48 28.97 -9.00
CA ARG A 137 -12.69 29.03 -7.56
C ARG A 137 -12.01 27.88 -6.83
N MET A 138 -11.51 26.91 -7.60
CA MET A 138 -10.77 25.77 -7.08
C MET A 138 -11.54 25.00 -6.01
N ARG A 139 -12.81 24.72 -6.27
CA ARG A 139 -13.64 23.99 -5.31
C ARG A 139 -14.20 22.70 -5.89
N ALA A 140 -13.61 22.23 -6.98
CA ALA A 140 -13.99 20.95 -7.56
C ALA A 140 -13.42 19.80 -6.72
N LEU A 141 -14.12 18.67 -6.69
CA LEU A 141 -13.70 17.55 -5.86
C LEU A 141 -12.56 16.74 -6.47
N HIS A 142 -11.64 16.31 -5.62
CA HIS A 142 -10.57 15.42 -6.03
C HIS A 142 -10.73 14.08 -5.33
N PRO A 143 -10.57 12.97 -6.07
CA PRO A 143 -10.22 12.92 -7.50
C PRO A 143 -11.43 13.05 -8.42
N GLY A 144 -11.18 13.23 -9.71
CA GLY A 144 -12.24 13.26 -10.70
C GLY A 144 -12.49 14.61 -11.34
N ASN A 145 -11.96 15.67 -10.71
CA ASN A 145 -12.22 17.05 -11.15
C ASN A 145 -13.73 17.30 -11.26
N ILE A 146 -14.45 16.95 -10.20
CA ILE A 146 -15.90 17.01 -10.19
C ILE A 146 -16.42 18.29 -9.53
N PRO A 147 -17.34 19.00 -10.20
CA PRO A 147 -17.98 20.20 -9.65
C PRO A 147 -18.52 19.97 -8.24
N ASN A 148 -18.38 20.98 -7.38
CA ASN A 148 -18.73 20.84 -5.97
C ASN A 148 -20.19 20.44 -5.75
N ARG A 149 -20.40 19.30 -5.09
CA ARG A 149 -21.74 18.80 -4.86
C ARG A 149 -22.44 19.52 -3.72
N ASP A 150 -21.69 20.28 -2.94
CA ASP A 150 -22.23 20.95 -1.77
C ASP A 150 -22.63 22.40 -2.02
N TRP A 151 -21.77 23.17 -2.68
CA TRP A 151 -21.98 24.62 -2.77
C TRP A 151 -22.09 25.18 -4.19
N ALA A 152 -21.62 24.44 -5.19
CA ALA A 152 -21.49 24.97 -6.55
C ALA A 152 -22.82 25.45 -7.15
N VAL A 153 -23.87 24.64 -6.98
CA VAL A 153 -25.18 24.99 -7.51
C VAL A 153 -25.71 26.29 -6.91
N GLU A 154 -25.53 26.43 -5.60
CA GLU A 154 -25.98 27.63 -4.89
C GLU A 154 -25.13 28.84 -5.28
N TYR A 155 -23.84 28.61 -5.51
CA TYR A 155 -22.91 29.66 -5.90
C TYR A 155 -23.36 30.34 -7.20
N TYR A 156 -23.65 29.53 -8.21
CA TYR A 156 -24.06 30.05 -9.49
C TYR A 156 -25.49 30.60 -9.45
N THR A 157 -26.31 30.04 -8.58
CA THR A 157 -27.69 30.48 -8.41
C THR A 157 -27.75 31.92 -7.90
N GLN A 158 -26.90 32.22 -6.92
CA GLN A 158 -26.83 33.55 -6.33
C GLN A 158 -26.46 34.61 -7.36
N ARG A 159 -25.70 34.22 -8.36
CA ARG A 159 -25.20 35.16 -9.36
C ARG A 159 -26.01 35.12 -10.65
N ALA A 160 -26.96 34.20 -10.73
CA ALA A 160 -27.94 34.20 -11.82
C ALA A 160 -29.16 34.99 -11.37
N GLN A 161 -29.01 35.67 -10.24
CA GLN A 161 -30.07 36.44 -9.59
C GLN A 161 -30.85 37.33 -10.56
N ARG A 162 -30.15 38.25 -11.21
CA ARG A 162 -30.78 39.11 -12.20
C ARG A 162 -31.06 38.31 -13.47
N PRO A 163 -32.34 38.28 -13.90
CA PRO A 163 -32.75 37.56 -15.12
C PRO A 163 -32.05 38.06 -16.37
N GLY A 164 -31.80 37.16 -17.31
CA GLY A 164 -31.16 37.52 -18.56
C GLY A 164 -29.68 37.83 -18.41
N THR A 165 -29.07 37.26 -17.37
CA THR A 165 -27.65 37.47 -17.11
C THR A 165 -26.80 36.41 -17.81
N MET A 166 -25.81 36.86 -18.59
CA MET A 166 -24.88 35.94 -19.23
C MET A 166 -23.79 35.54 -18.25
N ILE A 167 -23.61 34.24 -18.07
CA ILE A 167 -22.60 33.72 -17.16
C ILE A 167 -21.60 32.82 -17.87
N ILE A 168 -20.33 33.18 -17.77
CA ILE A 168 -19.28 32.30 -18.26
C ILE A 168 -18.68 31.55 -17.08
N THR A 169 -18.73 30.23 -17.14
CA THR A 169 -18.27 29.39 -16.04
C THR A 169 -16.77 29.50 -15.81
N GLU A 170 -16.34 29.01 -14.66
CA GLU A 170 -14.92 28.83 -14.39
C GLU A 170 -14.31 27.93 -15.46
N GLY A 171 -13.00 28.06 -15.65
CA GLY A 171 -12.30 27.24 -16.64
C GLY A 171 -12.51 25.77 -16.41
N ALA A 172 -12.98 25.08 -17.44
CA ALA A 172 -13.24 23.64 -17.34
C ALA A 172 -12.31 22.85 -18.25
N PHE A 173 -11.66 21.84 -17.67
CA PHE A 173 -10.74 20.99 -18.43
C PHE A 173 -11.48 20.11 -19.43
N ILE A 174 -11.05 20.14 -20.68
CA ILE A 174 -11.67 19.34 -21.73
C ILE A 174 -11.25 17.87 -21.60
N SER A 175 -10.15 17.63 -20.90
CA SER A 175 -9.60 16.29 -20.74
C SER A 175 -8.57 16.28 -19.62
N PRO A 176 -8.25 15.09 -19.07
CA PRO A 176 -7.20 14.98 -18.07
C PRO A 176 -5.86 15.53 -18.53
N GLN A 177 -5.53 15.29 -19.80
CA GLN A 177 -4.27 15.76 -20.37
C GLN A 177 -4.25 17.30 -20.44
N ALA A 178 -5.43 17.89 -20.54
CA ALA A 178 -5.57 19.35 -20.58
C ALA A 178 -5.56 19.94 -19.17
N GLY A 179 -5.60 19.06 -18.16
CA GLY A 179 -5.68 19.50 -16.79
C GLY A 179 -4.33 19.73 -16.14
N GLY A 180 -4.27 19.52 -14.82
CA GLY A 180 -3.07 19.75 -14.06
C GLY A 180 -3.40 20.30 -12.68
N TYR A 181 -4.63 20.76 -12.52
CA TYR A 181 -5.13 21.24 -11.24
C TYR A 181 -6.17 20.27 -10.69
N ASP A 182 -5.97 19.81 -9.46
CA ASP A 182 -6.84 18.79 -8.88
C ASP A 182 -8.21 19.33 -8.46
N ASN A 183 -8.26 20.61 -8.13
CA ASN A 183 -9.50 21.20 -7.62
C ASN A 183 -10.24 22.05 -8.66
N ALA A 184 -9.89 21.89 -9.93
CA ALA A 184 -10.59 22.57 -11.01
C ALA A 184 -11.50 21.59 -11.73
N PRO A 185 -12.72 22.04 -12.10
CA PRO A 185 -13.70 21.13 -12.71
C PRO A 185 -13.34 20.71 -14.13
N GLY A 186 -13.62 19.46 -14.46
CA GLY A 186 -13.44 18.98 -15.82
C GLY A 186 -14.76 18.96 -16.56
N VAL A 187 -14.72 18.65 -17.85
CA VAL A 187 -15.94 18.63 -18.65
C VAL A 187 -15.91 17.45 -19.64
N TRP A 188 -15.31 16.34 -19.21
CA TRP A 188 -15.13 15.19 -20.11
C TRP A 188 -15.85 13.92 -19.66
N SER A 189 -16.21 13.83 -18.38
CA SER A 189 -16.78 12.58 -17.86
C SER A 189 -18.24 12.71 -17.44
N GLU A 190 -18.90 11.56 -17.25
CA GLU A 190 -20.32 11.51 -16.92
C GLU A 190 -20.63 12.14 -15.57
N GLU A 191 -19.92 11.70 -14.53
CA GLU A 191 -20.16 12.19 -13.18
C GLU A 191 -19.93 13.69 -13.08
N GLN A 192 -19.11 14.22 -13.99
CA GLN A 192 -18.94 15.67 -14.10
C GLN A 192 -20.18 16.31 -14.71
N MET A 193 -20.72 15.67 -15.74
CA MET A 193 -21.88 16.20 -16.46
C MET A 193 -23.15 16.15 -15.62
N VAL A 194 -23.22 15.17 -14.71
CA VAL A 194 -24.35 15.07 -13.80
C VAL A 194 -24.43 16.31 -12.93
N GLU A 195 -23.27 16.81 -12.50
CA GLU A 195 -23.21 17.98 -11.64
C GLU A 195 -23.43 19.27 -12.43
N TRP A 196 -22.82 19.36 -13.61
CA TRP A 196 -22.98 20.52 -14.47
C TRP A 196 -24.44 20.69 -14.91
N THR A 197 -25.13 19.57 -15.09
CA THR A 197 -26.54 19.59 -15.48
C THR A 197 -27.38 20.31 -14.43
N LYS A 198 -27.10 20.02 -13.16
CA LYS A 198 -27.78 20.68 -12.05
C LYS A 198 -27.48 22.17 -12.03
N ILE A 199 -26.22 22.51 -12.28
CA ILE A 199 -25.78 23.89 -12.31
C ILE A 199 -26.50 24.67 -13.42
N PHE A 200 -26.54 24.08 -14.61
CA PHE A 200 -27.15 24.73 -15.76
C PHE A 200 -28.66 24.93 -15.54
N ASN A 201 -29.30 23.93 -14.93
CA ASN A 201 -30.73 24.01 -14.63
C ASN A 201 -31.04 25.16 -13.67
N ALA A 202 -30.20 25.29 -12.64
CA ALA A 202 -30.39 26.34 -11.64
C ALA A 202 -30.23 27.73 -12.28
N ILE A 203 -29.31 27.83 -13.23
CA ILE A 203 -29.12 29.07 -13.97
C ILE A 203 -30.33 29.39 -14.83
N HIS A 204 -30.78 28.39 -15.60
CA HIS A 204 -31.90 28.56 -16.51
C HIS A 204 -33.21 28.83 -15.77
N GLU A 205 -33.35 28.30 -14.55
CA GLU A 205 -34.54 28.55 -13.74
C GLU A 205 -34.58 29.99 -13.25
N LYS A 206 -33.42 30.66 -13.28
CA LYS A 206 -33.36 32.08 -12.93
C LYS A 206 -33.40 32.93 -14.20
N LYS A 207 -33.86 32.33 -15.29
CA LYS A 207 -34.01 33.01 -16.58
C LYS A 207 -32.69 33.58 -17.10
N SER A 208 -31.58 32.99 -16.67
CA SER A 208 -30.26 33.44 -17.10
C SER A 208 -29.61 32.41 -18.02
N PHE A 209 -28.40 32.73 -18.48
CA PHE A 209 -27.72 31.88 -19.45
C PHE A 209 -26.32 31.53 -18.99
N VAL A 210 -25.81 30.39 -19.46
CA VAL A 210 -24.53 29.88 -18.99
C VAL A 210 -23.64 29.40 -20.14
N TRP A 211 -22.42 29.90 -20.18
CA TRP A 211 -21.44 29.50 -21.20
C TRP A 211 -20.24 28.84 -20.54
N VAL A 212 -19.86 27.67 -21.04
CA VAL A 212 -18.75 26.91 -20.47
C VAL A 212 -17.42 27.27 -21.12
N GLN A 213 -16.47 27.72 -20.33
CA GLN A 213 -15.14 28.03 -20.85
C GLN A 213 -14.31 26.75 -20.95
N LEU A 214 -13.90 26.41 -22.16
CA LEU A 214 -13.07 25.23 -22.38
C LEU A 214 -11.61 25.55 -22.11
N TRP A 215 -11.05 24.90 -21.09
CA TRP A 215 -9.74 25.26 -20.55
C TRP A 215 -8.68 24.21 -20.84
N VAL A 216 -7.53 24.64 -21.32
CA VAL A 216 -6.37 23.76 -21.47
C VAL A 216 -5.11 24.46 -20.94
N LEU A 217 -4.50 23.89 -19.91
CA LEU A 217 -3.45 24.56 -19.15
C LEU A 217 -2.15 24.78 -19.93
N GLY A 218 -1.60 23.73 -20.52
CA GLY A 218 -0.33 23.82 -21.20
C GLY A 218 0.82 23.79 -20.21
N TRP A 219 1.68 24.80 -20.25
CA TRP A 219 2.83 24.82 -19.36
C TRP A 219 2.48 25.39 -17.98
N ALA A 220 1.24 25.83 -17.82
CA ALA A 220 0.79 26.37 -16.55
C ALA A 220 0.34 25.26 -15.62
N ALA A 221 0.25 24.05 -16.14
CA ALA A 221 -0.16 22.89 -15.35
C ALA A 221 0.94 22.49 -14.38
N PHE A 222 0.54 21.80 -13.31
CA PHE A 222 1.49 21.27 -12.34
C PHE A 222 2.08 19.96 -12.85
N PRO A 223 3.38 19.97 -13.19
CA PRO A 223 4.08 18.81 -13.77
C PRO A 223 3.96 17.56 -12.91
N ASP A 224 4.04 17.73 -11.59
CA ASP A 224 3.96 16.61 -10.67
C ASP A 224 2.58 15.95 -10.68
N ASN A 225 1.53 16.76 -10.82
CA ASN A 225 0.17 16.24 -10.90
C ASN A 225 -0.02 15.39 -12.15
N LEU A 226 0.57 15.83 -13.25
CA LEU A 226 0.49 15.12 -14.52
C LEU A 226 1.31 13.84 -14.49
N ALA A 227 2.47 13.90 -13.84
CA ALA A 227 3.34 12.73 -13.71
C ALA A 227 2.69 11.67 -12.83
N ARG A 228 1.95 12.11 -11.82
CA ARG A 228 1.22 11.22 -10.94
C ARG A 228 0.15 10.44 -11.70
N ASP A 229 -0.43 11.08 -12.71
CA ASP A 229 -1.51 10.49 -13.48
C ASP A 229 -1.04 9.95 -14.82
N GLY A 230 0.28 9.89 -15.01
CA GLY A 230 0.85 9.41 -16.26
C GLY A 230 0.47 10.26 -17.45
N LEU A 231 0.55 11.58 -17.26
CA LEU A 231 0.18 12.52 -18.31
C LEU A 231 1.35 13.42 -18.68
N ARG A 232 1.38 13.87 -19.93
CA ARG A 232 2.45 14.73 -20.41
C ARG A 232 2.35 16.15 -19.87
N TYR A 233 3.50 16.77 -19.66
CA TYR A 233 3.56 18.20 -19.36
C TYR A 233 3.92 18.93 -20.64
N ASP A 234 2.91 19.28 -21.43
CA ASP A 234 3.14 19.75 -22.79
C ASP A 234 2.93 21.24 -23.01
N SER A 235 3.42 21.72 -24.14
CA SER A 235 3.29 23.12 -24.53
C SER A 235 3.60 23.25 -26.03
N ALA A 236 3.86 24.47 -26.48
CA ALA A 236 4.21 24.71 -27.87
C ALA A 236 5.62 24.22 -28.17
N SER A 237 6.55 24.57 -27.28
CA SER A 237 7.95 24.21 -27.45
C SER A 237 8.47 23.44 -26.24
N ASP A 238 9.75 23.10 -26.25
CA ASP A 238 10.36 22.35 -25.15
C ASP A 238 11.66 22.99 -24.67
N ASN A 239 12.03 24.12 -25.29
CA ASN A 239 13.28 24.79 -24.94
C ASN A 239 13.05 26.10 -24.20
N VAL A 240 11.79 26.51 -24.10
CA VAL A 240 11.44 27.71 -23.35
C VAL A 240 10.37 27.36 -22.32
N PHE A 241 10.52 27.89 -21.11
CA PHE A 241 9.66 27.49 -20.01
C PHE A 241 8.99 28.68 -19.32
N MET A 242 7.95 28.41 -18.54
CA MET A 242 7.17 29.45 -17.88
C MET A 242 7.99 30.22 -16.85
N ASP A 243 8.59 29.49 -15.91
CA ASP A 243 9.49 30.11 -14.93
C ASP A 243 10.48 29.11 -14.36
N ALA A 244 11.18 29.52 -13.30
CA ALA A 244 12.19 28.68 -12.68
C ALA A 244 11.56 27.48 -11.95
N GLU A 245 10.47 27.74 -11.24
CA GLU A 245 9.77 26.68 -10.50
C GLU A 245 9.28 25.58 -11.42
N GLN A 246 8.61 25.96 -12.51
CA GLN A 246 8.01 25.01 -13.42
C GLN A 246 9.06 24.12 -14.10
N GLU A 247 10.20 24.70 -14.45
CA GLU A 247 11.28 23.92 -15.05
C GLU A 247 11.87 22.94 -14.04
N ALA A 248 11.91 23.37 -12.78
CA ALA A 248 12.44 22.54 -11.70
C ALA A 248 11.51 21.38 -11.37
N LYS A 249 10.21 21.67 -11.31
CA LYS A 249 9.22 20.65 -10.97
C LYS A 249 9.06 19.65 -12.11
N ALA A 250 9.41 20.07 -13.32
CA ALA A 250 9.34 19.20 -14.48
C ALA A 250 10.46 18.17 -14.47
N LYS A 251 11.64 18.60 -14.04
CA LYS A 251 12.81 17.72 -14.02
C LYS A 251 12.78 16.81 -12.79
N LYS A 252 12.16 17.30 -11.71
CA LYS A 252 12.11 16.56 -10.46
C LYS A 252 11.12 15.41 -10.56
N ALA A 253 10.01 15.64 -11.24
CA ALA A 253 9.02 14.60 -11.48
C ALA A 253 9.37 13.82 -12.73
N ASN A 254 10.52 14.15 -13.32
CA ASN A 254 11.01 13.53 -14.55
C ASN A 254 9.97 13.59 -15.67
N ASN A 255 9.21 14.68 -15.67
CA ASN A 255 8.18 14.91 -16.68
C ASN A 255 8.44 16.23 -17.41
N PRO A 256 9.48 16.25 -18.26
CA PRO A 256 9.94 17.49 -18.91
C PRO A 256 8.89 18.09 -19.84
N GLN A 257 9.02 19.38 -20.13
CA GLN A 257 8.09 20.06 -21.02
C GLN A 257 8.15 19.47 -22.42
N HIS A 258 6.99 19.05 -22.92
CA HIS A 258 6.91 18.35 -24.20
C HIS A 258 6.34 19.23 -25.31
N SER A 259 7.09 19.33 -26.41
CA SER A 259 6.59 20.04 -27.59
C SER A 259 5.59 19.16 -28.33
N LEU A 260 4.37 19.66 -28.47
CA LEU A 260 3.28 18.89 -29.07
C LEU A 260 3.53 18.52 -30.52
N THR A 261 3.29 17.26 -30.86
CA THR A 261 3.34 16.80 -32.24
C THR A 261 2.02 17.14 -32.92
N LYS A 262 1.98 17.05 -34.25
CA LYS A 262 0.76 17.36 -34.99
C LYS A 262 -0.39 16.43 -34.60
N ASP A 263 -0.07 15.17 -34.36
CA ASP A 263 -1.07 14.18 -33.96
C ASP A 263 -1.66 14.52 -32.59
N GLU A 264 -0.79 14.90 -31.66
CA GLU A 264 -1.22 15.27 -30.31
C GLU A 264 -2.05 16.55 -30.35
N ILE A 265 -1.75 17.42 -31.31
CA ILE A 265 -2.54 18.63 -31.52
C ILE A 265 -3.93 18.24 -32.01
N LYS A 266 -3.99 17.27 -32.91
CA LYS A 266 -5.26 16.77 -33.41
C LYS A 266 -6.06 16.11 -32.29
N GLN A 267 -5.34 15.47 -31.37
CA GLN A 267 -5.98 14.82 -30.23
C GLN A 267 -6.64 15.85 -29.32
N TYR A 268 -5.96 16.98 -29.12
CA TYR A 268 -6.52 18.07 -28.32
C TYR A 268 -7.79 18.63 -28.96
N ILE A 269 -7.74 18.82 -30.27
CA ILE A 269 -8.89 19.30 -31.03
C ILE A 269 -10.08 18.36 -30.87
N LYS A 270 -9.80 17.05 -30.96
CA LYS A 270 -10.81 16.03 -30.77
C LYS A 270 -11.42 16.12 -29.37
N GLU A 271 -10.58 16.44 -28.39
CA GLU A 271 -11.04 16.58 -27.01
C GLU A 271 -11.82 17.88 -26.82
N TYR A 272 -11.46 18.91 -27.59
CA TYR A 272 -12.22 20.16 -27.59
C TYR A 272 -13.64 19.92 -28.08
N VAL A 273 -13.75 19.15 -29.15
CA VAL A 273 -15.04 18.84 -29.77
C VAL A 273 -15.93 18.04 -28.82
N GLN A 274 -15.38 16.98 -28.25
CA GLN A 274 -16.13 16.11 -27.35
C GLN A 274 -16.59 16.88 -26.11
N ALA A 275 -15.71 17.73 -25.60
CA ALA A 275 -16.03 18.54 -24.43
C ALA A 275 -17.13 19.55 -24.77
N ALA A 276 -17.08 20.08 -25.99
CA ALA A 276 -18.08 21.05 -26.44
C ALA A 276 -19.46 20.40 -26.55
N LYS A 277 -19.50 19.21 -27.13
CA LYS A 277 -20.76 18.50 -27.28
C LYS A 277 -21.31 18.03 -25.93
N ASN A 278 -20.40 17.71 -25.01
CA ASN A 278 -20.79 17.32 -23.67
C ASN A 278 -21.49 18.47 -22.93
N SER A 279 -20.98 19.68 -23.12
CA SER A 279 -21.55 20.86 -22.49
C SER A 279 -22.94 21.16 -23.06
N ILE A 280 -23.06 21.08 -24.38
CA ILE A 280 -24.33 21.33 -25.05
C ILE A 280 -25.37 20.29 -24.66
N ALA A 281 -24.96 19.03 -24.64
CA ALA A 281 -25.85 17.93 -24.27
C ALA A 281 -26.32 18.08 -22.82
N ALA A 282 -25.46 18.64 -21.97
CA ALA A 282 -25.80 18.85 -20.57
C ALA A 282 -26.75 20.03 -20.39
N GLY A 283 -26.88 20.84 -21.44
CA GLY A 283 -27.83 21.94 -21.43
C GLY A 283 -27.21 23.32 -21.30
N ALA A 284 -25.99 23.47 -21.82
CA ALA A 284 -25.33 24.77 -21.83
C ALA A 284 -25.72 25.56 -23.06
N ASP A 285 -25.76 26.89 -22.93
CA ASP A 285 -26.13 27.77 -24.04
C ASP A 285 -25.05 27.80 -25.12
N GLY A 286 -23.79 27.68 -24.70
CA GLY A 286 -22.68 27.69 -25.63
C GLY A 286 -21.36 27.49 -24.91
N VAL A 287 -20.26 27.61 -25.64
CA VAL A 287 -18.94 27.43 -25.06
C VAL A 287 -18.00 28.59 -25.41
N GLU A 288 -17.03 28.84 -24.55
CA GLU A 288 -16.00 29.84 -24.82
C GLU A 288 -14.63 29.19 -24.92
N ILE A 289 -13.96 29.40 -26.05
CA ILE A 289 -12.62 28.86 -26.25
C ILE A 289 -11.58 29.72 -25.54
N HIS A 290 -11.08 29.24 -24.41
CA HIS A 290 -10.07 29.96 -23.66
C HIS A 290 -8.75 29.96 -24.43
N SER A 291 -8.42 31.09 -25.03
CA SER A 291 -7.19 31.24 -25.80
C SER A 291 -6.36 32.40 -25.27
N ALA A 292 -6.39 32.60 -23.96
CA ALA A 292 -5.74 33.76 -23.36
C ALA A 292 -5.03 33.43 -22.06
N ASN A 293 -4.44 34.42 -21.44
CA ASN A 293 -3.86 34.32 -20.12
C ASN A 293 -2.74 33.33 -19.98
N GLY A 294 -2.03 33.06 -21.07
CA GLY A 294 -0.83 32.25 -21.00
C GLY A 294 -1.01 30.74 -21.00
N TYR A 295 -2.20 30.28 -21.37
CA TYR A 295 -2.45 28.85 -21.43
C TYR A 295 -2.19 28.32 -22.84
N LEU A 296 -2.38 27.01 -23.03
CA LEU A 296 -1.86 26.31 -24.21
C LEU A 296 -2.02 27.03 -25.54
N LEU A 297 -3.24 27.47 -25.84
CA LEU A 297 -3.50 28.16 -27.10
C LEU A 297 -2.74 29.48 -27.19
N ASN A 298 -2.71 30.22 -26.07
CA ASN A 298 -1.95 31.46 -25.99
C ASN A 298 -0.46 31.18 -26.14
N GLN A 299 -0.03 30.03 -25.64
CA GLN A 299 1.37 29.63 -25.72
C GLN A 299 1.78 29.39 -27.18
N PHE A 300 0.81 29.04 -28.01
CA PHE A 300 1.05 28.88 -29.44
C PHE A 300 1.02 30.25 -30.13
N LEU A 301 0.13 31.12 -29.67
CA LEU A 301 0.00 32.46 -30.24
C LEU A 301 1.24 33.31 -29.98
N ASP A 302 1.77 33.22 -28.76
CA ASP A 302 2.87 34.07 -28.33
C ASP A 302 4.21 33.55 -28.86
N PRO A 303 4.98 34.44 -29.51
CA PRO A 303 6.27 34.10 -30.13
C PRO A 303 7.35 33.75 -29.12
N HIS A 304 7.21 34.24 -27.89
CA HIS A 304 8.16 33.93 -26.83
C HIS A 304 8.06 32.46 -26.44
N SER A 305 6.84 31.96 -26.32
CA SER A 305 6.60 30.58 -25.93
C SER A 305 6.62 29.64 -27.13
N ASN A 306 6.39 30.19 -28.31
CA ASN A 306 6.36 29.40 -29.53
C ASN A 306 7.64 29.57 -30.35
N THR A 307 8.51 28.57 -30.28
CA THR A 307 9.76 28.58 -31.04
C THR A 307 9.77 27.45 -32.07
N ARG A 308 8.57 27.02 -32.48
CA ARG A 308 8.43 25.93 -33.43
C ARG A 308 8.88 26.36 -34.82
N THR A 309 9.29 25.38 -35.63
CA THR A 309 9.75 25.65 -36.98
C THR A 309 8.84 25.01 -38.01
N ASP A 310 7.78 24.36 -37.54
CA ASP A 310 6.83 23.70 -38.43
C ASP A 310 5.62 24.57 -38.73
N GLU A 311 4.52 23.95 -39.15
CA GLU A 311 3.33 24.67 -39.57
C GLU A 311 2.65 25.45 -38.44
N TYR A 312 3.06 25.19 -37.20
CA TYR A 312 2.44 25.83 -36.05
C TYR A 312 3.32 26.88 -35.40
N GLY A 313 4.30 27.38 -36.13
CA GLY A 313 5.19 28.41 -35.62
C GLY A 313 6.03 29.05 -36.69
N GLY A 314 6.80 30.06 -36.30
CA GLY A 314 7.71 30.76 -37.21
C GLY A 314 7.12 31.99 -37.86
N SER A 315 5.81 32.16 -37.71
CA SER A 315 5.12 33.31 -38.31
C SER A 315 3.79 33.59 -37.62
N ILE A 316 3.17 34.71 -37.99
CA ILE A 316 1.90 35.11 -37.40
C ILE A 316 0.79 34.16 -37.80
N GLU A 317 0.75 33.79 -39.07
CA GLU A 317 -0.26 32.86 -39.58
C GLU A 317 -0.15 31.50 -38.92
N ASN A 318 1.08 31.04 -38.73
CA ASN A 318 1.34 29.73 -38.16
C ASN A 318 1.03 29.64 -36.67
N ARG A 319 1.33 30.72 -35.95
CA ARG A 319 1.11 30.74 -34.51
C ARG A 319 -0.38 30.82 -34.15
N ALA A 320 -1.20 31.19 -35.14
CA ALA A 320 -2.63 31.33 -34.91
C ALA A 320 -3.40 30.12 -35.42
N ARG A 321 -2.69 29.16 -36.02
CA ARG A 321 -3.31 28.00 -36.64
C ARG A 321 -4.06 27.13 -35.62
N PHE A 322 -3.42 26.86 -34.48
CA PHE A 322 -4.02 26.02 -33.45
C PHE A 322 -5.35 26.60 -32.97
N THR A 323 -5.32 27.87 -32.57
CA THR A 323 -6.52 28.55 -32.08
C THR A 323 -7.65 28.50 -33.09
N LEU A 324 -7.34 28.83 -34.35
CA LEU A 324 -8.35 28.88 -35.40
C LEU A 324 -8.86 27.49 -35.78
N GLU A 325 -8.00 26.48 -35.71
CA GLU A 325 -8.42 25.11 -35.98
C GLU A 325 -9.38 24.62 -34.91
N VAL A 326 -9.14 25.02 -33.67
CA VAL A 326 -10.05 24.70 -32.57
C VAL A 326 -11.38 25.39 -32.79
N VAL A 327 -11.32 26.64 -33.27
CA VAL A 327 -12.52 27.40 -33.59
C VAL A 327 -13.33 26.70 -34.69
N ASP A 328 -12.68 26.43 -35.81
CA ASP A 328 -13.33 25.79 -36.95
C ASP A 328 -13.91 24.43 -36.59
N ALA A 329 -13.23 23.72 -35.69
CA ALA A 329 -13.69 22.40 -35.26
C ALA A 329 -14.97 22.51 -34.45
N LEU A 330 -15.01 23.47 -33.53
CA LEU A 330 -16.18 23.65 -32.68
C LEU A 330 -17.36 24.25 -33.45
N VAL A 331 -17.06 25.08 -34.44
CA VAL A 331 -18.09 25.65 -35.30
C VAL A 331 -18.78 24.54 -36.09
N GLU A 332 -17.99 23.62 -36.62
CA GLU A 332 -18.51 22.47 -37.35
C GLU A 332 -19.27 21.53 -36.44
N ALA A 333 -18.85 21.45 -35.18
CA ALA A 333 -19.40 20.49 -34.23
C ALA A 333 -20.74 20.92 -33.63
N ILE A 334 -20.80 22.15 -33.11
CA ILE A 334 -21.99 22.59 -32.39
C ILE A 334 -22.61 23.87 -32.94
N GLY A 335 -21.97 24.47 -33.93
CA GLY A 335 -22.50 25.68 -34.54
C GLY A 335 -21.83 26.95 -34.04
N HIS A 336 -21.70 27.92 -34.95
CA HIS A 336 -20.99 29.16 -34.65
C HIS A 336 -21.73 30.04 -33.64
N GLU A 337 -23.03 29.84 -33.52
CA GLU A 337 -23.84 30.65 -32.61
C GLU A 337 -23.64 30.25 -31.16
N LYS A 338 -22.90 29.16 -30.93
CA LYS A 338 -22.67 28.66 -29.59
C LYS A 338 -21.19 28.68 -29.22
N VAL A 339 -20.39 29.37 -30.03
CA VAL A 339 -18.94 29.39 -29.83
C VAL A 339 -18.41 30.81 -29.64
N GLY A 340 -17.64 31.00 -28.57
CA GLY A 340 -16.99 32.28 -28.31
C GLY A 340 -15.48 32.11 -28.22
N LEU A 341 -14.76 33.22 -28.15
CA LEU A 341 -13.30 33.18 -28.07
C LEU A 341 -12.76 34.27 -27.16
N ARG A 342 -11.89 33.89 -26.22
CA ARG A 342 -11.28 34.85 -25.32
C ARG A 342 -9.82 35.09 -25.66
N LEU A 343 -9.44 36.37 -25.66
CA LEU A 343 -8.06 36.76 -25.96
C LEU A 343 -7.54 37.76 -24.93
N SER A 344 -6.21 37.78 -24.77
CA SER A 344 -5.56 38.75 -23.89
C SER A 344 -4.30 39.28 -24.55
N PRO A 345 -4.46 40.21 -25.51
CA PRO A 345 -3.36 40.73 -26.34
C PRO A 345 -2.21 41.34 -25.54
N TYR A 346 -2.53 42.09 -24.49
CA TYR A 346 -1.52 42.83 -23.74
C TYR A 346 -1.13 42.13 -22.44
N GLY A 347 -1.64 40.93 -22.23
CA GLY A 347 -1.38 40.20 -21.01
C GLY A 347 0.01 39.58 -20.96
N VAL A 348 0.61 39.60 -19.77
CA VAL A 348 1.91 38.99 -19.56
C VAL A 348 1.79 37.84 -18.57
N PHE A 349 0.56 37.56 -18.14
CA PHE A 349 0.27 36.49 -17.19
C PHE A 349 0.71 35.14 -17.76
N ASN A 350 1.23 34.29 -16.87
CA ASN A 350 1.82 33.00 -17.27
C ASN A 350 2.90 33.16 -18.33
N SER A 351 3.72 34.20 -18.17
CA SER A 351 4.88 34.46 -19.01
C SER A 351 4.56 34.67 -20.48
N MET A 352 3.63 35.58 -20.76
CA MET A 352 3.37 35.99 -22.14
C MET A 352 4.12 37.27 -22.44
N SER A 353 4.27 37.59 -23.73
CA SER A 353 5.08 38.72 -24.15
C SER A 353 4.46 40.06 -23.77
N GLY A 354 3.18 40.23 -24.06
CA GLY A 354 2.51 41.49 -23.80
C GLY A 354 2.94 42.56 -24.78
N GLY A 355 2.76 43.82 -24.38
CA GLY A 355 3.08 44.95 -25.24
C GLY A 355 4.56 45.12 -25.53
N ALA A 356 5.41 44.44 -24.75
CA ALA A 356 6.84 44.49 -24.97
C ALA A 356 7.21 43.93 -26.34
N GLU A 357 6.44 42.96 -26.80
CA GLU A 357 6.59 42.45 -28.16
C GLU A 357 5.91 43.41 -29.14
N THR A 358 6.72 44.08 -29.96
CA THR A 358 6.21 45.12 -30.86
C THR A 358 5.24 44.55 -31.90
N GLY A 359 5.33 43.25 -32.16
CA GLY A 359 4.47 42.61 -33.14
C GLY A 359 3.30 41.87 -32.53
N ILE A 360 2.96 42.18 -31.28
CA ILE A 360 1.91 41.46 -30.57
C ILE A 360 0.52 41.88 -31.04
N VAL A 361 0.38 43.14 -31.47
CA VAL A 361 -0.91 43.63 -31.93
C VAL A 361 -1.24 43.03 -33.29
N ALA A 362 -0.22 42.93 -34.15
CA ALA A 362 -0.37 42.30 -35.45
C ALA A 362 -0.80 40.84 -35.33
N GLN A 363 -0.28 40.18 -34.30
CA GLN A 363 -0.60 38.78 -34.05
C GLN A 363 -2.08 38.58 -33.76
N TYR A 364 -2.64 39.47 -32.95
CA TYR A 364 -4.05 39.37 -32.58
C TYR A 364 -4.95 40.06 -33.61
N ALA A 365 -4.39 40.99 -34.37
CA ALA A 365 -5.11 41.62 -35.46
C ALA A 365 -5.43 40.58 -36.53
N TYR A 366 -4.47 39.68 -36.74
CA TYR A 366 -4.64 38.60 -37.71
C TYR A 366 -5.76 37.66 -37.29
N VAL A 367 -5.79 37.32 -36.01
CA VAL A 367 -6.82 36.43 -35.47
C VAL A 367 -8.20 37.05 -35.64
N ALA A 368 -8.33 38.32 -35.29
CA ALA A 368 -9.59 39.04 -35.44
C ALA A 368 -10.02 39.09 -36.90
N GLY A 369 -9.04 39.24 -37.79
CA GLY A 369 -9.31 39.25 -39.22
C GLY A 369 -9.84 37.92 -39.70
N GLU A 370 -9.22 36.84 -39.25
CA GLU A 370 -9.63 35.50 -39.64
C GLU A 370 -11.01 35.14 -39.10
N LEU A 371 -11.35 35.71 -37.94
CA LEU A 371 -12.68 35.52 -37.37
C LEU A 371 -13.72 36.24 -38.21
N GLU A 372 -13.34 37.41 -38.73
CA GLU A 372 -14.27 38.22 -39.52
C GLU A 372 -14.48 37.61 -40.91
N LYS A 373 -13.43 37.03 -41.47
CA LYS A 373 -13.52 36.39 -42.77
C LYS A 373 -14.48 35.20 -42.71
N ARG A 374 -14.43 34.47 -41.60
CA ARG A 374 -15.36 33.38 -41.35
C ARG A 374 -16.76 33.92 -41.12
N ALA A 375 -16.84 35.05 -40.43
CA ALA A 375 -18.10 35.71 -40.15
C ALA A 375 -18.78 36.18 -41.43
N LYS A 376 -17.99 36.82 -42.31
CA LYS A 376 -18.49 37.30 -43.58
C LYS A 376 -18.89 36.15 -44.50
N ALA A 377 -18.26 34.99 -44.29
CA ALA A 377 -18.57 33.81 -45.08
C ALA A 377 -19.78 33.07 -44.54
N GLY A 378 -20.38 33.60 -43.48
CA GLY A 378 -21.62 33.06 -42.95
C GLY A 378 -21.50 32.31 -41.63
N LYS A 379 -20.33 32.38 -41.00
CA LYS A 379 -20.12 31.68 -39.73
C LYS A 379 -19.50 32.61 -38.69
N ARG A 380 -20.32 33.51 -38.14
CA ARG A 380 -19.86 34.45 -37.13
C ARG A 380 -19.96 33.85 -35.73
N LEU A 381 -18.88 33.97 -34.96
CA LEU A 381 -18.90 33.55 -33.58
C LEU A 381 -19.83 34.42 -32.77
N ALA A 382 -20.31 33.91 -31.63
CA ALA A 382 -21.24 34.63 -30.79
C ALA A 382 -20.63 35.93 -30.27
N PHE A 383 -19.34 35.88 -29.92
CA PHE A 383 -18.66 37.04 -29.36
C PHE A 383 -17.14 36.87 -29.34
N VAL A 384 -16.46 37.97 -29.00
CA VAL A 384 -15.03 37.94 -28.77
C VAL A 384 -14.73 38.56 -27.40
N HIS A 385 -14.15 37.75 -26.51
CA HIS A 385 -13.88 38.21 -25.15
C HIS A 385 -12.46 38.74 -25.01
N LEU A 386 -12.34 39.99 -24.58
CA LEU A 386 -11.03 40.63 -24.49
C LEU A 386 -10.65 40.98 -23.05
N VAL A 387 -9.42 40.64 -22.67
CA VAL A 387 -8.89 41.04 -21.39
C VAL A 387 -8.20 42.39 -21.52
N GLU A 388 -8.62 43.36 -20.71
CA GLU A 388 -8.12 44.72 -20.81
C GLU A 388 -6.69 44.86 -20.30
N PRO A 389 -5.93 45.80 -20.89
CA PRO A 389 -4.57 46.11 -20.45
C PRO A 389 -4.53 46.56 -19.00
N ARG A 390 -3.40 46.34 -18.33
CA ARG A 390 -3.27 46.67 -16.91
C ARG A 390 -1.80 46.85 -16.52
N GLY B 6 43.00 -12.93 3.18
CA GLY B 6 41.98 -12.46 2.24
C GLY B 6 40.61 -13.04 2.52
N GLY B 7 39.58 -12.22 2.37
CA GLY B 7 38.21 -12.65 2.61
C GLY B 7 37.62 -13.43 1.46
N SER B 8 36.49 -14.08 1.71
CA SER B 8 35.82 -14.89 0.69
C SER B 8 34.33 -14.57 0.62
N ASN B 9 33.73 -14.84 -0.54
CA ASN B 9 32.29 -14.64 -0.73
C ASN B 9 31.49 -15.90 -0.44
N ASP B 10 32.17 -16.92 0.08
CA ASP B 10 31.53 -18.21 0.38
C ASP B 10 30.44 -18.11 1.44
N PHE B 11 30.47 -17.04 2.23
CA PHE B 11 29.51 -16.88 3.31
C PHE B 11 28.09 -16.69 2.79
N VAL B 12 27.98 -16.17 1.57
CA VAL B 12 26.68 -15.90 0.96
C VAL B 12 25.89 -17.19 0.75
N TYR B 13 26.59 -18.25 0.38
CA TYR B 13 25.96 -19.54 0.12
C TYR B 13 25.30 -20.15 1.35
N SER B 14 25.84 -19.83 2.53
CA SER B 14 25.29 -20.32 3.78
C SER B 14 24.03 -19.56 4.17
N ILE B 15 23.77 -18.45 3.46
CA ILE B 15 22.63 -17.61 3.77
C ILE B 15 21.60 -17.61 2.65
N TRP B 16 22.06 -17.25 1.46
CA TRP B 16 21.20 -17.20 0.28
C TRP B 16 21.20 -18.53 -0.45
N LYS B 17 20.02 -19.12 -0.63
CA LYS B 17 19.88 -20.47 -1.16
C LYS B 17 19.45 -20.49 -2.63
N GLY B 18 19.66 -19.39 -3.34
CA GLY B 18 19.29 -19.32 -4.73
C GLY B 18 20.51 -19.26 -5.64
N PRO B 19 20.30 -18.99 -6.93
CA PRO B 19 21.38 -18.87 -7.91
C PRO B 19 22.37 -17.74 -7.57
N VAL B 20 23.65 -18.00 -7.75
CA VAL B 20 24.69 -17.01 -7.44
C VAL B 20 25.65 -16.82 -8.61
N ILE B 21 25.76 -15.58 -9.08
CA ILE B 21 26.69 -15.26 -10.15
C ILE B 21 27.98 -14.66 -9.58
N ARG B 22 29.11 -15.18 -10.03
CA ARG B 22 30.41 -14.70 -9.57
C ARG B 22 31.29 -14.25 -10.73
N ALA B 23 31.89 -13.07 -10.59
CA ALA B 23 32.74 -12.53 -11.64
C ALA B 23 34.02 -11.91 -11.06
N GLY B 24 35.11 -12.00 -11.81
CA GLY B 24 36.37 -11.43 -11.40
C GLY B 24 37.57 -12.34 -11.63
N ASN B 25 38.29 -12.08 -12.73
CA ASN B 25 39.50 -12.82 -13.07
C ASN B 25 39.30 -14.33 -13.13
N PHE B 26 38.32 -14.75 -13.92
CA PHE B 26 37.98 -16.18 -14.03
C PHE B 26 38.39 -16.76 -15.38
N ALA B 27 38.59 -15.89 -16.37
CA ALA B 27 38.91 -16.33 -17.72
C ALA B 27 40.29 -16.95 -17.83
N LEU B 28 41.25 -16.42 -17.07
CA LEU B 28 42.62 -16.91 -17.12
C LEU B 28 42.90 -17.90 -16.00
N HIS B 29 41.85 -18.28 -15.28
CA HIS B 29 41.99 -19.28 -14.22
C HIS B 29 40.87 -20.31 -14.30
N PRO B 30 40.93 -21.20 -15.30
CA PRO B 30 39.89 -22.23 -15.50
C PRO B 30 39.93 -23.31 -14.43
N GLU B 31 41.05 -23.44 -13.72
CA GLU B 31 41.17 -24.42 -12.65
C GLU B 31 40.33 -24.01 -11.45
N VAL B 32 40.20 -22.70 -11.24
CA VAL B 32 39.37 -22.17 -10.18
C VAL B 32 37.90 -22.35 -10.56
N VAL B 33 37.58 -22.04 -11.80
CA VAL B 33 36.23 -22.19 -12.31
C VAL B 33 35.73 -23.63 -12.19
N ARG B 34 36.59 -24.57 -12.55
CA ARG B 34 36.26 -25.99 -12.49
C ARG B 34 35.83 -26.42 -11.09
N GLU B 35 36.49 -25.86 -10.08
CA GLU B 35 36.18 -26.17 -8.69
C GLU B 35 34.91 -25.46 -8.22
N GLU B 36 34.74 -24.21 -8.63
CA GLU B 36 33.63 -23.39 -8.17
C GLU B 36 32.28 -23.81 -8.77
N VAL B 37 32.30 -24.30 -10.01
CA VAL B 37 31.05 -24.67 -10.68
C VAL B 37 30.52 -26.02 -10.19
N LYS B 38 31.28 -26.69 -9.33
CA LYS B 38 30.82 -27.95 -8.74
C LYS B 38 29.59 -27.71 -7.88
N ASP B 39 29.47 -26.49 -7.35
CA ASP B 39 28.23 -26.03 -6.74
C ASP B 39 27.19 -25.87 -7.83
N LYS B 40 26.02 -26.49 -7.65
CA LYS B 40 25.04 -26.60 -8.71
C LYS B 40 24.25 -25.31 -8.98
N ARG B 41 24.46 -24.29 -8.15
CA ARG B 41 23.76 -23.03 -8.33
C ARG B 41 24.74 -21.86 -8.48
N THR B 42 25.93 -22.15 -8.98
CA THR B 42 26.96 -21.13 -9.17
C THR B 42 27.18 -20.83 -10.65
N LEU B 43 27.06 -19.56 -11.02
CA LEU B 43 27.31 -19.12 -12.39
C LEU B 43 28.57 -18.26 -12.44
N ILE B 44 29.18 -18.17 -13.62
CA ILE B 44 30.44 -17.44 -13.77
C ILE B 44 30.33 -16.32 -14.79
N GLY B 45 30.73 -15.11 -14.38
CA GLY B 45 30.72 -13.96 -15.28
C GLY B 45 32.11 -13.60 -15.75
N TYR B 46 32.26 -13.46 -17.06
CA TYR B 46 33.54 -13.09 -17.66
C TYR B 46 33.47 -11.68 -18.23
N GLY B 47 34.21 -10.75 -17.62
CA GLY B 47 34.13 -9.36 -18.00
C GLY B 47 35.01 -8.97 -19.18
N ARG B 48 36.27 -8.70 -18.90
CA ARG B 48 37.20 -8.15 -19.88
C ARG B 48 37.40 -9.04 -21.12
N PHE B 49 37.26 -10.35 -20.94
CA PHE B 49 37.53 -11.27 -22.05
C PHE B 49 36.27 -11.58 -22.86
N PHE B 50 35.12 -11.09 -22.41
CA PHE B 50 33.91 -11.15 -23.24
C PHE B 50 33.89 -9.95 -24.16
N ILE B 51 34.65 -8.92 -23.79
CA ILE B 51 34.86 -7.76 -24.64
C ILE B 51 35.71 -8.15 -25.84
N SER B 52 36.80 -8.86 -25.57
CA SER B 52 37.75 -9.24 -26.61
C SER B 52 37.33 -10.49 -27.38
N ASN B 53 36.44 -11.28 -26.80
CA ASN B 53 35.99 -12.51 -27.43
C ASN B 53 34.47 -12.62 -27.47
N PRO B 54 33.88 -12.32 -28.64
CA PRO B 54 32.43 -12.43 -28.84
C PRO B 54 31.97 -13.89 -28.90
N ASP B 55 32.93 -14.80 -29.07
CA ASP B 55 32.64 -16.24 -29.11
C ASP B 55 33.27 -16.94 -27.92
N LEU B 56 33.34 -16.23 -26.79
CA LEU B 56 34.04 -16.72 -25.61
C LEU B 56 33.48 -18.03 -25.07
N VAL B 57 32.18 -18.23 -25.20
CA VAL B 57 31.53 -19.44 -24.70
C VAL B 57 32.09 -20.69 -25.38
N ASP B 58 32.34 -20.60 -26.68
CA ASP B 58 32.91 -21.72 -27.42
C ASP B 58 34.36 -21.98 -27.01
N ARG B 59 35.12 -20.90 -26.79
CA ARG B 59 36.53 -21.01 -26.44
C ARG B 59 36.71 -21.61 -25.04
N LEU B 60 35.68 -21.51 -24.21
CA LEU B 60 35.72 -22.07 -22.87
C LEU B 60 35.34 -23.55 -22.90
N GLU B 61 34.40 -23.90 -23.78
CA GLU B 61 33.94 -25.28 -23.91
C GLU B 61 35.01 -26.19 -24.47
N LYS B 62 35.73 -25.71 -25.49
CA LYS B 62 36.69 -26.52 -26.20
C LYS B 62 38.14 -26.15 -25.87
N GLY B 63 38.31 -25.28 -24.88
CA GLY B 63 39.63 -24.87 -24.43
C GLY B 63 40.46 -24.18 -25.50
N LEU B 64 39.89 -23.16 -26.13
CA LEU B 64 40.57 -22.43 -27.18
C LEU B 64 41.28 -21.20 -26.61
N PRO B 65 42.38 -20.77 -27.27
CA PRO B 65 43.08 -19.55 -26.84
C PRO B 65 42.19 -18.31 -26.98
N LEU B 66 42.46 -17.30 -26.18
CA LEU B 66 41.61 -16.11 -26.14
C LEU B 66 42.31 -14.90 -26.74
N ASN B 67 41.51 -13.95 -27.24
CA ASN B 67 42.05 -12.71 -27.77
C ASN B 67 42.39 -11.74 -26.64
N LYS B 68 43.51 -11.03 -26.79
CA LYS B 68 43.86 -9.99 -25.82
C LYS B 68 42.85 -8.85 -25.90
N TYR B 69 42.67 -8.14 -24.79
CA TYR B 69 41.79 -6.99 -24.76
C TYR B 69 42.60 -5.69 -24.78
N ASP B 70 42.02 -4.65 -25.38
CA ASP B 70 42.67 -3.35 -25.43
C ASP B 70 42.02 -2.40 -24.43
N ARG B 71 42.77 -2.03 -23.41
CA ARG B 71 42.25 -1.16 -22.36
C ARG B 71 42.00 0.26 -22.87
N ASP B 72 42.80 0.69 -23.84
CA ASP B 72 42.68 2.04 -24.40
C ASP B 72 41.38 2.25 -25.18
N THR B 73 40.75 1.15 -25.60
CA THR B 73 39.51 1.23 -26.36
C THR B 73 38.30 0.78 -25.53
N PHE B 74 38.47 0.77 -24.21
CA PHE B 74 37.39 0.39 -23.31
C PHE B 74 36.27 1.42 -23.28
N TYR B 75 36.65 2.69 -23.20
CA TYR B 75 35.68 3.77 -23.07
C TYR B 75 35.83 4.80 -24.19
N GLN B 76 36.24 4.33 -25.37
CA GLN B 76 36.47 5.22 -26.50
C GLN B 76 35.32 5.19 -27.50
N MET B 77 34.91 6.36 -27.98
CA MET B 77 33.82 6.44 -28.96
C MET B 77 34.30 5.96 -30.32
N SER B 78 34.39 4.65 -30.49
CA SER B 78 34.88 4.07 -31.73
C SER B 78 34.40 2.64 -31.92
N ALA B 79 34.26 2.24 -33.17
CA ALA B 79 33.94 0.84 -33.48
C ALA B 79 35.13 -0.03 -33.18
N HIS B 80 36.32 0.56 -33.23
CA HIS B 80 37.56 -0.13 -32.93
C HIS B 80 37.61 -0.56 -31.47
N GLY B 81 37.91 -1.83 -31.24
CA GLY B 81 37.95 -2.38 -29.89
C GLY B 81 36.56 -2.48 -29.28
N TYR B 82 35.56 -2.67 -30.15
CA TYR B 82 34.18 -2.73 -29.70
C TYR B 82 33.39 -3.77 -30.50
N ILE B 83 33.45 -3.67 -31.82
CA ILE B 83 32.78 -4.62 -32.69
C ILE B 83 33.74 -5.29 -33.67
N ASP B 84 35.02 -4.97 -33.56
CA ASP B 84 36.02 -5.49 -34.49
C ASP B 84 36.88 -6.58 -33.87
N TYR B 85 36.44 -7.15 -32.76
CA TYR B 85 37.09 -8.31 -32.17
C TYR B 85 36.66 -9.56 -32.93
N PRO B 86 37.63 -10.32 -33.45
CA PRO B 86 37.34 -11.50 -34.28
C PRO B 86 36.98 -12.73 -33.46
N THR B 87 36.18 -13.63 -34.04
CA THR B 87 35.94 -14.93 -33.44
C THR B 87 37.17 -15.81 -33.69
N TYR B 88 37.20 -17.00 -33.10
CA TYR B 88 38.35 -17.87 -33.25
C TYR B 88 38.52 -18.31 -34.70
N GLU B 89 37.41 -18.54 -35.38
CA GLU B 89 37.44 -18.96 -36.77
C GLU B 89 37.88 -17.81 -37.67
N GLU B 90 37.57 -16.58 -37.25
CA GLU B 90 37.95 -15.39 -37.99
C GLU B 90 39.40 -15.00 -37.72
N ALA B 91 39.86 -15.21 -36.49
CA ALA B 91 41.21 -14.84 -36.08
C ALA B 91 42.27 -15.67 -36.81
N LEU B 92 41.93 -16.90 -37.13
CA LEU B 92 42.84 -17.80 -37.83
C LEU B 92 43.12 -17.29 -39.25
N LYS B 93 42.07 -16.84 -39.92
CA LYS B 93 42.20 -16.31 -41.27
C LYS B 93 42.93 -14.97 -41.28
N LEU B 94 42.92 -14.29 -40.13
CA LEU B 94 43.63 -13.04 -39.96
C LEU B 94 45.14 -13.27 -39.94
N GLY B 95 45.55 -14.34 -39.26
CA GLY B 95 46.95 -14.66 -39.11
C GLY B 95 47.46 -14.33 -37.72
N TRP B 96 46.58 -14.48 -36.74
CA TRP B 96 46.88 -14.18 -35.33
C TRP B 96 47.41 -12.77 -35.15
N SER B 99 51.85 -11.43 -34.23
CA SER B 99 50.87 -12.44 -34.59
C SER B 99 50.68 -13.45 -33.45
N SER B 100 49.93 -13.04 -32.43
CA SER B 100 49.72 -13.88 -31.27
C SER B 100 48.42 -13.54 -30.53
N PHE B 101 47.97 -14.48 -29.70
CA PHE B 101 46.80 -14.26 -28.85
C PHE B 101 47.23 -13.79 -27.47
N VAL B 102 46.62 -14.35 -26.42
CA VAL B 102 47.03 -14.06 -25.05
C VAL B 102 48.33 -14.79 -24.74
N LYS B 103 49.32 -14.06 -24.23
CA LYS B 103 50.66 -14.62 -24.04
C LYS B 103 50.78 -15.52 -22.81
N ASP B 104 51.48 -16.64 -22.99
CA ASP B 104 51.83 -17.55 -21.90
C ASP B 104 50.61 -17.99 -21.09
N PHE B 105 49.63 -18.58 -21.77
CA PHE B 105 48.43 -19.07 -21.10
C PHE B 105 48.00 -20.42 -21.67
N LYS B 106 47.84 -21.40 -20.79
CA LYS B 106 47.42 -22.74 -21.21
C LYS B 106 45.93 -22.94 -20.93
N PRO B 107 45.12 -22.98 -22.01
CA PRO B 107 43.67 -23.12 -21.93
C PRO B 107 43.24 -24.46 -21.32
N GLN B 108 41.93 -24.64 -21.14
CA GLN B 108 41.39 -25.86 -20.57
C GLN B 108 39.91 -26.00 -20.90
N ALA B 109 39.55 -27.15 -21.49
CA ALA B 109 38.16 -27.40 -21.86
C ALA B 109 37.28 -27.52 -20.62
N LEU B 110 36.10 -26.90 -20.68
CA LEU B 110 35.18 -26.89 -19.55
C LEU B 110 33.79 -27.39 -19.94
N GLY B 111 33.69 -27.95 -21.13
CA GLY B 111 32.42 -28.42 -21.65
C GLY B 111 31.83 -29.62 -20.91
N ASP B 112 32.65 -30.24 -20.08
CA ASP B 112 32.23 -31.40 -19.32
C ASP B 112 31.72 -31.03 -17.93
N THR B 113 31.94 -29.78 -17.53
CA THR B 113 31.56 -29.33 -16.18
C THR B 113 30.13 -28.81 -16.11
N ASN B 114 29.73 -28.34 -14.94
CA ASN B 114 28.38 -27.79 -14.74
C ASN B 114 28.20 -26.45 -15.45
N LEU B 115 29.30 -25.88 -15.94
CA LEU B 115 29.26 -24.62 -16.66
C LEU B 115 28.39 -24.72 -17.91
N PHE B 116 28.26 -25.92 -18.45
CA PHE B 116 27.46 -26.15 -19.64
C PHE B 116 26.30 -27.09 -19.37
N LYS B 117 25.84 -27.11 -18.12
CA LYS B 117 24.60 -27.78 -17.77
C LYS B 117 23.52 -26.72 -17.62
N PRO B 118 22.35 -26.94 -18.24
CA PRO B 118 21.26 -25.95 -18.22
C PRO B 118 20.80 -25.57 -16.82
N ILE B 119 20.28 -24.35 -16.68
CA ILE B 119 19.77 -23.86 -15.41
C ILE B 119 18.77 -22.73 -15.68
N LYS B 120 17.75 -22.63 -14.83
CA LYS B 120 16.72 -21.61 -15.02
C LYS B 120 16.95 -20.39 -14.15
N ILE B 121 17.21 -19.26 -14.79
CA ILE B 121 17.34 -17.99 -14.09
C ILE B 121 16.12 -17.14 -14.36
N GLY B 122 15.26 -16.99 -13.36
CA GLY B 122 14.01 -16.29 -13.53
C GLY B 122 13.08 -17.04 -14.47
N ASN B 123 12.77 -16.42 -15.61
CA ASN B 123 11.92 -17.05 -16.61
C ASN B 123 12.73 -17.67 -17.75
N ASN B 124 14.04 -17.43 -17.72
CA ASN B 124 14.92 -17.85 -18.81
C ASN B 124 15.55 -19.22 -18.60
N GLU B 125 15.47 -20.05 -19.63
CA GLU B 125 16.10 -21.36 -19.61
C GLU B 125 17.51 -21.30 -20.19
N LEU B 126 18.49 -20.95 -19.34
CA LEU B 126 19.87 -20.87 -19.77
C LEU B 126 20.41 -22.23 -20.21
N LEU B 127 21.17 -22.24 -21.30
CA LEU B 127 21.76 -23.48 -21.80
C LEU B 127 23.17 -23.66 -21.26
N HIS B 128 23.75 -22.58 -20.75
CA HIS B 128 25.05 -22.62 -20.12
C HIS B 128 25.14 -21.55 -19.03
N ARG B 129 26.20 -21.60 -18.24
CA ARG B 129 26.31 -20.72 -17.08
C ARG B 129 27.46 -19.72 -17.19
N ALA B 130 27.92 -19.48 -18.42
CA ALA B 130 28.88 -18.42 -18.68
C ALA B 130 28.12 -17.12 -18.96
N VAL B 131 28.05 -16.26 -17.96
CA VAL B 131 27.24 -15.05 -18.04
C VAL B 131 28.08 -13.85 -18.49
N ILE B 132 27.46 -12.97 -19.27
CA ILE B 132 28.08 -11.69 -19.61
C ILE B 132 27.71 -10.64 -18.58
N PRO B 133 28.69 -10.24 -17.75
CA PRO B 133 28.46 -9.22 -16.72
C PRO B 133 28.29 -7.84 -17.35
N PRO B 134 27.73 -6.87 -16.60
CA PRO B 134 27.59 -5.50 -17.08
C PRO B 134 28.94 -4.89 -17.45
N LEU B 135 29.01 -4.28 -18.62
CA LEU B 135 30.26 -3.71 -19.13
C LEU B 135 30.03 -2.35 -19.79
N THR B 136 30.32 -1.28 -19.04
CA THR B 136 30.21 0.07 -19.55
C THR B 136 31.22 0.31 -20.67
N ARG B 137 30.73 0.70 -21.85
CA ARG B 137 31.59 0.89 -23.00
C ARG B 137 31.68 2.36 -23.41
N MET B 138 30.84 3.19 -22.79
CA MET B 138 30.84 4.64 -22.99
C MET B 138 30.69 5.04 -24.47
N ARG B 139 29.72 4.44 -25.14
CA ARG B 139 29.45 4.76 -26.54
C ARG B 139 28.02 5.21 -26.77
N ALA B 140 27.38 5.71 -25.71
CA ALA B 140 26.04 6.26 -25.83
C ALA B 140 26.10 7.67 -26.39
N LEU B 141 25.03 8.11 -27.05
CA LEU B 141 25.03 9.37 -27.75
C LEU B 141 24.66 10.55 -26.85
N HIS B 142 25.45 11.62 -26.96
CA HIS B 142 25.18 12.86 -26.23
C HIS B 142 24.72 13.93 -27.20
N PRO B 143 23.67 14.67 -26.84
CA PRO B 143 22.92 14.56 -25.58
C PRO B 143 21.83 13.50 -25.61
N GLY B 144 21.24 13.21 -24.45
CA GLY B 144 20.11 12.30 -24.37
C GLY B 144 20.42 10.95 -23.75
N ASN B 145 21.71 10.64 -23.62
CA ASN B 145 22.16 9.34 -23.13
C ASN B 145 21.52 8.20 -23.92
N ILE B 146 21.66 8.27 -25.24
CA ILE B 146 21.00 7.33 -26.14
C ILE B 146 21.96 6.24 -26.61
N PRO B 147 21.53 4.97 -26.53
CA PRO B 147 22.31 3.84 -27.02
C PRO B 147 22.79 4.04 -28.46
N ASN B 148 24.00 3.57 -28.76
CA ASN B 148 24.63 3.81 -30.05
C ASN B 148 23.80 3.28 -31.22
N ARG B 149 23.43 4.16 -32.13
CA ARG B 149 22.60 3.79 -33.28
C ARG B 149 23.42 3.10 -34.37
N ASP B 150 24.74 3.18 -34.26
CA ASP B 150 25.63 2.65 -35.29
C ASP B 150 26.17 1.26 -34.99
N TRP B 151 26.61 1.03 -33.74
CA TRP B 151 27.35 -0.19 -33.43
C TRP B 151 26.74 -1.06 -32.32
N ALA B 152 25.89 -0.48 -31.49
CA ALA B 152 25.40 -1.15 -30.28
C ALA B 152 24.68 -2.47 -30.56
N VAL B 153 23.81 -2.47 -31.57
CA VAL B 153 23.04 -3.66 -31.92
C VAL B 153 23.97 -4.79 -32.37
N GLU B 154 24.99 -4.45 -33.14
CA GLU B 154 25.95 -5.44 -33.62
C GLU B 154 26.85 -5.94 -32.48
N TYR B 155 27.16 -5.03 -31.55
CA TYR B 155 27.99 -5.38 -30.40
C TYR B 155 27.37 -6.48 -29.55
N TYR B 156 26.08 -6.34 -29.24
CA TYR B 156 25.38 -7.34 -28.45
C TYR B 156 25.06 -8.59 -29.25
N THR B 157 24.91 -8.41 -30.56
CA THR B 157 24.61 -9.54 -31.45
C THR B 157 25.79 -10.52 -31.50
N GLN B 158 27.00 -9.97 -31.58
CA GLN B 158 28.22 -10.77 -31.63
C GLN B 158 28.41 -11.61 -30.38
N ARG B 159 27.92 -11.11 -29.25
CA ARG B 159 28.12 -11.80 -27.97
C ARG B 159 26.89 -12.60 -27.54
N ALA B 160 25.80 -12.44 -28.28
CA ALA B 160 24.63 -13.29 -28.11
C ALA B 160 24.78 -14.52 -29.01
N GLN B 161 25.97 -14.65 -29.58
CA GLN B 161 26.32 -15.70 -30.52
C GLN B 161 25.88 -17.09 -30.08
N ARG B 162 26.38 -17.52 -28.92
CA ARG B 162 25.98 -18.81 -28.37
C ARG B 162 24.56 -18.74 -27.82
N PRO B 163 23.69 -19.64 -28.29
CA PRO B 163 22.28 -19.69 -27.85
C PRO B 163 22.14 -19.94 -26.35
N GLY B 164 21.11 -19.37 -25.74
CA GLY B 164 20.84 -19.55 -24.33
C GLY B 164 21.82 -18.83 -23.43
N THR B 165 22.44 -17.78 -23.96
CA THR B 165 23.41 -16.99 -23.20
C THR B 165 22.71 -15.87 -22.43
N MET B 166 23.00 -15.77 -21.13
CA MET B 166 22.47 -14.68 -20.32
C MET B 166 23.35 -13.45 -20.42
N ILE B 167 22.76 -12.33 -20.79
CA ILE B 167 23.51 -11.10 -20.96
C ILE B 167 22.99 -9.99 -20.05
N ILE B 168 23.87 -9.48 -19.19
CA ILE B 168 23.56 -8.30 -18.40
C ILE B 168 24.17 -7.08 -19.08
N THR B 169 23.32 -6.14 -19.48
CA THR B 169 23.76 -4.96 -20.22
C THR B 169 24.66 -4.07 -19.39
N GLU B 170 25.31 -3.12 -20.07
CA GLU B 170 26.03 -2.05 -19.40
C GLU B 170 25.10 -1.29 -18.45
N GLY B 171 25.67 -0.64 -17.45
CA GLY B 171 24.89 0.13 -16.50
C GLY B 171 24.06 1.19 -17.21
N ALA B 172 22.78 1.24 -16.89
CA ALA B 172 21.86 2.18 -17.51
C ALA B 172 21.25 3.12 -16.47
N PHE B 173 21.35 4.41 -16.71
CA PHE B 173 20.80 5.41 -15.80
C PHE B 173 19.28 5.35 -15.78
N ILE B 174 18.71 5.26 -14.57
CA ILE B 174 17.26 5.22 -14.42
C ILE B 174 16.64 6.60 -14.59
N SER B 175 17.47 7.63 -14.48
CA SER B 175 17.02 9.02 -14.59
C SER B 175 18.21 9.95 -14.77
N PRO B 176 17.96 11.16 -15.30
CA PRO B 176 19.03 12.16 -15.43
C PRO B 176 19.74 12.45 -14.10
N GLN B 177 18.98 12.47 -13.01
CA GLN B 177 19.53 12.71 -11.68
C GLN B 177 20.42 11.55 -11.25
N ALA B 178 20.16 10.36 -11.79
CA ALA B 178 20.94 9.18 -11.48
C ALA B 178 22.19 9.10 -12.35
N GLY B 179 22.27 9.98 -13.34
CA GLY B 179 23.37 9.98 -14.28
C GLY B 179 24.55 10.83 -13.86
N GLY B 180 25.31 11.30 -14.84
CA GLY B 180 26.50 12.09 -14.60
C GLY B 180 27.53 11.83 -15.67
N TYR B 181 27.32 10.77 -16.45
CA TYR B 181 28.18 10.46 -17.58
C TYR B 181 27.40 10.68 -18.88
N ASP B 182 27.95 11.51 -19.76
CA ASP B 182 27.26 11.87 -20.99
C ASP B 182 27.21 10.73 -22.00
N ASN B 183 28.19 9.83 -21.94
CA ASN B 183 28.29 8.75 -22.91
C ASN B 183 27.83 7.40 -22.38
N ALA B 184 27.06 7.41 -21.29
CA ALA B 184 26.47 6.19 -20.77
C ALA B 184 24.97 6.18 -21.06
N PRO B 185 24.43 5.03 -21.48
CA PRO B 185 23.02 4.95 -21.88
C PRO B 185 22.05 5.11 -20.71
N GLY B 186 20.93 5.78 -20.97
CA GLY B 186 19.88 5.91 -19.99
C GLY B 186 18.77 4.92 -20.27
N VAL B 187 17.79 4.85 -19.37
CA VAL B 187 16.69 3.90 -19.54
C VAL B 187 15.36 4.55 -19.13
N TRP B 188 15.29 5.88 -19.26
CA TRP B 188 14.10 6.61 -18.80
C TRP B 188 13.25 7.19 -19.92
N SER B 189 13.84 7.40 -21.11
CA SER B 189 13.13 8.09 -22.18
C SER B 189 12.77 7.17 -23.34
N GLU B 190 11.85 7.65 -24.18
CA GLU B 190 11.32 6.86 -25.30
C GLU B 190 12.34 6.61 -26.40
N GLU B 191 13.08 7.67 -26.78
CA GLU B 191 14.09 7.54 -27.82
C GLU B 191 15.20 6.59 -27.41
N GLN B 192 15.38 6.43 -26.10
CA GLN B 192 16.30 5.43 -25.57
C GLN B 192 15.70 4.04 -25.74
N MET B 193 14.41 3.91 -25.45
CA MET B 193 13.73 2.62 -25.52
C MET B 193 13.62 2.08 -26.94
N VAL B 194 13.52 2.98 -27.90
CA VAL B 194 13.48 2.60 -29.31
C VAL B 194 14.76 1.85 -29.68
N GLU B 195 15.89 2.33 -29.16
CA GLU B 195 17.18 1.73 -29.44
C GLU B 195 17.39 0.44 -28.65
N TRP B 196 16.96 0.44 -27.39
CA TRP B 196 17.06 -0.76 -26.56
C TRP B 196 16.19 -1.89 -27.10
N THR B 197 15.04 -1.54 -27.66
CA THR B 197 14.14 -2.52 -28.25
C THR B 197 14.83 -3.28 -29.37
N LYS B 198 15.55 -2.55 -30.22
CA LYS B 198 16.32 -3.13 -31.31
C LYS B 198 17.39 -4.08 -30.76
N ILE B 199 18.02 -3.66 -29.66
CA ILE B 199 19.07 -4.46 -29.03
C ILE B 199 18.51 -5.76 -28.47
N PHE B 200 17.39 -5.66 -27.76
CA PHE B 200 16.78 -6.83 -27.14
C PHE B 200 16.29 -7.83 -28.19
N ASN B 201 15.75 -7.31 -29.28
CA ASN B 201 15.28 -8.16 -30.37
C ASN B 201 16.43 -8.96 -31.00
N ALA B 202 17.54 -8.30 -31.24
CA ALA B 202 18.71 -8.95 -31.83
C ALA B 202 19.24 -10.06 -30.94
N ILE B 203 19.24 -9.82 -29.63
CA ILE B 203 19.66 -10.81 -28.66
C ILE B 203 18.70 -11.98 -28.63
N HIS B 204 17.40 -11.68 -28.63
CA HIS B 204 16.36 -12.70 -28.59
C HIS B 204 16.34 -13.56 -29.85
N GLU B 205 16.63 -12.93 -30.99
CA GLU B 205 16.69 -13.65 -32.27
C GLU B 205 17.83 -14.66 -32.26
N LYS B 206 18.81 -14.44 -31.38
CA LYS B 206 19.93 -15.37 -31.24
C LYS B 206 19.67 -16.36 -30.10
N LYS B 207 18.40 -16.49 -29.72
CA LYS B 207 17.95 -17.42 -28.68
C LYS B 207 18.63 -17.17 -27.33
N SER B 208 19.07 -15.94 -27.11
CA SER B 208 19.72 -15.58 -25.86
C SER B 208 18.81 -14.71 -25.00
N PHE B 209 19.33 -14.23 -23.87
CA PHE B 209 18.53 -13.46 -22.93
C PHE B 209 19.27 -12.19 -22.50
N VAL B 210 18.51 -11.17 -22.11
CA VAL B 210 19.08 -9.88 -21.77
C VAL B 210 18.50 -9.30 -20.48
N TRP B 211 19.38 -8.86 -19.58
CA TRP B 211 18.98 -8.22 -18.33
C TRP B 211 19.57 -6.82 -18.24
N VAL B 212 18.72 -5.83 -17.93
CA VAL B 212 19.17 -4.45 -17.85
C VAL B 212 19.62 -4.07 -16.44
N GLN B 213 20.88 -3.66 -16.31
CA GLN B 213 21.38 -3.20 -15.03
C GLN B 213 20.96 -1.77 -14.77
N LEU B 214 20.22 -1.56 -13.68
CA LEU B 214 19.77 -0.22 -13.31
C LEU B 214 20.87 0.47 -12.52
N TRP B 215 21.33 1.61 -13.04
CA TRP B 215 22.53 2.26 -12.54
C TRP B 215 22.25 3.64 -11.94
N VAL B 216 22.75 3.86 -10.72
CA VAL B 216 22.68 5.18 -10.10
C VAL B 216 24.04 5.56 -9.53
N LEU B 217 24.63 6.62 -10.08
CA LEU B 217 26.03 6.96 -9.81
C LEU B 217 26.34 7.36 -8.37
N GLY B 218 25.60 8.33 -7.86
CA GLY B 218 25.88 8.85 -6.53
C GLY B 218 27.04 9.84 -6.58
N TRP B 219 28.04 9.63 -5.73
CA TRP B 219 29.17 10.55 -5.67
C TRP B 219 30.21 10.24 -6.76
N ALA B 220 29.95 9.20 -7.54
CA ALA B 220 30.84 8.83 -8.63
C ALA B 220 30.52 9.63 -9.89
N ALA B 221 29.43 10.40 -9.83
CA ALA B 221 29.01 11.22 -10.95
C ALA B 221 29.87 12.48 -11.07
N PHE B 222 29.97 13.00 -12.28
CA PHE B 222 30.71 14.24 -12.52
C PHE B 222 29.84 15.43 -12.11
N PRO B 223 30.27 16.16 -11.06
CA PRO B 223 29.52 17.29 -10.51
C PRO B 223 29.24 18.38 -11.54
N ASP B 224 30.19 18.61 -12.44
CA ASP B 224 30.05 19.63 -13.48
C ASP B 224 28.98 19.26 -14.50
N ASN B 225 28.89 17.98 -14.84
CA ASN B 225 27.87 17.50 -15.75
C ASN B 225 26.47 17.69 -15.17
N LEU B 226 26.34 17.45 -13.87
CA LEU B 226 25.07 17.58 -13.19
C LEU B 226 24.68 19.05 -13.00
N ALA B 227 25.69 19.89 -12.73
CA ALA B 227 25.47 21.32 -12.56
C ALA B 227 25.04 21.98 -13.87
N ARG B 228 25.60 21.48 -14.97
CA ARG B 228 25.25 21.95 -16.30
C ARG B 228 23.78 21.66 -16.61
N ASP B 229 23.28 20.54 -16.09
CA ASP B 229 21.92 20.11 -16.35
C ASP B 229 20.97 20.47 -15.21
N GLY B 230 21.45 21.28 -14.28
CA GLY B 230 20.65 21.70 -13.14
C GLY B 230 20.24 20.52 -12.27
N LEU B 231 21.20 19.65 -12.00
CA LEU B 231 20.96 18.44 -11.22
C LEU B 231 21.85 18.39 -9.99
N ARG B 232 21.38 17.69 -8.95
CA ARG B 232 22.13 17.58 -7.70
C ARG B 232 23.30 16.62 -7.81
N TYR B 233 24.34 16.88 -7.04
CA TYR B 233 25.43 15.94 -6.86
C TYR B 233 25.25 15.27 -5.50
N ASP B 234 24.44 14.22 -5.46
CA ASP B 234 24.00 13.66 -4.19
C ASP B 234 24.67 12.34 -3.82
N SER B 235 24.55 12.00 -2.53
CA SER B 235 25.07 10.75 -1.99
C SER B 235 24.38 10.44 -0.67
N ALA B 236 24.97 9.56 0.12
CA ALA B 236 24.42 9.22 1.42
C ALA B 236 24.60 10.37 2.40
N SER B 237 25.81 10.92 2.43
CA SER B 237 26.14 12.01 3.34
C SER B 237 26.66 13.23 2.58
N ASP B 238 27.13 14.22 3.33
CA ASP B 238 27.63 15.46 2.73
C ASP B 238 28.94 15.91 3.36
N ASN B 239 29.46 15.14 4.29
CA ASN B 239 30.69 15.49 4.99
C ASN B 239 31.86 14.58 4.62
N VAL B 240 31.57 13.50 3.91
CA VAL B 240 32.61 12.59 3.43
C VAL B 240 32.50 12.49 1.91
N PHE B 241 33.65 12.48 1.23
CA PHE B 241 33.66 12.55 -0.23
C PHE B 241 34.51 11.45 -0.86
N MET B 242 34.31 11.24 -2.16
CA MET B 242 34.99 10.17 -2.89
C MET B 242 36.51 10.37 -2.91
N ASP B 243 36.95 11.54 -3.36
CA ASP B 243 38.36 11.89 -3.33
C ASP B 243 38.56 13.41 -3.34
N ALA B 244 39.79 13.84 -3.62
CA ALA B 244 40.12 15.26 -3.64
C ALA B 244 39.58 15.93 -4.90
N GLU B 245 39.64 15.21 -6.02
CA GLU B 245 39.13 15.73 -7.29
C GLU B 245 37.64 15.99 -7.23
N GLN B 246 36.88 15.00 -6.75
CA GLN B 246 35.43 15.10 -6.69
C GLN B 246 34.96 16.24 -5.78
N GLU B 247 35.66 16.45 -4.67
CA GLU B 247 35.32 17.53 -3.75
C GLU B 247 35.65 18.89 -4.38
N ALA B 248 36.73 18.93 -5.14
CA ALA B 248 37.16 20.16 -5.80
C ALA B 248 36.24 20.54 -6.95
N LYS B 249 35.82 19.54 -7.73
CA LYS B 249 34.95 19.78 -8.87
C LYS B 249 33.53 20.12 -8.40
N ALA B 250 33.19 19.69 -7.19
CA ALA B 250 31.89 19.98 -6.61
C ALA B 250 31.79 21.43 -6.17
N LYS B 251 32.91 21.99 -5.72
CA LYS B 251 32.92 23.35 -5.21
C LYS B 251 33.12 24.36 -6.33
N LYS B 252 33.80 23.95 -7.40
CA LYS B 252 34.07 24.86 -8.51
C LYS B 252 32.82 25.05 -9.36
N ALA B 253 32.02 23.99 -9.49
CA ALA B 253 30.76 24.07 -10.20
C ALA B 253 29.64 24.54 -9.26
N ASN B 254 30.04 24.85 -8.02
CA ASN B 254 29.11 25.28 -6.97
C ASN B 254 27.96 24.30 -6.79
N ASN B 255 28.28 23.02 -6.93
CA ASN B 255 27.29 21.95 -6.77
C ASN B 255 27.78 20.93 -5.74
N PRO B 256 27.79 21.33 -4.46
CA PRO B 256 28.37 20.52 -3.38
C PRO B 256 27.65 19.19 -3.19
N GLN B 257 28.33 18.23 -2.58
CA GLN B 257 27.75 16.91 -2.34
C GLN B 257 26.54 17.02 -1.42
N HIS B 258 25.41 16.50 -1.91
CA HIS B 258 24.14 16.64 -1.21
C HIS B 258 23.73 15.35 -0.48
N SER B 259 23.44 15.47 0.81
CA SER B 259 22.91 14.36 1.57
C SER B 259 21.42 14.18 1.25
N LEU B 260 21.06 13.01 0.73
CA LEU B 260 19.69 12.77 0.29
C LEU B 260 18.68 12.82 1.43
N THR B 261 17.56 13.49 1.18
CA THR B 261 16.44 13.51 2.12
C THR B 261 15.59 12.27 1.90
N LYS B 262 14.66 12.01 2.81
CA LYS B 262 13.79 10.84 2.68
C LYS B 262 12.90 10.92 1.46
N ASP B 263 12.48 12.14 1.11
CA ASP B 263 11.62 12.36 -0.05
C ASP B 263 12.39 12.07 -1.35
N GLU B 264 13.60 12.58 -1.44
CA GLU B 264 14.44 12.37 -2.62
C GLU B 264 14.82 10.90 -2.78
N ILE B 265 14.94 10.20 -1.66
CA ILE B 265 15.17 8.76 -1.67
C ILE B 265 13.96 8.05 -2.27
N LYS B 266 12.76 8.49 -1.88
CA LYS B 266 11.53 7.96 -2.43
C LYS B 266 11.43 8.26 -3.92
N GLN B 267 11.95 9.42 -4.32
CA GLN B 267 11.96 9.82 -5.72
C GLN B 267 12.85 8.91 -6.55
N TYR B 268 13.98 8.52 -5.99
CA TYR B 268 14.87 7.57 -6.65
C TYR B 268 14.19 6.23 -6.83
N ILE B 269 13.41 5.83 -5.82
CA ILE B 269 12.67 4.58 -5.87
C ILE B 269 11.61 4.61 -6.97
N LYS B 270 10.95 5.76 -7.12
CA LYS B 270 9.99 5.97 -8.19
C LYS B 270 10.65 5.79 -9.54
N GLU B 271 11.83 6.36 -9.69
CA GLU B 271 12.58 6.30 -10.94
C GLU B 271 13.12 4.90 -11.18
N TYR B 272 13.43 4.18 -10.09
CA TYR B 272 13.83 2.77 -10.19
C TYR B 272 12.70 1.95 -10.77
N VAL B 273 11.49 2.14 -10.24
CA VAL B 273 10.31 1.42 -10.68
C VAL B 273 9.98 1.70 -12.14
N GLN B 274 9.95 2.97 -12.50
CA GLN B 274 9.63 3.39 -13.86
C GLN B 274 10.66 2.85 -14.85
N ALA B 275 11.92 2.85 -14.44
CA ALA B 275 13.00 2.33 -15.28
C ALA B 275 12.86 0.83 -15.48
N ALA B 276 12.41 0.14 -14.44
CA ALA B 276 12.23 -1.31 -14.50
C ALA B 276 11.10 -1.67 -15.45
N LYS B 277 9.99 -0.95 -15.35
CA LYS B 277 8.85 -1.18 -16.23
C LYS B 277 9.17 -0.81 -17.67
N ASN B 278 10.03 0.19 -17.84
CA ASN B 278 10.47 0.59 -19.18
C ASN B 278 11.29 -0.51 -19.84
N SER B 279 12.10 -1.19 -19.04
CA SER B 279 12.93 -2.28 -19.55
C SER B 279 12.07 -3.48 -19.96
N ILE B 280 11.12 -3.83 -19.10
CA ILE B 280 10.21 -4.95 -19.38
C ILE B 280 9.33 -4.66 -20.59
N ALA B 281 8.84 -3.42 -20.68
CA ALA B 281 7.99 -3.01 -21.80
C ALA B 281 8.76 -3.08 -23.12
N ALA B 282 10.04 -2.71 -23.07
CA ALA B 282 10.88 -2.74 -24.25
C ALA B 282 11.19 -4.17 -24.69
N GLY B 283 11.04 -5.11 -23.76
CA GLY B 283 11.22 -6.53 -24.07
C GLY B 283 12.43 -7.16 -23.41
N ALA B 284 12.79 -6.69 -22.23
CA ALA B 284 13.89 -7.27 -21.48
C ALA B 284 13.40 -8.42 -20.60
N ASP B 285 14.26 -9.40 -20.39
CA ASP B 285 13.91 -10.56 -19.59
C ASP B 285 13.79 -10.21 -18.11
N GLY B 286 14.59 -9.24 -17.68
CA GLY B 286 14.58 -8.79 -16.30
C GLY B 286 15.54 -7.64 -16.08
N VAL B 287 15.72 -7.27 -14.81
CA VAL B 287 16.62 -6.18 -14.46
C VAL B 287 17.55 -6.55 -13.32
N GLU B 288 18.73 -5.95 -13.30
CA GLU B 288 19.66 -6.14 -12.19
C GLU B 288 19.84 -4.83 -11.44
N ILE B 289 19.60 -4.87 -10.13
CA ILE B 289 19.79 -3.69 -9.29
C ILE B 289 21.27 -3.53 -8.93
N HIS B 290 21.93 -2.58 -9.58
CA HIS B 290 23.33 -2.31 -9.30
C HIS B 290 23.49 -1.70 -7.92
N SER B 291 23.96 -2.51 -6.98
CA SER B 291 24.17 -2.07 -5.61
C SER B 291 25.61 -2.34 -5.19
N ALA B 292 26.53 -2.16 -6.13
CA ALA B 292 27.93 -2.49 -5.90
C ALA B 292 28.89 -1.45 -6.48
N ASN B 293 30.19 -1.70 -6.30
CA ASN B 293 31.25 -0.91 -6.90
C ASN B 293 31.21 0.58 -6.57
N GLY B 294 30.69 0.91 -5.39
CA GLY B 294 30.81 2.25 -4.85
C GLY B 294 29.85 3.30 -5.37
N TYR B 295 28.72 2.86 -5.92
CA TYR B 295 27.72 3.79 -6.40
C TYR B 295 26.65 4.00 -5.33
N LEU B 296 25.64 4.81 -5.64
CA LEU B 296 24.72 5.35 -4.63
C LEU B 296 24.23 4.34 -3.60
N LEU B 297 23.77 3.19 -4.07
CA LEU B 297 23.27 2.16 -3.15
C LEU B 297 24.39 1.60 -2.28
N ASN B 298 25.57 1.42 -2.87
CA ASN B 298 26.74 0.97 -2.12
C ASN B 298 27.18 2.03 -1.12
N GLN B 299 27.02 3.29 -1.51
CA GLN B 299 27.39 4.41 -0.66
C GLN B 299 26.56 4.43 0.62
N PHE B 300 25.33 3.94 0.52
CA PHE B 300 24.47 3.81 1.68
C PHE B 300 24.86 2.58 2.50
N LEU B 301 25.22 1.50 1.82
CA LEU B 301 25.63 0.27 2.47
C LEU B 301 26.92 0.43 3.27
N ASP B 302 27.87 1.15 2.70
CA ASP B 302 29.19 1.29 3.29
C ASP B 302 29.21 2.35 4.40
N PRO B 303 29.73 1.98 5.58
CA PRO B 303 29.78 2.86 6.75
C PRO B 303 30.74 4.04 6.59
N HIS B 304 31.72 3.90 5.70
CA HIS B 304 32.66 4.99 5.44
C HIS B 304 31.96 6.15 4.73
N SER B 305 31.04 5.80 3.83
CA SER B 305 30.33 6.79 3.03
C SER B 305 29.00 7.18 3.66
N ASN B 306 28.49 6.33 4.55
CA ASN B 306 27.22 6.58 5.21
C ASN B 306 27.43 7.04 6.65
N THR B 307 27.39 8.35 6.86
CA THR B 307 27.54 8.92 8.19
C THR B 307 26.21 9.46 8.70
N ARG B 308 25.12 9.00 8.09
CA ARG B 308 23.78 9.47 8.45
C ARG B 308 23.40 9.06 9.86
N THR B 309 22.56 9.88 10.50
CA THR B 309 22.10 9.62 11.86
C THR B 309 20.64 9.25 11.88
N ASP B 310 20.00 9.27 10.71
CA ASP B 310 18.58 8.99 10.60
C ASP B 310 18.31 7.52 10.33
N GLU B 311 17.16 7.24 9.72
CA GLU B 311 16.70 5.88 9.49
C GLU B 311 17.55 5.11 8.46
N TYR B 312 18.34 5.85 7.70
CA TYR B 312 19.15 5.24 6.64
C TYR B 312 20.63 5.19 6.98
N GLY B 313 20.95 5.20 8.28
CA GLY B 313 22.32 5.12 8.72
C GLY B 313 22.44 4.89 10.21
N GLY B 314 23.68 4.65 10.66
CA GLY B 314 23.95 4.46 12.07
C GLY B 314 24.03 3.00 12.49
N SER B 315 23.59 2.11 11.62
CA SER B 315 23.60 0.68 11.92
C SER B 315 23.56 -0.17 10.66
N ILE B 316 23.70 -1.48 10.83
CA ILE B 316 23.69 -2.41 9.72
C ILE B 316 22.31 -2.47 9.06
N GLU B 317 21.27 -2.55 9.88
CA GLU B 317 19.91 -2.60 9.38
C GLU B 317 19.54 -1.33 8.61
N ASN B 318 20.00 -0.19 9.10
CA ASN B 318 19.68 1.10 8.49
C ASN B 318 20.40 1.33 7.17
N ARG B 319 21.66 0.93 7.11
CA ARG B 319 22.47 1.14 5.91
C ARG B 319 22.00 0.28 4.73
N ALA B 320 21.22 -0.76 5.03
CA ALA B 320 20.74 -1.66 4.00
C ALA B 320 19.29 -1.37 3.62
N ARG B 321 18.70 -0.38 4.25
CA ARG B 321 17.29 -0.05 4.02
C ARG B 321 17.03 0.41 2.59
N PHE B 322 17.87 1.31 2.09
CA PHE B 322 17.72 1.85 0.73
C PHE B 322 17.76 0.73 -0.31
N THR B 323 18.81 -0.08 -0.26
CA THR B 323 18.98 -1.18 -1.20
C THR B 323 17.79 -2.12 -1.18
N LEU B 324 17.32 -2.47 0.01
CA LEU B 324 16.21 -3.40 0.16
C LEU B 324 14.87 -2.78 -0.25
N GLU B 325 14.69 -1.49 0.04
CA GLU B 325 13.47 -0.80 -0.36
C GLU B 325 13.36 -0.74 -1.88
N VAL B 326 14.50 -0.63 -2.55
CA VAL B 326 14.54 -0.67 -4.00
C VAL B 326 14.16 -2.07 -4.48
N VAL B 327 14.68 -3.08 -3.79
CA VAL B 327 14.35 -4.47 -4.09
C VAL B 327 12.86 -4.73 -3.95
N ASP B 328 12.30 -4.36 -2.80
CA ASP B 328 10.87 -4.55 -2.54
C ASP B 328 9.99 -3.81 -3.54
N ALA B 329 10.45 -2.64 -3.97
CA ALA B 329 9.70 -1.83 -4.93
C ALA B 329 9.64 -2.49 -6.29
N LEU B 330 10.79 -2.97 -6.77
CA LEU B 330 10.86 -3.60 -8.08
C LEU B 330 10.15 -4.95 -8.09
N VAL B 331 10.19 -5.65 -6.97
CA VAL B 331 9.48 -6.92 -6.84
C VAL B 331 7.98 -6.72 -6.99
N GLU B 332 7.46 -5.69 -6.32
CA GLU B 332 6.04 -5.36 -6.40
C GLU B 332 5.65 -4.87 -7.79
N ALA B 333 6.62 -4.25 -8.48
CA ALA B 333 6.36 -3.62 -9.77
C ALA B 333 6.35 -4.59 -10.93
N ILE B 334 7.37 -5.44 -11.03
CA ILE B 334 7.51 -6.32 -12.18
C ILE B 334 7.60 -7.80 -11.82
N GLY B 335 7.71 -8.09 -10.53
CA GLY B 335 7.80 -9.47 -10.09
C GLY B 335 9.19 -9.89 -9.68
N HIS B 336 9.26 -10.77 -8.68
CA HIS B 336 10.54 -11.21 -8.13
C HIS B 336 11.37 -12.02 -9.13
N GLU B 337 10.69 -12.65 -10.07
CA GLU B 337 11.36 -13.51 -11.04
C GLU B 337 12.12 -12.71 -12.11
N LYS B 338 11.96 -11.39 -12.09
CA LYS B 338 12.60 -10.53 -13.07
C LYS B 338 13.57 -9.54 -12.43
N VAL B 339 13.91 -9.78 -11.17
CA VAL B 339 14.77 -8.86 -10.43
C VAL B 339 16.00 -9.56 -9.86
N GLY B 340 17.17 -8.98 -10.12
CA GLY B 340 18.42 -9.48 -9.58
C GLY B 340 19.15 -8.39 -8.80
N LEU B 341 20.18 -8.78 -8.06
CA LEU B 341 20.92 -7.83 -7.24
C LEU B 341 22.42 -8.09 -7.29
N ARG B 342 23.20 -7.05 -7.58
CA ARG B 342 24.64 -7.17 -7.63
C ARG B 342 25.30 -6.54 -6.41
N LEU B 343 26.22 -7.27 -5.79
CA LEU B 343 26.93 -6.80 -4.60
C LEU B 343 28.43 -6.99 -4.75
N SER B 344 29.20 -6.12 -4.10
CA SER B 344 30.66 -6.23 -4.09
C SER B 344 31.19 -6.05 -2.68
N PRO B 345 31.08 -7.10 -1.85
CA PRO B 345 31.42 -7.07 -0.42
C PRO B 345 32.84 -6.58 -0.12
N TYR B 346 33.80 -7.04 -0.91
CA TYR B 346 35.21 -6.75 -0.63
C TYR B 346 35.78 -5.67 -1.53
N GLY B 347 34.92 -5.02 -2.29
CA GLY B 347 35.37 -3.98 -3.22
C GLY B 347 35.74 -2.69 -2.51
N VAL B 348 36.78 -2.02 -3.03
CA VAL B 348 37.19 -0.73 -2.51
C VAL B 348 37.08 0.32 -3.61
N PHE B 349 36.59 -0.09 -4.77
CA PHE B 349 36.41 0.82 -5.91
C PHE B 349 35.45 1.95 -5.55
N ASN B 350 35.73 3.14 -6.07
CA ASN B 350 34.99 4.35 -5.73
C ASN B 350 34.92 4.61 -4.23
N SER B 351 36.06 4.42 -3.57
CA SER B 351 36.24 4.72 -2.15
C SER B 351 35.30 3.94 -1.22
N MET B 352 35.25 2.62 -1.39
CA MET B 352 34.51 1.77 -0.46
C MET B 352 35.45 1.19 0.58
N SER B 353 34.91 0.69 1.69
CA SER B 353 35.72 0.21 2.79
C SER B 353 36.49 -1.06 2.45
N GLY B 354 35.81 -2.03 1.87
CA GLY B 354 36.43 -3.31 1.57
C GLY B 354 36.64 -4.13 2.83
N GLY B 355 37.56 -5.07 2.77
CA GLY B 355 37.85 -5.95 3.88
C GLY B 355 38.46 -5.24 5.09
N ALA B 356 38.97 -4.03 4.87
CA ALA B 356 39.56 -3.24 5.95
C ALA B 356 38.54 -2.96 7.04
N GLU B 357 37.28 -2.82 6.64
CA GLU B 357 36.18 -2.71 7.59
C GLU B 357 35.84 -4.09 8.13
N THR B 358 36.09 -4.31 9.41
CA THR B 358 35.89 -5.63 10.02
C THR B 358 34.42 -6.04 10.05
N GLY B 359 33.53 -5.07 9.94
CA GLY B 359 32.10 -5.35 9.97
C GLY B 359 31.47 -5.40 8.59
N ILE B 360 32.29 -5.46 7.55
CA ILE B 360 31.80 -5.40 6.19
C ILE B 360 31.09 -6.70 5.78
N VAL B 361 31.51 -7.82 6.36
CA VAL B 361 30.88 -9.10 6.04
C VAL B 361 29.54 -9.20 6.73
N ALA B 362 29.46 -8.67 7.95
CA ALA B 362 28.20 -8.61 8.68
C ALA B 362 27.18 -7.76 7.95
N GLN B 363 27.66 -6.71 7.28
CA GLN B 363 26.81 -5.80 6.53
C GLN B 363 26.12 -6.52 5.37
N TYR B 364 26.89 -7.33 4.64
CA TYR B 364 26.37 -8.02 3.47
C TYR B 364 25.72 -9.35 3.83
N ALA B 365 26.08 -9.90 4.99
CA ALA B 365 25.42 -11.11 5.48
C ALA B 365 23.97 -10.79 5.81
N TYR B 366 23.76 -9.59 6.35
CA TYR B 366 22.43 -9.12 6.68
C TYR B 366 21.56 -8.98 5.44
N VAL B 367 22.12 -8.38 4.39
CA VAL B 367 21.43 -8.21 3.12
C VAL B 367 21.03 -9.56 2.54
N ALA B 368 21.97 -10.49 2.52
CA ALA B 368 21.70 -11.84 2.03
C ALA B 368 20.63 -12.53 2.86
N GLY B 369 20.61 -12.22 4.15
CA GLY B 369 19.60 -12.76 5.05
C GLY B 369 18.22 -12.22 4.75
N GLU B 370 18.13 -10.91 4.53
CA GLU B 370 16.86 -10.28 4.23
C GLU B 370 16.31 -10.72 2.87
N LEU B 371 17.21 -11.05 1.95
CA LEU B 371 16.81 -11.56 0.65
C LEU B 371 16.22 -12.95 0.79
N GLU B 372 16.75 -13.72 1.73
CA GLU B 372 16.30 -15.09 1.94
C GLU B 372 14.97 -15.10 2.70
N LYS B 373 14.81 -14.17 3.63
CA LYS B 373 13.55 -14.04 4.37
C LYS B 373 12.41 -13.74 3.41
N ARG B 374 12.68 -12.87 2.43
CA ARG B 374 11.70 -12.56 1.39
C ARG B 374 11.51 -13.77 0.48
N ALA B 375 12.60 -14.48 0.21
CA ALA B 375 12.56 -15.67 -0.63
C ALA B 375 11.72 -16.77 0.02
N LYS B 376 11.93 -16.96 1.32
CA LYS B 376 11.16 -17.95 2.07
C LYS B 376 9.69 -17.53 2.17
N ALA B 377 9.44 -16.23 2.04
CA ALA B 377 8.08 -15.71 2.10
C ALA B 377 7.38 -15.81 0.74
N GLY B 378 8.07 -16.36 -0.25
CA GLY B 378 7.48 -16.61 -1.54
C GLY B 378 7.90 -15.65 -2.63
N LYS B 379 8.83 -14.76 -2.32
CA LYS B 379 9.32 -13.80 -3.29
C LYS B 379 10.84 -13.85 -3.42
N ARG B 380 11.32 -14.91 -4.07
CA ARG B 380 12.75 -15.10 -4.28
C ARG B 380 13.23 -14.37 -5.53
N LEU B 381 14.31 -13.61 -5.39
CA LEU B 381 14.92 -12.94 -6.54
C LEU B 381 15.47 -13.97 -7.52
N ALA B 382 15.66 -13.55 -8.76
CA ALA B 382 16.18 -14.43 -9.80
C ALA B 382 17.58 -14.92 -9.47
N PHE B 383 18.41 -14.02 -8.94
CA PHE B 383 19.79 -14.35 -8.62
C PHE B 383 20.45 -13.30 -7.73
N VAL B 384 21.67 -13.61 -7.29
CA VAL B 384 22.51 -12.64 -6.61
C VAL B 384 23.86 -12.58 -7.31
N HIS B 385 24.25 -11.40 -7.75
CA HIS B 385 25.51 -11.22 -8.47
C HIS B 385 26.60 -10.71 -7.54
N LEU B 386 27.71 -11.46 -7.47
CA LEU B 386 28.79 -11.11 -6.56
C LEU B 386 30.08 -10.78 -7.28
N VAL B 387 30.74 -9.71 -6.86
CA VAL B 387 32.07 -9.37 -7.36
C VAL B 387 33.13 -9.99 -6.46
N GLU B 388 34.02 -10.78 -7.07
CA GLU B 388 35.03 -11.52 -6.31
C GLU B 388 36.11 -10.61 -5.74
N PRO B 389 36.71 -11.01 -4.61
CA PRO B 389 37.84 -10.30 -4.01
C PRO B 389 39.02 -10.22 -4.96
N ARG B 390 39.84 -9.19 -4.83
CA ARG B 390 40.96 -8.98 -5.74
C ARG B 390 42.15 -8.34 -5.02
N GLY C 6 -27.34 2.13 31.70
CA GLY C 6 -26.46 2.25 32.86
C GLY C 6 -25.01 1.92 32.54
N GLY C 7 -24.09 2.70 33.10
CA GLY C 7 -22.67 2.50 32.88
C GLY C 7 -21.87 3.73 33.29
N SER C 8 -20.90 3.54 34.17
CA SER C 8 -20.13 4.66 34.70
C SER C 8 -18.62 4.37 34.70
N ASN C 9 -17.82 5.45 34.65
CA ASN C 9 -16.37 5.34 34.68
C ASN C 9 -15.82 5.38 36.11
N ASP C 10 -16.73 5.40 37.09
CA ASP C 10 -16.35 5.49 38.49
C ASP C 10 -15.45 4.35 38.96
N PHE C 11 -15.54 3.22 38.28
CA PHE C 11 -14.76 2.03 38.65
C PHE C 11 -13.25 2.28 38.57
N VAL C 12 -12.86 3.20 37.68
CA VAL C 12 -11.45 3.53 37.49
C VAL C 12 -10.84 4.12 38.75
N TYR C 13 -11.63 4.94 39.46
CA TYR C 13 -11.15 5.62 40.66
C TYR C 13 -10.81 4.64 41.79
N SER C 14 -11.45 3.48 41.79
CA SER C 14 -11.18 2.47 42.81
C SER C 14 -9.93 1.67 42.49
N ILE C 15 -9.40 1.88 41.28
CA ILE C 15 -8.22 1.14 40.84
C ILE C 15 -7.02 2.06 40.65
N TRP C 16 -7.19 3.07 39.80
CA TRP C 16 -6.15 4.05 39.53
C TRP C 16 -6.22 5.20 40.53
N LYS C 17 -5.09 5.50 41.17
CA LYS C 17 -5.06 6.47 42.26
C LYS C 17 -4.43 7.81 41.88
N GLY C 18 -4.19 8.02 40.58
CA GLY C 18 -3.61 9.26 40.12
C GLY C 18 -4.64 10.20 39.53
N PRO C 19 -4.18 11.29 38.89
CA PRO C 19 -5.06 12.27 38.24
C PRO C 19 -5.92 11.65 37.15
N VAL C 20 -7.17 12.11 37.03
CA VAL C 20 -8.09 11.59 36.03
C VAL C 20 -8.76 12.72 35.26
N ILE C 21 -8.66 12.67 33.93
CA ILE C 21 -9.34 13.64 33.08
C ILE C 21 -10.61 13.03 32.48
N ARG C 22 -11.72 13.75 32.57
CA ARG C 22 -12.99 13.29 32.05
C ARG C 22 -13.58 14.29 31.06
N ALA C 23 -14.04 13.79 29.92
CA ALA C 23 -14.62 14.65 28.89
C ALA C 23 -15.88 14.03 28.29
N GLY C 24 -16.85 14.86 27.95
CA GLY C 24 -18.09 14.39 27.34
C GLY C 24 -19.32 15.13 27.83
N ASN C 25 -19.74 16.13 27.07
CA ASN C 25 -20.95 16.89 27.35
C ASN C 25 -20.98 17.48 28.77
N PHE C 26 -19.91 18.18 29.13
CA PHE C 26 -19.80 18.78 30.46
C PHE C 26 -20.04 20.29 30.42
N ALA C 27 -19.99 20.87 29.22
CA ALA C 27 -20.14 22.31 29.06
C ALA C 27 -21.56 22.78 29.37
N LEU C 28 -22.54 22.03 28.90
CA LEU C 28 -23.95 22.40 29.09
C LEU C 28 -24.55 21.78 30.34
N HIS C 29 -23.70 21.16 31.15
CA HIS C 29 -24.15 20.59 32.43
C HIS C 29 -23.17 20.90 33.56
N PRO C 30 -23.17 22.18 34.01
CA PRO C 30 -22.28 22.60 35.09
C PRO C 30 -22.67 22.00 36.44
N GLU C 31 -23.92 21.56 36.57
CA GLU C 31 -24.37 20.94 37.80
C GLU C 31 -23.73 19.58 38.00
N VAL C 32 -23.41 18.91 36.89
CA VAL C 32 -22.71 17.63 36.93
C VAL C 32 -21.25 17.88 37.25
N VAL C 33 -20.67 18.88 36.60
CA VAL C 33 -19.28 19.26 36.82
C VAL C 33 -19.04 19.61 38.29
N ARG C 34 -19.96 20.37 38.87
CA ARG C 34 -19.86 20.79 40.27
C ARG C 34 -19.73 19.60 41.22
N GLU C 35 -20.43 18.52 40.89
CA GLU C 35 -20.40 17.32 41.71
C GLU C 35 -19.14 16.50 41.48
N GLU C 36 -18.72 16.40 40.22
CA GLU C 36 -17.59 15.55 39.86
C GLU C 36 -16.25 16.12 40.31
N VAL C 37 -16.15 17.45 40.38
CA VAL C 37 -14.89 18.09 40.76
C VAL C 37 -14.65 18.04 42.27
N LYS C 38 -15.65 17.56 43.02
CA LYS C 38 -15.50 17.39 44.45
C LYS C 38 -14.41 16.37 44.76
N ASP C 39 -14.21 15.44 43.83
CA ASP C 39 -13.05 14.56 43.87
C ASP C 39 -11.82 15.38 43.55
N LYS C 40 -10.81 15.32 44.42
CA LYS C 40 -9.67 16.24 44.35
C LYS C 40 -8.66 15.90 43.25
N ARG C 41 -8.88 14.80 42.53
CA ARG C 41 -7.98 14.44 41.44
C ARG C 41 -8.74 14.24 40.14
N THR C 42 -9.84 14.97 39.98
CA THR C 42 -10.66 14.90 38.78
C THR C 42 -10.53 16.18 37.96
N LEU C 43 -10.25 16.01 36.66
CA LEU C 43 -10.16 17.15 35.74
C LEU C 43 -11.22 17.03 34.65
N ILE C 44 -11.66 18.18 34.13
CA ILE C 44 -12.73 18.18 33.13
C ILE C 44 -12.24 18.68 31.77
N GLY C 45 -12.57 17.93 30.73
CA GLY C 45 -12.23 18.31 29.38
C GLY C 45 -13.43 18.80 28.59
N TYR C 46 -13.31 20.01 28.05
CA TYR C 46 -14.39 20.59 27.26
C TYR C 46 -14.04 20.60 25.77
N GLY C 47 -14.74 19.77 24.99
CA GLY C 47 -14.41 19.59 23.60
C GLY C 47 -14.97 20.64 22.65
N ARG C 48 -16.21 20.43 22.21
CA ARG C 48 -16.84 21.24 21.18
C ARG C 48 -16.95 22.73 21.53
N PHE C 49 -17.06 23.03 22.82
CA PHE C 49 -17.27 24.42 23.23
C PHE C 49 -15.96 25.16 23.47
N PHE C 50 -14.85 24.44 23.46
CA PHE C 50 -13.54 25.09 23.49
C PHE C 50 -13.18 25.53 22.08
N ILE C 51 -13.78 24.87 21.11
CA ILE C 51 -13.66 25.27 19.71
C ILE C 51 -14.34 26.61 19.50
N SER C 52 -15.56 26.74 20.00
CA SER C 52 -16.35 27.94 19.82
C SER C 52 -15.99 29.04 20.81
N ASN C 53 -15.31 28.67 21.90
CA ASN C 53 -14.93 29.63 22.92
C ASN C 53 -13.47 29.50 23.31
N PRO C 54 -12.61 30.40 22.79
CA PRO C 54 -11.19 30.42 23.14
C PRO C 54 -10.98 30.97 24.55
N ASP C 55 -11.99 31.65 25.07
CA ASP C 55 -11.96 32.20 26.43
C ASP C 55 -12.90 31.41 27.33
N LEU C 56 -13.05 30.13 27.05
CA LEU C 56 -14.03 29.28 27.74
C LEU C 56 -13.77 29.21 29.24
N VAL C 57 -12.49 29.29 29.64
CA VAL C 57 -12.12 29.22 31.04
C VAL C 57 -12.74 30.38 31.83
N ASP C 58 -12.69 31.58 31.25
CA ASP C 58 -13.28 32.75 31.88
C ASP C 58 -14.80 32.64 31.95
N ARG C 59 -15.39 32.00 30.94
CA ARG C 59 -16.84 31.84 30.88
C ARG C 59 -17.32 30.72 31.81
N LEU C 60 -16.40 30.12 32.54
CA LEU C 60 -16.74 29.05 33.47
C LEU C 60 -16.62 29.49 34.93
N GLU C 61 -15.59 30.27 35.25
CA GLU C 61 -15.46 30.80 36.60
C GLU C 61 -16.53 31.86 36.84
N LYS C 62 -16.96 32.50 35.75
CA LYS C 62 -18.09 33.41 35.79
C LYS C 62 -19.25 32.79 35.03
N GLY C 63 -20.48 33.11 35.43
CA GLY C 63 -21.65 32.56 34.80
C GLY C 63 -21.95 33.17 33.44
N LEU C 64 -20.96 33.11 32.54
CA LEU C 64 -21.08 33.72 31.23
C LEU C 64 -21.62 32.75 30.19
N PRO C 65 -22.48 33.24 29.28
CA PRO C 65 -23.02 32.42 28.20
C PRO C 65 -21.94 32.04 27.18
N LEU C 66 -22.17 30.95 26.44
CA LEU C 66 -21.17 30.44 25.52
C LEU C 66 -21.59 30.67 24.08
N ASN C 67 -20.59 30.73 23.18
CA ASN C 67 -20.86 30.82 21.76
C ASN C 67 -21.30 29.46 21.22
N LYS C 68 -22.21 29.47 20.24
CA LYS C 68 -22.61 28.23 19.58
C LYS C 68 -21.48 27.74 18.68
N TYR C 69 -21.40 26.42 18.50
CA TYR C 69 -20.40 25.85 17.61
C TYR C 69 -21.03 25.45 16.28
N ASP C 70 -20.25 25.57 15.21
CA ASP C 70 -20.72 25.20 13.88
C ASP C 70 -20.07 23.90 13.42
N ARG C 71 -20.88 22.86 13.28
CA ARG C 71 -20.40 21.53 12.91
C ARG C 71 -19.83 21.49 11.49
N ASP C 72 -20.34 22.37 10.62
CA ASP C 72 -19.94 22.38 9.22
C ASP C 72 -18.48 22.81 9.04
N THR C 73 -17.97 23.60 9.98
CA THR C 73 -16.58 24.06 9.91
C THR C 73 -15.70 23.36 10.94
N PHE C 74 -16.07 22.15 11.33
CA PHE C 74 -15.24 21.36 12.22
C PHE C 74 -14.00 20.84 11.52
N TYR C 75 -14.18 20.36 10.28
CA TYR C 75 -13.08 19.78 9.53
C TYR C 75 -12.88 20.47 8.17
N GLN C 76 -13.24 21.74 8.09
CA GLN C 76 -13.12 22.49 6.85
C GLN C 76 -11.82 23.29 6.80
N MET C 77 -11.19 23.31 5.63
CA MET C 77 -9.94 24.04 5.45
C MET C 77 -10.20 25.54 5.30
N SER C 78 -10.37 26.21 6.44
CA SER C 78 -10.62 27.65 6.44
C SER C 78 -10.34 28.25 7.81
N ALA C 79 -10.06 29.55 7.83
CA ALA C 79 -9.92 30.28 9.08
C ALA C 79 -11.28 30.46 9.74
N HIS C 80 -12.32 30.45 8.92
CA HIS C 80 -13.69 30.59 9.39
C HIS C 80 -14.08 29.40 10.26
N GLY C 81 -14.61 29.70 11.45
CA GLY C 81 -14.97 28.66 12.40
C GLY C 81 -13.76 27.94 12.95
N TYR C 82 -12.66 28.68 13.09
CA TYR C 82 -11.41 28.11 13.57
C TYR C 82 -10.65 29.11 14.43
N ILE C 83 -10.43 30.30 13.89
CA ILE C 83 -9.73 31.35 14.63
C ILE C 83 -10.56 32.64 14.71
N ASP C 84 -11.78 32.59 14.18
CA ASP C 84 -12.63 33.77 14.15
C ASP C 84 -13.75 33.72 15.18
N TYR C 85 -13.63 32.80 16.13
CA TYR C 85 -14.56 32.77 17.26
C TYR C 85 -14.20 33.87 18.25
N PRO C 86 -15.19 34.71 18.60
CA PRO C 86 -14.97 35.89 19.43
C PRO C 86 -14.87 35.61 20.93
N THR C 87 -14.06 36.40 21.62
CA THR C 87 -14.03 36.42 23.08
C THR C 87 -15.34 37.04 23.55
N TYR C 88 -15.74 36.77 24.79
CA TYR C 88 -16.97 37.35 25.32
C TYR C 88 -16.91 38.87 25.30
N GLU C 89 -15.71 39.40 25.54
CA GLU C 89 -15.48 40.84 25.44
C GLU C 89 -15.62 41.30 23.99
N GLU C 90 -15.23 40.43 23.07
CA GLU C 90 -15.30 40.72 21.64
C GLU C 90 -16.71 40.54 21.10
N ALA C 91 -17.42 39.52 21.61
CA ALA C 91 -18.77 39.20 21.13
C ALA C 91 -19.76 40.30 21.47
N LEU C 92 -19.56 40.96 22.61
CA LEU C 92 -20.41 42.06 23.03
C LEU C 92 -20.33 43.23 22.06
N LYS C 93 -19.13 43.46 21.55
CA LYS C 93 -18.88 44.56 20.61
C LYS C 93 -19.39 44.25 19.22
N LEU C 94 -19.83 43.01 19.02
CA LEU C 94 -20.38 42.57 17.74
C LEU C 94 -21.90 42.64 17.75
N GLY C 95 -22.48 42.74 18.94
CA GLY C 95 -23.92 42.87 19.08
C GLY C 95 -24.57 41.71 19.80
N TRP C 96 -23.75 40.87 20.43
CA TRP C 96 -24.22 39.71 21.19
C TRP C 96 -25.11 38.80 20.34
N SER C 99 -29.21 38.37 17.58
CA SER C 99 -28.39 38.69 18.74
C SER C 99 -28.60 37.68 19.87
N SER C 100 -27.98 36.52 19.73
CA SER C 100 -28.16 35.46 20.70
C SER C 100 -26.96 34.50 20.73
N PHE C 101 -26.70 33.93 21.91
CA PHE C 101 -25.64 32.95 22.09
C PHE C 101 -26.22 31.54 21.99
N VAL C 102 -25.85 30.68 22.93
CA VAL C 102 -26.42 29.34 23.03
C VAL C 102 -27.84 29.42 23.56
N LYS C 103 -28.79 28.82 22.84
CA LYS C 103 -30.21 28.96 23.13
C LYS C 103 -30.66 28.18 24.36
N ASP C 104 -31.48 28.82 25.19
CA ASP C 104 -32.13 28.18 26.33
C ASP C 104 -31.16 27.45 27.25
N PHE C 105 -30.12 28.14 27.67
CA PHE C 105 -29.14 27.56 28.57
C PHE C 105 -28.88 28.48 29.77
N LYS C 106 -28.96 27.90 30.97
CA LYS C 106 -28.73 28.64 32.19
C LYS C 106 -27.32 28.37 32.72
N PRO C 107 -26.41 29.35 32.55
CA PRO C 107 -25.02 29.21 32.99
C PRO C 107 -24.88 29.11 34.50
N GLN C 108 -23.66 28.91 34.98
CA GLN C 108 -23.41 28.77 36.41
C GLN C 108 -21.94 29.04 36.73
N ALA C 109 -21.70 29.87 37.74
CA ALA C 109 -20.35 30.20 38.16
C ALA C 109 -19.68 29.00 38.82
N LEU C 110 -18.44 28.71 38.42
CA LEU C 110 -17.72 27.56 38.95
C LEU C 110 -16.35 27.95 39.50
N GLY C 111 -16.13 29.24 39.69
CA GLY C 111 -14.86 29.75 40.17
C GLY C 111 -14.59 29.41 41.63
N ASP C 112 -15.62 28.97 42.33
CA ASP C 112 -15.50 28.62 43.74
C ASP C 112 -15.16 27.15 43.95
N THR C 113 -15.29 26.35 42.91
CA THR C 113 -15.09 24.91 43.00
C THR C 113 -13.63 24.51 42.83
N ASN C 114 -13.36 23.20 42.86
CA ASN C 114 -12.02 22.67 42.67
C ASN C 114 -11.53 22.82 41.24
N LEU C 115 -12.44 23.19 40.35
CA LEU C 115 -12.13 23.41 38.93
C LEU C 115 -11.08 24.51 38.77
N PHE C 116 -11.00 25.40 39.75
CA PHE C 116 -10.03 26.48 39.71
C PHE C 116 -9.10 26.44 40.91
N LYS C 117 -8.90 25.25 41.46
CA LYS C 117 -7.83 24.99 42.41
C LYS C 117 -6.64 24.43 41.64
N PRO C 118 -5.42 24.86 42.00
CA PRO C 118 -4.22 24.39 41.29
C PRO C 118 -3.98 22.90 41.49
N ILE C 119 -3.29 22.29 40.53
CA ILE C 119 -2.98 20.86 40.59
C ILE C 119 -1.81 20.57 39.66
N LYS C 120 -0.96 19.61 40.04
CA LYS C 120 0.21 19.30 39.24
C LYS C 120 -0.02 18.08 38.35
N ILE C 121 0.10 18.29 37.04
CA ILE C 121 0.02 17.20 36.08
C ILE C 121 1.37 17.02 35.40
N GLY C 122 2.08 15.97 35.77
CA GLY C 122 3.44 15.77 35.29
C GLY C 122 4.38 16.82 35.85
N ASN C 123 5.07 17.53 34.97
CA ASN C 123 5.96 18.61 35.38
C ASN C 123 5.26 19.96 35.36
N ASN C 124 3.99 19.97 34.98
CA ASN C 124 3.24 21.20 34.81
C ASN C 124 2.42 21.59 36.04
N GLU C 125 2.53 22.85 36.44
CA GLU C 125 1.75 23.37 37.55
C GLU C 125 0.48 24.06 37.05
N LEU C 126 -0.57 23.28 36.84
CA LEU C 126 -1.83 23.82 36.35
C LEU C 126 -2.45 24.79 37.35
N LEU C 127 -3.09 25.84 36.84
CA LEU C 127 -3.74 26.83 37.69
C LEU C 127 -5.24 26.58 37.74
N HIS C 128 -5.73 25.82 36.78
CA HIS C 128 -7.13 25.40 36.76
C HIS C 128 -7.24 24.02 36.12
N ARG C 129 -8.40 23.39 36.25
CA ARG C 129 -8.56 22.00 35.81
C ARG C 129 -9.51 21.87 34.63
N ALA C 130 -9.70 22.96 33.90
CA ALA C 130 -10.45 22.92 32.65
C ALA C 130 -9.50 22.61 31.50
N VAL C 131 -9.46 21.33 31.11
CA VAL C 131 -8.50 20.86 30.12
C VAL C 131 -9.06 20.91 28.70
N ILE C 132 -8.21 21.28 27.75
CA ILE C 132 -8.58 21.21 26.34
C ILE C 132 -8.26 19.84 25.78
N PRO C 133 -9.29 19.04 25.51
CA PRO C 133 -9.10 17.68 24.97
C PRO C 133 -8.62 17.72 23.53
N PRO C 134 -8.05 16.61 23.04
CA PRO C 134 -7.63 16.52 21.64
C PRO C 134 -8.77 16.80 20.68
N LEU C 135 -8.56 17.69 19.72
CA LEU C 135 -9.60 18.08 18.78
C LEU C 135 -9.07 18.21 17.35
N THR C 136 -9.30 17.18 16.55
CA THR C 136 -8.89 17.19 15.15
C THR C 136 -9.65 18.26 14.38
N ARG C 137 -8.91 19.12 13.68
CA ARG C 137 -9.53 20.21 12.93
C ARG C 137 -9.33 20.03 11.42
N MET C 138 -8.53 19.04 11.05
CA MET C 138 -8.27 18.71 9.65
C MET C 138 -7.78 19.90 8.83
N ARG C 139 -6.89 20.69 9.41
CA ARG C 139 -6.36 21.86 8.71
C ARG C 139 -4.85 21.76 8.50
N ALA C 140 -4.32 20.54 8.51
CA ALA C 140 -2.91 20.32 8.20
C ALA C 140 -2.71 20.37 6.68
N LEU C 141 -1.49 20.68 6.27
CA LEU C 141 -1.20 20.87 4.84
C LEU C 141 -0.87 19.56 4.14
N HIS C 142 -1.45 19.39 2.95
CA HIS C 142 -1.16 18.24 2.11
C HIS C 142 -0.40 18.69 0.87
N PRO C 143 0.65 17.96 0.49
CA PRO C 143 1.14 16.74 1.14
C PRO C 143 2.08 17.03 2.31
N GLY C 144 2.37 16.01 3.11
CA GLY C 144 3.33 16.14 4.19
C GLY C 144 2.72 16.08 5.58
N ASN C 145 1.40 16.17 5.66
CA ASN C 145 0.69 16.20 6.94
C ASN C 145 1.27 17.28 7.87
N ILE C 146 1.46 18.46 7.30
CA ILE C 146 2.14 19.56 8.00
C ILE C 146 1.14 20.48 8.69
N PRO C 147 1.38 20.79 9.98
CA PRO C 147 0.58 21.77 10.73
C PRO C 147 0.40 23.08 9.96
N ASN C 148 -0.79 23.67 10.07
CA ASN C 148 -1.11 24.87 9.30
C ASN C 148 -0.17 26.03 9.56
N ARG C 149 0.48 26.51 8.50
CA ARG C 149 1.44 27.61 8.64
C ARG C 149 0.73 28.96 8.72
N ASP C 150 -0.55 28.98 8.39
CA ASP C 150 -1.31 30.23 8.34
C ASP C 150 -2.09 30.53 9.62
N TRP C 151 -2.72 29.51 10.19
CA TRP C 151 -3.66 29.74 11.30
C TRP C 151 -3.39 28.95 12.57
N ALA C 152 -2.65 27.86 12.48
CA ALA C 152 -2.50 26.91 13.60
C ALA C 152 -1.91 27.56 14.85
N VAL C 153 -0.91 28.42 14.67
CA VAL C 153 -0.27 29.08 15.80
C VAL C 153 -1.25 29.99 16.54
N GLU C 154 -2.06 30.73 15.78
CA GLU C 154 -3.04 31.63 16.37
C GLU C 154 -4.18 30.85 17.02
N TYR C 155 -4.52 29.69 16.45
CA TYR C 155 -5.59 28.86 16.98
C TYR C 155 -5.32 28.40 18.40
N TYR C 156 -4.10 27.92 18.64
CA TYR C 156 -3.72 27.44 19.97
C TYR C 156 -3.44 28.60 20.91
N THR C 157 -3.04 29.74 20.37
CA THR C 157 -2.75 30.92 21.16
C THR C 157 -4.03 31.48 21.78
N GLN C 158 -5.11 31.48 20.99
CA GLN C 158 -6.41 31.96 21.46
C GLN C 158 -6.95 31.11 22.61
N ARG C 159 -6.59 29.83 22.63
CA ARG C 159 -7.08 28.92 23.66
C ARG C 159 -6.06 28.71 24.78
N ALA C 160 -4.86 29.23 24.59
CA ALA C 160 -3.87 29.27 25.65
C ALA C 160 -4.01 30.58 26.41
N GLN C 161 -5.08 31.31 26.09
CA GLN C 161 -5.40 32.61 26.65
C GLN C 161 -5.27 32.65 28.18
N ARG C 162 -5.95 31.73 28.85
CA ARG C 162 -5.87 31.63 30.30
C ARG C 162 -4.56 30.96 30.72
N PRO C 163 -3.79 31.63 31.60
CA PRO C 163 -2.52 31.09 32.10
C PRO C 163 -2.70 29.77 32.84
N GLY C 164 -1.71 28.88 32.71
CA GLY C 164 -1.74 27.60 33.39
C GLY C 164 -2.79 26.64 32.83
N THR C 165 -3.13 26.81 31.57
CA THR C 165 -4.12 25.95 30.92
C THR C 165 -3.45 24.75 30.26
N MET C 166 -3.92 23.55 30.61
CA MET C 166 -3.42 22.33 29.99
C MET C 166 -4.09 22.09 28.65
N ILE C 167 -3.29 21.90 27.62
CA ILE C 167 -3.81 21.69 26.27
C ILE C 167 -3.32 20.37 25.69
N ILE C 168 -4.26 19.53 25.26
CA ILE C 168 -3.92 18.33 24.52
C ILE C 168 -4.18 18.57 23.04
N THR C 169 -3.14 18.46 22.22
CA THR C 169 -3.24 18.76 20.80
C THR C 169 -4.14 17.78 20.07
N GLU C 170 -4.49 18.13 18.84
CA GLU C 170 -5.20 17.25 17.93
C GLU C 170 -4.40 15.97 17.72
N GLY C 171 -5.09 14.91 17.30
CA GLY C 171 -4.43 13.64 17.04
C GLY C 171 -3.32 13.77 16.02
N ALA C 172 -2.10 13.45 16.44
CA ALA C 172 -0.93 13.56 15.57
C ALA C 172 -0.40 12.19 15.20
N PHE C 173 -0.29 11.95 13.90
CA PHE C 173 0.24 10.68 13.40
C PHE C 173 1.71 10.50 13.77
N ILE C 174 2.05 9.30 14.22
CA ILE C 174 3.43 9.01 14.61
C ILE C 174 4.27 8.58 13.41
N SER C 175 3.59 8.22 12.33
CA SER C 175 4.24 7.75 11.11
C SER C 175 3.23 7.72 9.96
N PRO C 176 3.71 7.73 8.70
CA PRO C 176 2.82 7.61 7.54
C PRO C 176 1.95 6.36 7.61
N GLN C 177 2.51 5.25 8.08
CA GLN C 177 1.78 4.00 8.21
C GLN C 177 0.64 4.12 9.22
N ALA C 178 0.84 4.99 10.20
CA ALA C 178 -0.16 5.22 11.24
C ALA C 178 -1.23 6.21 10.77
N GLY C 179 -0.97 6.86 9.64
CA GLY C 179 -1.87 7.88 9.12
C GLY C 179 -3.00 7.33 8.28
N GLY C 180 -3.47 8.15 7.34
CA GLY C 180 -4.60 7.81 6.49
C GLY C 180 -5.40 9.05 6.14
N TYR C 181 -5.22 10.10 6.93
CA TYR C 181 -5.90 11.37 6.68
C TYR C 181 -4.89 12.40 6.17
N ASP C 182 -5.16 12.98 5.01
CA ASP C 182 -4.24 13.91 4.37
C ASP C 182 -4.16 15.25 5.11
N ASN C 183 -5.24 15.63 5.78
CA ASN C 183 -5.31 16.93 6.44
C ASN C 183 -5.09 16.86 7.95
N ALA C 184 -4.59 15.72 8.42
CA ALA C 184 -4.25 15.58 9.84
C ALA C 184 -2.74 15.67 10.05
N PRO C 185 -2.31 16.44 11.07
CA PRO C 185 -0.89 16.68 11.31
C PRO C 185 -0.14 15.46 11.84
N GLY C 186 1.15 15.39 11.55
CA GLY C 186 2.00 14.31 12.05
C GLY C 186 3.17 14.84 12.85
N VAL C 187 3.95 13.94 13.44
CA VAL C 187 5.10 14.34 14.25
C VAL C 187 6.32 13.46 13.98
N TRP C 188 6.50 13.06 12.73
CA TRP C 188 7.59 12.16 12.38
C TRP C 188 8.68 12.83 11.55
N SER C 189 8.38 13.97 10.94
CA SER C 189 9.33 14.63 10.05
C SER C 189 9.76 16.00 10.58
N GLU C 190 10.88 16.49 10.05
CA GLU C 190 11.46 17.75 10.48
C GLU C 190 10.55 18.95 10.21
N GLU C 191 10.06 19.04 8.98
CA GLU C 191 9.19 20.16 8.58
C GLU C 191 7.92 20.20 9.41
N GLN C 192 7.51 19.06 9.92
CA GLN C 192 6.38 18.99 10.85
C GLN C 192 6.76 19.58 12.21
N MET C 193 7.89 19.14 12.73
CA MET C 193 8.32 19.56 14.07
C MET C 193 8.74 21.03 14.11
N VAL C 194 9.11 21.58 12.96
CA VAL C 194 9.44 23.00 12.88
C VAL C 194 8.19 23.83 13.19
N GLU C 195 7.05 23.39 12.66
CA GLU C 195 5.79 24.08 12.88
C GLU C 195 5.28 23.85 14.31
N TRP C 196 5.44 22.62 14.80
CA TRP C 196 5.04 22.28 16.17
C TRP C 196 5.82 23.10 17.18
N THR C 197 7.08 23.35 16.88
CA THR C 197 7.94 24.14 17.76
C THR C 197 7.37 25.55 17.93
N LYS C 198 6.89 26.13 16.83
CA LYS C 198 6.26 27.44 16.86
C LYS C 198 4.99 27.43 17.71
N ILE C 199 4.20 26.37 17.55
CA ILE C 199 2.96 26.21 18.29
C ILE C 199 3.22 26.11 19.78
N PHE C 200 4.20 25.29 20.16
CA PHE C 200 4.52 25.08 21.57
C PHE C 200 5.01 26.36 22.23
N ASN C 201 5.82 27.12 21.50
CA ASN C 201 6.35 28.38 22.03
C ASN C 201 5.24 29.37 22.34
N ALA C 202 4.31 29.54 21.41
CA ALA C 202 3.19 30.47 21.58
C ALA C 202 2.36 30.10 22.81
N ILE C 203 2.12 28.82 22.99
CA ILE C 203 1.40 28.32 24.16
C ILE C 203 2.20 28.58 25.43
N HIS C 204 3.50 28.36 25.36
CA HIS C 204 4.38 28.57 26.50
C HIS C 204 4.51 30.05 26.86
N GLU C 205 4.48 30.91 25.84
CA GLU C 205 4.53 32.35 26.07
C GLU C 205 3.27 32.85 26.76
N LYS C 206 2.21 32.04 26.69
CA LYS C 206 0.96 32.36 27.38
C LYS C 206 0.90 31.65 28.73
N LYS C 207 2.05 31.18 29.20
CA LYS C 207 2.18 30.49 30.49
C LYS C 207 1.28 29.26 30.59
N SER C 208 0.98 28.66 29.45
CA SER C 208 0.17 27.45 29.42
C SER C 208 1.01 26.24 29.05
N PHE C 209 0.39 25.06 29.01
CA PHE C 209 1.11 23.83 28.74
C PHE C 209 0.48 23.06 27.58
N VAL C 210 1.27 22.20 26.95
CA VAL C 210 0.83 21.50 25.76
C VAL C 210 1.27 20.02 25.75
N TRP C 211 0.32 19.13 25.51
CA TRP C 211 0.58 17.70 25.44
C TRP C 211 0.15 17.13 24.10
N VAL C 212 1.08 16.50 23.39
CA VAL C 212 0.80 15.93 22.08
C VAL C 212 0.11 14.57 22.18
N GLN C 213 -1.02 14.43 21.50
CA GLN C 213 -1.70 13.14 21.44
C GLN C 213 -1.16 12.31 20.29
N LEU C 214 -0.58 11.15 20.62
CA LEU C 214 0.01 10.28 19.60
C LEU C 214 -1.08 9.42 18.96
N TRP C 215 -1.29 9.62 17.66
CA TRP C 215 -2.45 9.05 16.97
C TRP C 215 -2.07 7.97 15.97
N VAL C 216 -2.71 6.82 16.08
CA VAL C 216 -2.59 5.75 15.09
C VAL C 216 -3.97 5.24 14.71
N LEU C 217 -4.32 5.36 13.42
CA LEU C 217 -5.69 5.15 12.97
C LEU C 217 -6.18 3.70 13.03
N GLY C 218 -5.40 2.78 12.48
CA GLY C 218 -5.83 1.39 12.40
C GLY C 218 -6.78 1.18 11.22
N TRP C 219 -7.97 0.65 11.51
CA TRP C 219 -8.93 0.37 10.44
C TRP C 219 -9.81 1.59 10.15
N ALA C 220 -9.57 2.68 10.85
CA ALA C 220 -10.34 3.90 10.66
C ALA C 220 -9.70 4.77 9.57
N ALA C 221 -8.55 4.32 9.07
CA ALA C 221 -7.86 5.03 8.01
C ALA C 221 -8.52 4.80 6.66
N PHE C 222 -8.34 5.74 5.75
CA PHE C 222 -8.85 5.60 4.38
C PHE C 222 -7.92 4.69 3.58
N PRO C 223 -8.41 3.49 3.21
CA PRO C 223 -7.60 2.48 2.51
C PRO C 223 -7.06 2.98 1.17
N ASP C 224 -7.75 3.94 0.56
CA ASP C 224 -7.33 4.49 -0.72
C ASP C 224 -6.15 5.45 -0.57
N ASN C 225 -6.15 6.21 0.53
CA ASN C 225 -5.05 7.10 0.84
C ASN C 225 -3.76 6.32 1.09
N LEU C 226 -3.89 5.20 1.77
CA LEU C 226 -2.75 4.36 2.11
C LEU C 226 -2.23 3.63 0.88
N ALA C 227 -3.14 3.20 0.01
CA ALA C 227 -2.76 2.50 -1.22
C ALA C 227 -2.04 3.44 -2.18
N ARG C 228 -2.44 4.71 -2.15
CA ARG C 228 -1.82 5.74 -2.96
C ARG C 228 -0.36 5.95 -2.56
N ASP C 229 -0.09 5.81 -1.27
CA ASP C 229 1.25 6.05 -0.74
C ASP C 229 2.01 4.74 -0.51
N GLY C 230 1.46 3.64 -1.01
CA GLY C 230 2.10 2.34 -0.87
C GLY C 230 2.19 1.89 0.58
N LEU C 231 1.09 2.05 1.31
CA LEU C 231 1.05 1.69 2.72
C LEU C 231 -0.02 0.64 2.99
N ARG C 232 0.11 -0.07 4.11
CA ARG C 232 -0.84 -1.12 4.47
C ARG C 232 -2.07 -0.57 5.16
N TYR C 233 -3.16 -1.33 5.09
CA TYR C 233 -4.39 -1.02 5.80
C TYR C 233 -4.48 -1.92 7.03
N ASP C 234 -3.98 -1.43 8.16
CA ASP C 234 -3.73 -2.25 9.34
C ASP C 234 -4.90 -2.35 10.31
N SER C 235 -4.89 -3.43 11.11
CA SER C 235 -5.82 -3.62 12.21
C SER C 235 -5.34 -4.80 13.04
N ALA C 236 -6.11 -5.17 14.06
CA ALA C 236 -5.79 -6.31 14.89
C ALA C 236 -5.99 -7.61 14.11
N SER C 237 -7.06 -7.65 13.33
CA SER C 237 -7.43 -8.85 12.59
C SER C 237 -7.62 -8.55 11.10
N ASP C 238 -8.03 -9.56 10.34
CA ASP C 238 -8.24 -9.39 8.91
C ASP C 238 -9.58 -9.95 8.45
N ASN C 239 -10.36 -10.48 9.39
CA ASN C 239 -11.63 -11.09 9.05
C ASN C 239 -12.83 -10.33 9.63
N VAL C 240 -12.56 -9.30 10.42
CA VAL C 240 -13.60 -8.42 10.93
C VAL C 240 -13.28 -6.99 10.54
N PHE C 241 -14.30 -6.24 10.14
CA PHE C 241 -14.07 -4.90 9.58
C PHE C 241 -14.94 -3.84 10.26
N MET C 242 -14.56 -2.58 10.07
CA MET C 242 -15.24 -1.46 10.69
C MET C 242 -16.69 -1.34 10.23
N ASP C 243 -16.88 -1.26 8.91
CA ASP C 243 -18.23 -1.24 8.34
C ASP C 243 -18.25 -1.74 6.90
N ALA C 244 -19.30 -1.38 6.17
CA ALA C 244 -19.47 -1.80 4.79
C ALA C 244 -18.57 -1.03 3.84
N GLU C 245 -18.51 0.29 4.01
CA GLU C 245 -17.70 1.14 3.15
C GLU C 245 -16.22 0.77 3.19
N GLN C 246 -15.70 0.63 4.41
CA GLN C 246 -14.28 0.37 4.62
C GLN C 246 -13.80 -0.93 3.96
N GLU C 247 -14.62 -1.98 4.08
CA GLU C 247 -14.28 -3.26 3.46
C GLU C 247 -14.31 -3.15 1.94
N ALA C 248 -15.25 -2.36 1.43
CA ALA C 248 -15.39 -2.17 -0.01
C ALA C 248 -14.22 -1.36 -0.57
N LYS C 249 -13.87 -0.28 0.12
CA LYS C 249 -12.79 0.59 -0.30
C LYS C 249 -11.43 -0.10 -0.16
N ALA C 250 -11.38 -1.14 0.66
CA ALA C 250 -10.15 -1.91 0.84
C ALA C 250 -9.94 -2.86 -0.34
N LYS C 251 -11.02 -3.42 -0.86
CA LYS C 251 -10.96 -4.32 -2.00
C LYS C 251 -10.77 -3.53 -3.30
N LYS C 252 -11.48 -2.43 -3.42
CA LYS C 252 -11.45 -1.61 -4.63
C LYS C 252 -10.07 -0.98 -4.84
N ALA C 253 -9.42 -0.63 -3.74
CA ALA C 253 -8.07 -0.09 -3.79
C ALA C 253 -7.04 -1.22 -3.72
N ASN C 254 -7.53 -2.46 -3.75
CA ASN C 254 -6.70 -3.65 -3.67
C ASN C 254 -5.77 -3.64 -2.46
N ASN C 255 -6.24 -3.02 -1.38
CA ASN C 255 -5.47 -2.92 -0.15
C ASN C 255 -6.30 -3.46 1.03
N PRO C 256 -6.44 -4.79 1.09
CA PRO C 256 -7.29 -5.43 2.10
C PRO C 256 -6.80 -5.20 3.52
N GLN C 257 -7.69 -5.38 4.50
CA GLN C 257 -7.33 -5.20 5.90
C GLN C 257 -6.26 -6.21 6.32
N HIS C 258 -5.18 -5.70 6.90
CA HIS C 258 -4.04 -6.53 7.29
C HIS C 258 -3.98 -6.75 8.79
N SER C 259 -3.89 -8.02 9.19
CA SER C 259 -3.67 -8.36 10.59
C SER C 259 -2.19 -8.22 10.92
N LEU C 260 -1.87 -7.31 11.82
CA LEU C 260 -0.49 -7.01 12.16
C LEU C 260 0.27 -8.23 12.67
N THR C 261 1.51 -8.38 12.21
CA THR C 261 2.39 -9.41 12.73
C THR C 261 3.20 -8.82 13.89
N LYS C 262 3.85 -9.68 14.66
CA LYS C 262 4.58 -9.24 15.85
C LYS C 262 5.67 -8.23 15.51
N ASP C 263 6.31 -8.41 14.36
CA ASP C 263 7.37 -7.50 13.92
C ASP C 263 6.81 -6.12 13.59
N GLU C 264 5.67 -6.10 12.92
CA GLU C 264 5.01 -4.85 12.56
C GLU C 264 4.49 -4.13 13.81
N ILE C 265 4.09 -4.90 14.81
CA ILE C 265 3.67 -4.34 16.09
C ILE C 265 4.86 -3.66 16.76
N LYS C 266 6.02 -4.31 16.71
CA LYS C 266 7.25 -3.73 17.24
C LYS C 266 7.61 -2.45 16.49
N GLN C 267 7.40 -2.45 15.18
CA GLN C 267 7.69 -1.30 14.35
C GLN C 267 6.83 -0.10 14.75
N TYR C 268 5.56 -0.37 15.06
CA TYR C 268 4.67 0.68 15.54
C TYR C 268 5.17 1.23 16.88
N ILE C 269 5.62 0.34 17.75
CA ILE C 269 6.17 0.74 19.04
C ILE C 269 7.41 1.61 18.87
N LYS C 270 8.26 1.24 17.92
CA LYS C 270 9.46 2.01 17.63
C LYS C 270 9.10 3.40 17.12
N GLU C 271 8.03 3.47 16.34
CA GLU C 271 7.55 4.75 15.80
C GLU C 271 6.91 5.59 16.90
N TYR C 272 6.27 4.92 17.87
CA TYR C 272 5.72 5.60 19.03
C TYR C 272 6.83 6.31 19.82
N VAL C 273 7.93 5.60 20.01
CA VAL C 273 9.07 6.12 20.76
C VAL C 273 9.70 7.33 20.08
N GLN C 274 9.96 7.20 18.78
CA GLN C 274 10.57 8.27 18.02
C GLN C 274 9.69 9.51 18.00
N ALA C 275 8.38 9.30 17.82
CA ALA C 275 7.42 10.39 17.81
C ALA C 275 7.35 11.08 19.16
N ALA C 276 7.52 10.30 20.22
CA ALA C 276 7.49 10.84 21.57
C ALA C 276 8.71 11.72 21.84
N LYS C 277 9.87 11.23 21.43
CA LYS C 277 11.12 11.99 21.59
C LYS C 277 11.10 13.24 20.72
N ASN C 278 10.47 13.13 19.55
CA ASN C 278 10.32 14.28 18.66
C ASN C 278 9.51 15.40 19.32
N SER C 279 8.42 15.02 19.97
CA SER C 279 7.55 15.98 20.64
C SER C 279 8.27 16.68 21.78
N ILE C 280 8.99 15.91 22.59
CA ILE C 280 9.76 16.46 23.70
C ILE C 280 10.86 17.38 23.20
N ALA C 281 11.56 16.95 22.16
CA ALA C 281 12.66 17.73 21.59
C ALA C 281 12.18 19.08 21.04
N ALA C 282 10.97 19.09 20.49
CA ALA C 282 10.38 20.31 19.97
C ALA C 282 9.96 21.25 21.10
N GLY C 283 9.77 20.69 22.29
CA GLY C 283 9.46 21.48 23.46
C GLY C 283 8.07 21.25 24.02
N ALA C 284 7.54 20.05 23.84
CA ALA C 284 6.25 19.69 24.43
C ALA C 284 6.42 19.22 25.85
N ASP C 285 5.44 19.53 26.70
CA ASP C 285 5.50 19.17 28.12
C ASP C 285 5.38 17.67 28.33
N GLY C 286 4.72 17.00 27.38
CA GLY C 286 4.53 15.56 27.46
C GLY C 286 3.70 15.03 26.32
N VAL C 287 3.35 13.75 26.38
CA VAL C 287 2.56 13.12 25.34
C VAL C 287 1.38 12.33 25.90
N GLU C 288 0.33 12.20 25.10
CA GLU C 288 -0.80 11.36 25.47
C GLU C 288 -0.98 10.23 24.48
N ILE C 289 -0.95 8.99 24.98
CA ILE C 289 -1.14 7.83 24.13
C ILE C 289 -2.62 7.62 23.82
N HIS C 290 -2.99 7.83 22.56
CA HIS C 290 -4.38 7.66 22.14
C HIS C 290 -4.71 6.18 22.02
N SER C 291 -5.44 5.67 23.01
CA SER C 291 -5.84 4.26 23.02
C SER C 291 -7.36 4.14 23.11
N ALA C 292 -8.06 5.13 22.57
CA ALA C 292 -9.51 5.19 22.68
C ALA C 292 -10.20 5.44 21.34
N ASN C 293 -11.53 5.42 21.36
CA ASN C 293 -12.35 5.79 20.21
C ASN C 293 -12.10 4.98 18.95
N GLY C 294 -11.87 3.67 19.10
CA GLY C 294 -11.88 2.76 17.98
C GLY C 294 -10.67 2.71 17.07
N TYR C 295 -9.57 3.34 17.49
CA TYR C 295 -8.36 3.34 16.67
C TYR C 295 -7.47 2.16 17.05
N LEU C 296 -6.32 2.04 16.39
CA LEU C 296 -5.53 0.79 16.38
C LEU C 296 -5.37 0.14 17.75
N LEU C 297 -5.01 0.94 18.76
CA LEU C 297 -4.84 0.40 20.11
C LEU C 297 -6.16 -0.06 20.71
N ASN C 298 -7.22 0.71 20.47
CA ASN C 298 -8.56 0.33 20.91
C ASN C 298 -9.03 -0.92 20.18
N GLN C 299 -8.60 -1.06 18.94
CA GLN C 299 -8.96 -2.21 18.11
C GLN C 299 -8.37 -3.49 18.67
N PHE C 300 -7.23 -3.37 19.35
CA PHE C 300 -6.60 -4.50 20.01
C PHE C 300 -7.28 -4.77 21.34
N LEU C 301 -7.73 -3.71 22.01
CA LEU C 301 -8.39 -3.84 23.30
C LEU C 301 -9.76 -4.50 23.19
N ASP C 302 -10.49 -4.18 22.12
CA ASP C 302 -11.87 -4.63 21.98
C ASP C 302 -11.95 -6.03 21.36
N PRO C 303 -12.70 -6.92 22.01
CA PRO C 303 -12.84 -8.33 21.60
C PRO C 303 -13.53 -8.49 20.24
N HIS C 304 -14.30 -7.49 19.83
CA HIS C 304 -14.99 -7.56 18.54
C HIS C 304 -14.01 -7.38 17.38
N SER C 305 -13.11 -6.42 17.52
CA SER C 305 -12.13 -6.14 16.48
C SER C 305 -10.91 -7.05 16.60
N ASN C 306 -10.67 -7.56 17.81
CA ASN C 306 -9.54 -8.45 18.05
C ASN C 306 -10.00 -9.91 18.13
N THR C 307 -9.65 -10.69 17.12
CA THR C 307 -9.97 -12.12 17.11
C THR C 307 -8.70 -12.94 16.99
N ARG C 308 -7.56 -12.30 17.24
CA ARG C 308 -6.26 -12.95 17.16
C ARG C 308 -6.17 -14.15 18.11
N THR C 309 -5.38 -15.14 17.73
CA THR C 309 -5.22 -16.34 18.53
C THR C 309 -3.84 -16.38 19.18
N ASP C 310 -3.02 -15.39 18.89
CA ASP C 310 -1.66 -15.35 19.40
C ASP C 310 -1.56 -14.54 20.70
N GLU C 311 -0.38 -13.99 20.95
CA GLU C 311 -0.07 -13.31 22.21
C GLU C 311 -0.85 -12.02 22.39
N TYR C 312 -1.43 -11.49 21.33
CA TYR C 312 -2.12 -10.21 21.37
C TYR C 312 -3.64 -10.34 21.26
N GLY C 313 -4.16 -11.52 21.58
CA GLY C 313 -5.59 -11.75 21.51
C GLY C 313 -6.02 -13.03 22.20
N GLY C 314 -7.32 -13.19 22.38
CA GLY C 314 -7.87 -14.39 22.99
C GLY C 314 -8.22 -14.23 24.45
N SER C 315 -7.74 -13.15 25.07
CA SER C 315 -7.99 -12.90 26.49
C SER C 315 -7.87 -11.42 26.82
N ILE C 316 -8.24 -11.07 28.05
CA ILE C 316 -8.16 -9.69 28.52
C ILE C 316 -6.71 -9.23 28.61
N GLU C 317 -5.87 -10.08 29.17
CA GLU C 317 -4.45 -9.79 29.31
C GLU C 317 -3.77 -9.59 27.94
N ASN C 318 -4.13 -10.45 27.00
CA ASN C 318 -3.54 -10.40 25.66
C ASN C 318 -3.99 -9.20 24.85
N ARG C 319 -5.27 -8.84 24.99
CA ARG C 319 -5.83 -7.72 24.24
C ARG C 319 -5.28 -6.38 24.73
N ALA C 320 -4.73 -6.37 25.94
CA ALA C 320 -4.21 -5.13 26.52
C ALA C 320 -2.69 -5.02 26.35
N ARG C 321 -2.09 -6.07 25.79
CA ARG C 321 -0.64 -6.14 25.65
C ARG C 321 -0.04 -5.00 24.84
N PHE C 322 -0.63 -4.74 23.67
CA PHE C 322 -0.15 -3.68 22.78
C PHE C 322 -0.13 -2.33 23.48
N THR C 323 -1.27 -1.93 24.04
CA THR C 323 -1.41 -0.65 24.71
C THR C 323 -0.36 -0.48 25.80
N LEU C 324 -0.20 -1.50 26.64
CA LEU C 324 0.73 -1.45 27.76
C LEU C 324 2.18 -1.43 27.29
N GLU C 325 2.47 -2.14 26.20
CA GLU C 325 3.82 -2.15 25.64
C GLU C 325 4.18 -0.78 25.09
N VAL C 326 3.19 -0.07 24.57
CA VAL C 326 3.38 1.30 24.11
C VAL C 326 3.61 2.20 25.32
N VAL C 327 2.87 1.94 26.40
CA VAL C 327 3.05 2.67 27.64
C VAL C 327 4.46 2.48 28.20
N ASP C 328 4.87 1.24 28.37
CA ASP C 328 6.18 0.92 28.91
C ASP C 328 7.32 1.49 28.06
N ALA C 329 7.17 1.42 26.76
CA ALA C 329 8.18 1.93 25.83
C ALA C 329 8.36 3.43 25.97
N LEU C 330 7.25 4.16 26.04
CA LEU C 330 7.29 5.61 26.15
C LEU C 330 7.75 6.05 27.53
N VAL C 331 7.50 5.22 28.53
CA VAL C 331 7.97 5.50 29.89
C VAL C 331 9.49 5.42 29.95
N GLU C 332 10.06 4.38 29.35
CA GLU C 332 11.51 4.22 29.33
C GLU C 332 12.17 5.24 28.41
N ALA C 333 11.41 5.76 27.45
CA ALA C 333 11.94 6.67 26.45
C ALA C 333 12.07 8.10 26.96
N ILE C 334 11.00 8.63 27.54
CA ILE C 334 10.98 10.04 27.95
C ILE C 334 10.63 10.24 29.42
N GLY C 335 10.14 9.19 30.08
CA GLY C 335 9.79 9.28 31.49
C GLY C 335 8.30 9.20 31.74
N HIS C 336 7.94 8.66 32.91
CA HIS C 336 6.54 8.46 33.27
C HIS C 336 5.81 9.77 33.56
N GLU C 337 6.57 10.81 33.86
CA GLU C 337 5.98 12.10 34.20
C GLU C 337 5.58 12.89 32.96
N LYS C 338 5.87 12.33 31.79
CA LYS C 338 5.56 13.00 30.53
C LYS C 338 4.63 12.16 29.66
N VAL C 339 4.07 11.11 30.23
CA VAL C 339 3.23 10.19 29.47
C VAL C 339 1.84 10.04 30.08
N GLY C 340 0.81 10.23 29.24
CA GLY C 340 -0.57 10.03 29.65
C GLY C 340 -1.25 9.00 28.76
N LEU C 341 -2.44 8.56 29.17
CA LEU C 341 -3.17 7.56 28.41
C LEU C 341 -4.67 7.88 28.37
N ARG C 342 -5.25 7.80 27.17
CA ARG C 342 -6.68 8.06 27.01
C ARG C 342 -7.43 6.77 26.68
N LEU C 343 -8.56 6.57 27.35
CA LEU C 343 -9.38 5.38 27.16
C LEU C 343 -10.86 5.74 27.01
N SER C 344 -11.60 4.91 26.27
CA SER C 344 -13.04 5.11 26.11
C SER C 344 -13.79 3.80 26.35
N PRO C 345 -13.96 3.43 27.63
CA PRO C 345 -14.55 2.15 28.05
C PRO C 345 -15.94 1.89 27.47
N TYR C 346 -16.78 2.92 27.36
CA TYR C 346 -18.15 2.73 26.92
C TYR C 346 -18.40 3.27 25.51
N GLY C 347 -17.31 3.52 24.78
CA GLY C 347 -17.43 4.05 23.43
C GLY C 347 -17.73 2.98 22.40
N VAL C 348 -18.58 3.32 21.44
CA VAL C 348 -18.89 2.43 20.33
C VAL C 348 -18.45 3.05 19.02
N PHE C 349 -17.85 4.24 19.10
CA PHE C 349 -17.35 4.95 17.94
C PHE C 349 -16.31 4.11 17.21
N ASN C 350 -16.35 4.16 15.88
CA ASN C 350 -15.51 3.31 15.02
C ASN C 350 -15.69 1.83 15.32
N SER C 351 -16.95 1.44 15.51
CA SER C 351 -17.35 0.03 15.66
C SER C 351 -16.72 -0.68 16.86
N MET C 352 -16.76 -0.05 18.02
CA MET C 352 -16.30 -0.69 19.25
C MET C 352 -17.48 -1.31 19.98
N SER C 353 -17.21 -2.25 20.88
CA SER C 353 -18.25 -3.01 21.54
C SER C 353 -19.11 -2.16 22.49
N GLY C 354 -18.45 -1.31 23.28
CA GLY C 354 -19.15 -0.50 24.25
C GLY C 354 -19.73 -1.34 25.36
N GLY C 355 -20.76 -0.81 26.02
CA GLY C 355 -21.40 -1.50 27.13
C GLY C 355 -22.13 -2.77 26.74
N ALA C 356 -22.34 -2.95 25.44
CA ALA C 356 -22.99 -4.15 24.92
C ALA C 356 -22.18 -5.40 25.28
N GLU C 357 -20.86 -5.26 25.27
CA GLU C 357 -19.97 -6.32 25.73
C GLU C 357 -19.92 -6.34 27.25
N THR C 358 -20.47 -7.39 27.85
CA THR C 358 -20.56 -7.49 29.30
C THR C 358 -19.19 -7.47 29.97
N GLY C 359 -18.17 -7.93 29.25
CA GLY C 359 -16.83 -8.00 29.80
C GLY C 359 -15.96 -6.79 29.48
N ILE C 360 -16.58 -5.71 29.01
CA ILE C 360 -15.83 -4.54 28.58
C ILE C 360 -15.24 -3.78 29.77
N VAL C 361 -15.92 -3.83 30.91
CA VAL C 361 -15.44 -3.12 32.09
C VAL C 361 -14.23 -3.84 32.67
N ALA C 362 -14.27 -5.15 32.67
CA ALA C 362 -13.14 -5.97 33.12
C ALA C 362 -11.90 -5.70 32.28
N GLN C 363 -12.11 -5.48 30.99
CA GLN C 363 -11.03 -5.21 30.06
C GLN C 363 -10.27 -3.94 30.43
N TYR C 364 -11.02 -2.88 30.77
CA TYR C 364 -10.42 -1.60 31.10
C TYR C 364 -10.03 -1.53 32.57
N ALA C 365 -10.69 -2.32 33.41
CA ALA C 365 -10.30 -2.43 34.81
C ALA C 365 -8.90 -3.03 34.90
N TYR C 366 -8.62 -3.96 34.00
CA TYR C 366 -7.32 -4.60 33.93
C TYR C 366 -6.24 -3.59 33.55
N VAL C 367 -6.52 -2.80 32.51
CA VAL C 367 -5.59 -1.77 32.07
C VAL C 367 -5.31 -0.79 33.21
N ALA C 368 -6.36 -0.35 33.89
CA ALA C 368 -6.23 0.53 35.03
C ALA C 368 -5.41 -0.13 36.14
N GLY C 369 -5.61 -1.44 36.31
CA GLY C 369 -4.87 -2.19 37.30
C GLY C 369 -3.40 -2.29 36.97
N GLU C 370 -3.08 -2.49 35.69
CA GLU C 370 -1.69 -2.62 35.27
C GLU C 370 -0.96 -1.28 35.35
N LEU C 371 -1.69 -0.19 35.18
CA LEU C 371 -1.11 1.15 35.31
C LEU C 371 -0.76 1.44 36.77
N GLU C 372 -1.64 1.03 37.67
CA GLU C 372 -1.44 1.28 39.09
C GLU C 372 -0.30 0.44 39.64
N LYS C 373 -0.14 -0.77 39.11
CA LYS C 373 0.95 -1.64 39.51
C LYS C 373 2.29 -0.99 39.15
N ARG C 374 2.37 -0.45 37.94
CA ARG C 374 3.56 0.28 37.51
C ARG C 374 3.75 1.53 38.35
N ALA C 375 2.63 2.19 38.67
CA ALA C 375 2.65 3.39 39.49
C ALA C 375 3.21 3.12 40.88
N LYS C 376 2.75 2.02 41.48
CA LYS C 376 3.21 1.62 42.80
C LYS C 376 4.66 1.18 42.76
N ALA C 377 5.14 0.84 41.57
CA ALA C 377 6.54 0.44 41.39
C ALA C 377 7.41 1.64 41.02
N GLY C 378 6.83 2.85 41.14
CA GLY C 378 7.59 4.07 40.97
C GLY C 378 7.51 4.74 39.63
N LYS C 379 6.65 4.23 38.76
CA LYS C 379 6.48 4.82 37.43
C LYS C 379 5.01 5.13 37.14
N ARG C 380 4.51 6.17 37.82
CA ARG C 380 3.12 6.59 37.65
C ARG C 380 2.98 7.54 36.46
N LEU C 381 2.04 7.24 35.58
CA LEU C 381 1.73 8.14 34.46
C LEU C 381 1.21 9.46 34.99
N ALA C 382 1.36 10.51 34.19
CA ALA C 382 0.93 11.85 34.59
C ALA C 382 -0.57 11.90 34.84
N PHE C 383 -1.32 11.15 34.04
CA PHE C 383 -2.78 11.15 34.13
C PHE C 383 -3.41 10.01 33.33
N VAL C 384 -4.71 9.80 33.57
CA VAL C 384 -5.51 8.91 32.74
C VAL C 384 -6.70 9.68 32.21
N HIS C 385 -6.83 9.73 30.90
CA HIS C 385 -7.89 10.50 30.24
C HIS C 385 -9.07 9.59 29.89
N LEU C 386 -10.26 9.94 30.38
CA LEU C 386 -11.43 9.09 30.19
C LEU C 386 -12.52 9.77 29.37
N VAL C 387 -13.06 9.02 28.41
CA VAL C 387 -14.20 9.49 27.64
C VAL C 387 -15.50 9.01 28.28
N GLU C 388 -16.35 9.96 28.65
CA GLU C 388 -17.59 9.65 29.36
C GLU C 388 -18.60 8.90 28.50
N PRO C 389 -19.44 8.07 29.13
CA PRO C 389 -20.55 7.38 28.45
C PRO C 389 -21.52 8.38 27.83
N ARG C 390 -22.28 7.93 26.82
CA ARG C 390 -23.21 8.78 26.11
C ARG C 390 -24.38 7.98 25.55
N GLY D 6 -17.48 -42.81 -11.06
CA GLY D 6 -16.49 -41.96 -11.68
C GLY D 6 -16.04 -40.82 -10.76
N GLY D 7 -14.73 -40.73 -10.55
CA GLY D 7 -14.16 -39.71 -9.70
C GLY D 7 -12.76 -40.07 -9.23
N SER D 8 -11.85 -39.11 -9.27
CA SER D 8 -10.46 -39.37 -8.92
C SER D 8 -9.86 -38.25 -8.06
N ASN D 9 -8.80 -38.57 -7.34
CA ASN D 9 -8.10 -37.60 -6.50
C ASN D 9 -6.91 -36.97 -7.21
N ASP D 10 -6.80 -37.21 -8.51
CA ASP D 10 -5.68 -36.69 -9.29
C ASP D 10 -5.68 -35.17 -9.38
N PHE D 11 -6.82 -34.55 -9.10
CA PHE D 11 -6.95 -33.10 -9.19
C PHE D 11 -6.09 -32.40 -8.13
N VAL D 12 -5.85 -33.08 -7.02
CA VAL D 12 -5.06 -32.52 -5.92
C VAL D 12 -3.62 -32.26 -6.35
N TYR D 13 -3.08 -33.16 -7.16
CA TYR D 13 -1.70 -33.08 -7.62
C TYR D 13 -1.43 -31.84 -8.48
N SER D 14 -2.46 -31.37 -9.18
CA SER D 14 -2.32 -30.19 -10.03
C SER D 14 -2.38 -28.92 -9.19
N ILE D 15 -2.72 -29.06 -7.92
CA ILE D 15 -2.87 -27.92 -7.04
C ILE D 15 -1.83 -27.94 -5.91
N TRP D 16 -1.84 -29.01 -5.14
CA TRP D 16 -0.90 -29.20 -4.04
C TRP D 16 0.39 -29.83 -4.54
N LYS D 17 1.51 -29.20 -4.22
CA LYS D 17 2.81 -29.61 -4.77
C LYS D 17 3.70 -30.33 -3.76
N GLY D 18 3.14 -30.69 -2.61
CA GLY D 18 3.89 -31.39 -1.59
C GLY D 18 3.60 -32.88 -1.56
N PRO D 19 4.06 -33.56 -0.51
CA PRO D 19 3.82 -35.01 -0.32
C PRO D 19 2.33 -35.34 -0.20
N VAL D 20 1.93 -36.47 -0.78
CA VAL D 20 0.54 -36.89 -0.74
C VAL D 20 0.41 -38.35 -0.31
N ILE D 21 -0.40 -38.60 0.71
CA ILE D 21 -0.66 -39.96 1.17
C ILE D 21 -2.03 -40.43 0.70
N ARG D 22 -2.07 -41.60 0.07
CA ARG D 22 -3.32 -42.16 -0.44
C ARG D 22 -3.60 -43.52 0.19
N ALA D 23 -4.86 -43.75 0.56
CA ALA D 23 -5.25 -45.02 1.18
C ALA D 23 -6.63 -45.44 0.72
N GLY D 24 -6.82 -46.76 0.56
CA GLY D 24 -8.10 -47.30 0.15
C GLY D 24 -8.00 -48.47 -0.80
N ASN D 25 -8.09 -49.68 -0.26
CA ASN D 25 -8.06 -50.91 -1.05
C ASN D 25 -6.83 -51.01 -1.96
N PHE D 26 -5.66 -50.82 -1.37
CA PHE D 26 -4.41 -50.84 -2.13
C PHE D 26 -3.62 -52.13 -1.90
N ALA D 27 -3.94 -52.83 -0.83
CA ALA D 27 -3.22 -54.05 -0.47
C ALA D 27 -3.44 -55.17 -1.49
N LEU D 28 -4.69 -55.36 -1.89
CA LEU D 28 -5.04 -56.44 -2.80
C LEU D 28 -4.96 -56.00 -4.26
N HIS D 29 -4.40 -54.82 -4.50
CA HIS D 29 -4.19 -54.33 -5.86
C HIS D 29 -2.79 -53.71 -6.01
N PRO D 30 -1.75 -54.56 -6.02
CA PRO D 30 -0.37 -54.07 -6.14
C PRO D 30 -0.06 -53.52 -7.53
N GLU D 31 -0.90 -53.85 -8.51
CA GLU D 31 -0.71 -53.35 -9.87
C GLU D 31 -1.10 -51.88 -9.95
N VAL D 32 -2.03 -51.47 -9.10
CA VAL D 32 -2.44 -50.08 -9.03
C VAL D 32 -1.39 -49.27 -8.27
N VAL D 33 -0.86 -49.86 -7.21
CA VAL D 33 0.18 -49.22 -6.42
C VAL D 33 1.45 -49.02 -7.26
N ARG D 34 1.71 -49.95 -8.16
CA ARG D 34 2.90 -49.89 -9.01
C ARG D 34 2.90 -48.66 -9.92
N GLU D 35 1.74 -48.32 -10.46
CA GLU D 35 1.63 -47.18 -11.37
C GLU D 35 1.44 -45.85 -10.63
N GLU D 36 0.85 -45.92 -9.44
CA GLU D 36 0.59 -44.70 -8.67
C GLU D 36 1.84 -44.21 -7.95
N VAL D 37 2.72 -45.14 -7.60
CA VAL D 37 3.94 -44.80 -6.86
C VAL D 37 4.99 -44.21 -7.80
N LYS D 38 4.72 -44.26 -9.10
CA LYS D 38 5.62 -43.68 -10.10
C LYS D 38 5.76 -42.17 -9.89
N ASP D 39 4.70 -41.56 -9.37
CA ASP D 39 4.77 -40.18 -8.90
C ASP D 39 5.69 -40.12 -7.69
N LYS D 40 6.69 -39.24 -7.75
CA LYS D 40 7.76 -39.26 -6.77
C LYS D 40 7.38 -38.72 -5.38
N ARG D 41 6.20 -38.12 -5.27
CA ARG D 41 5.74 -37.59 -4.00
C ARG D 41 4.43 -38.25 -3.55
N THR D 42 4.24 -39.50 -3.96
CA THR D 42 3.03 -40.24 -3.60
C THR D 42 3.33 -41.35 -2.59
N LEU D 43 2.58 -41.37 -1.50
CA LEU D 43 2.73 -42.40 -0.48
C LEU D 43 1.45 -43.25 -0.40
N ILE D 44 1.59 -44.48 0.07
CA ILE D 44 0.46 -45.40 0.12
C ILE D 44 0.15 -45.82 1.56
N GLY D 45 -1.14 -45.79 1.92
CA GLY D 45 -1.57 -46.21 3.24
C GLY D 45 -2.37 -47.50 3.20
N TYR D 46 -1.93 -48.48 3.99
CA TYR D 46 -2.60 -49.76 4.06
C TYR D 46 -3.35 -49.91 5.39
N GLY D 47 -4.67 -49.97 5.32
CA GLY D 47 -5.48 -49.98 6.53
C GLY D 47 -5.71 -51.35 7.14
N ARG D 48 -6.71 -52.06 6.62
CA ARG D 48 -7.16 -53.32 7.21
C ARG D 48 -6.10 -54.41 7.27
N PHE D 49 -5.19 -54.43 6.29
CA PHE D 49 -4.20 -55.50 6.21
C PHE D 49 -2.95 -55.20 7.04
N PHE D 50 -2.86 -53.98 7.56
CA PHE D 50 -1.74 -53.61 8.42
C PHE D 50 -2.05 -54.00 9.87
N ILE D 51 -3.34 -54.23 10.14
CA ILE D 51 -3.75 -54.73 11.44
C ILE D 51 -3.56 -56.25 11.46
N SER D 52 -3.61 -56.87 10.28
CA SER D 52 -3.48 -58.31 10.16
C SER D 52 -2.03 -58.71 9.99
N ASN D 53 -1.25 -57.80 9.41
CA ASN D 53 0.16 -58.05 9.14
C ASN D 53 1.04 -56.97 9.74
N PRO D 54 1.61 -57.24 10.93
CA PRO D 54 2.55 -56.32 11.56
C PRO D 54 3.86 -56.24 10.76
N ASP D 55 4.08 -57.25 9.94
CA ASP D 55 5.24 -57.30 9.06
C ASP D 55 4.81 -57.08 7.62
N LEU D 56 3.82 -56.22 7.42
CA LEU D 56 3.23 -55.99 6.11
C LEU D 56 4.23 -55.39 5.13
N VAL D 57 5.14 -54.57 5.65
CA VAL D 57 6.14 -53.90 4.82
C VAL D 57 7.04 -54.91 4.11
N ASP D 58 7.43 -55.97 4.83
CA ASP D 58 8.26 -57.02 4.25
C ASP D 58 7.48 -57.85 3.24
N ARG D 59 6.19 -58.06 3.50
CA ARG D 59 5.35 -58.86 2.62
C ARG D 59 5.09 -58.15 1.29
N LEU D 60 5.23 -56.83 1.30
CA LEU D 60 5.04 -56.03 0.10
C LEU D 60 6.32 -55.96 -0.73
N GLU D 61 7.46 -55.90 -0.03
CA GLU D 61 8.75 -55.82 -0.70
C GLU D 61 9.10 -57.09 -1.45
N LYS D 62 8.79 -58.23 -0.84
CA LYS D 62 9.19 -59.53 -1.38
C LYS D 62 8.00 -60.31 -1.94
N GLY D 63 6.84 -59.67 -1.97
CA GLY D 63 5.64 -60.27 -2.53
C GLY D 63 5.17 -61.52 -1.78
N LEU D 64 5.05 -61.41 -0.46
CA LEU D 64 4.58 -62.51 0.35
C LEU D 64 3.07 -62.44 0.55
N PRO D 65 2.42 -63.61 0.73
CA PRO D 65 0.97 -63.64 0.98
C PRO D 65 0.61 -62.94 2.30
N LEU D 66 -0.61 -62.43 2.39
CA LEU D 66 -1.02 -61.63 3.54
C LEU D 66 -2.04 -62.36 4.41
N ASN D 67 -2.02 -62.07 5.70
CA ASN D 67 -2.99 -62.66 6.63
C ASN D 67 -4.38 -62.07 6.44
N LYS D 68 -5.40 -62.89 6.69
CA LYS D 68 -6.78 -62.44 6.61
C LYS D 68 -7.16 -61.63 7.85
N TYR D 69 -7.94 -60.57 7.67
CA TYR D 69 -8.41 -59.78 8.79
C TYR D 69 -9.77 -60.27 9.26
N ASP D 70 -10.04 -60.10 10.55
CA ASP D 70 -11.33 -60.48 11.12
C ASP D 70 -12.14 -59.22 11.43
N ARG D 71 -13.25 -59.04 10.72
CA ARG D 71 -14.11 -57.87 10.93
C ARG D 71 -14.63 -57.82 12.36
N ASP D 72 -15.14 -58.94 12.84
CA ASP D 72 -15.39 -59.10 14.25
C ASP D 72 -14.02 -59.04 14.90
N THR D 73 -13.92 -58.31 16.02
CA THR D 73 -12.68 -58.06 16.79
C THR D 73 -12.06 -56.70 16.41
N PHE D 74 -12.50 -56.14 15.29
CA PHE D 74 -12.07 -54.80 14.87
C PHE D 74 -12.17 -53.79 16.01
N TYR D 75 -13.25 -53.86 16.77
CA TYR D 75 -13.48 -52.94 17.87
C TYR D 75 -13.82 -53.67 19.17
N GLN D 76 -13.34 -54.90 19.31
CA GLN D 76 -13.62 -55.70 20.51
C GLN D 76 -12.48 -55.61 21.52
N MET D 77 -12.83 -55.37 22.77
CA MET D 77 -11.86 -55.26 23.86
C MET D 77 -11.19 -56.61 24.12
N SER D 78 -10.14 -56.91 23.37
CA SER D 78 -9.41 -58.16 23.54
C SER D 78 -8.02 -58.09 22.90
N ALA D 79 -7.10 -58.90 23.40
CA ALA D 79 -5.78 -59.02 22.82
C ALA D 79 -5.85 -59.84 21.53
N HIS D 80 -6.84 -60.73 21.47
CA HIS D 80 -7.11 -61.51 20.28
C HIS D 80 -7.38 -60.57 19.11
N GLY D 81 -6.87 -60.93 17.93
CA GLY D 81 -7.06 -60.12 16.72
C GLY D 81 -6.56 -58.69 16.86
N TYR D 82 -5.55 -58.49 17.70
CA TYR D 82 -5.02 -57.15 17.97
C TYR D 82 -3.50 -57.19 18.09
N ILE D 83 -2.99 -58.14 18.87
CA ILE D 83 -1.55 -58.31 19.05
C ILE D 83 -1.11 -59.74 18.76
N ASP D 84 -2.06 -60.59 18.41
CA ASP D 84 -1.77 -61.99 18.17
C ASP D 84 -1.77 -62.35 16.69
N TYR D 85 -1.65 -61.34 15.84
CA TYR D 85 -1.45 -61.57 14.41
C TYR D 85 0.02 -61.92 14.15
N PRO D 86 0.25 -63.08 13.52
CA PRO D 86 1.62 -63.58 13.31
C PRO D 86 2.32 -62.90 12.13
N THR D 87 3.65 -62.84 12.19
CA THR D 87 4.44 -62.42 11.05
C THR D 87 4.52 -63.58 10.08
N TYR D 88 5.12 -63.36 8.92
CA TYR D 88 5.21 -64.42 7.91
C TYR D 88 6.08 -65.57 8.40
N GLU D 89 7.13 -65.24 9.16
CA GLU D 89 8.02 -66.24 9.73
C GLU D 89 7.29 -67.06 10.80
N GLU D 90 6.38 -66.39 11.52
CA GLU D 90 5.63 -67.04 12.59
C GLU D 90 4.45 -67.85 12.05
N ALA D 91 3.84 -67.35 10.99
CA ALA D 91 2.67 -68.00 10.40
C ALA D 91 3.02 -69.34 9.76
N LEU D 92 4.27 -69.47 9.32
CA LEU D 92 4.75 -70.70 8.70
C LEU D 92 4.89 -71.82 9.73
N LYS D 93 5.25 -71.45 10.95
CA LYS D 93 5.49 -72.43 12.01
C LYS D 93 4.18 -72.89 12.66
N LEU D 94 3.08 -72.24 12.27
CA LEU D 94 1.75 -72.64 12.72
C LEU D 94 1.02 -73.37 11.59
N GLY D 95 1.72 -73.49 10.46
CA GLY D 95 1.14 -74.07 9.26
C GLY D 95 1.18 -73.08 8.12
N TRP D 96 0.02 -72.51 7.79
CA TRP D 96 -0.08 -71.50 6.75
C TRP D 96 -1.37 -70.70 6.90
N SER D 99 -5.10 -74.74 6.26
CA SER D 99 -3.97 -73.88 6.56
C SER D 99 -3.57 -73.03 5.37
N SER D 100 -4.08 -71.81 5.32
CA SER D 100 -3.76 -70.87 4.23
C SER D 100 -4.07 -69.43 4.62
N PHE D 101 -3.76 -68.50 3.71
CA PHE D 101 -3.94 -67.08 3.97
C PHE D 101 -5.15 -66.52 3.24
N VAL D 102 -5.00 -65.30 2.71
CA VAL D 102 -6.08 -64.67 1.95
C VAL D 102 -6.35 -65.46 0.66
N LYS D 103 -7.61 -65.80 0.45
CA LYS D 103 -8.00 -66.68 -0.65
C LYS D 103 -7.90 -66.01 -2.02
N ASP D 104 -7.39 -66.77 -2.99
CA ASP D 104 -7.37 -66.35 -4.39
C ASP D 104 -6.73 -64.99 -4.63
N PHE D 105 -5.48 -64.86 -4.21
CA PHE D 105 -4.74 -63.62 -4.40
C PHE D 105 -3.32 -63.89 -4.87
N LYS D 106 -2.91 -63.17 -5.92
CA LYS D 106 -1.58 -63.32 -6.48
C LYS D 106 -0.71 -62.12 -6.09
N PRO D 107 0.19 -62.31 -5.12
CA PRO D 107 1.08 -61.24 -4.63
C PRO D 107 2.02 -60.69 -5.69
N GLN D 108 2.76 -59.64 -5.35
CA GLN D 108 3.69 -59.03 -6.29
C GLN D 108 4.77 -58.24 -5.55
N ALA D 109 6.03 -58.50 -5.88
CA ALA D 109 7.15 -57.82 -5.25
C ALA D 109 7.19 -56.35 -5.65
N LEU D 110 7.34 -55.47 -4.66
CA LEU D 110 7.34 -54.03 -4.91
C LEU D 110 8.60 -53.35 -4.40
N GLY D 111 9.61 -54.14 -4.07
CA GLY D 111 10.85 -53.62 -3.53
C GLY D 111 11.67 -52.80 -4.52
N ASP D 112 11.30 -52.89 -5.79
CA ASP D 112 12.02 -52.20 -6.87
C ASP D 112 11.44 -50.81 -7.16
N THR D 113 10.22 -50.56 -6.69
CA THR D 113 9.52 -49.31 -6.99
C THR D 113 9.89 -48.19 -6.03
N ASN D 114 9.27 -47.03 -6.21
CA ASN D 114 9.51 -45.87 -5.36
C ASN D 114 8.95 -46.06 -3.96
N LEU D 115 8.16 -47.11 -3.78
CA LEU D 115 7.58 -47.44 -2.48
C LEU D 115 8.66 -47.69 -1.44
N PHE D 116 9.85 -48.09 -1.89
CA PHE D 116 10.96 -48.34 -0.98
C PHE D 116 12.14 -47.44 -1.30
N LYS D 117 11.84 -46.23 -1.78
CA LYS D 117 12.84 -45.18 -1.92
C LYS D 117 12.60 -44.16 -0.82
N PRO D 118 13.68 -43.71 -0.14
CA PRO D 118 13.54 -42.79 0.99
C PRO D 118 12.88 -41.46 0.61
N ILE D 119 12.23 -40.83 1.60
CA ILE D 119 11.57 -39.55 1.40
C ILE D 119 11.40 -38.86 2.76
N LYS D 120 11.47 -37.54 2.77
CA LYS D 120 11.36 -36.80 4.02
C LYS D 120 9.97 -36.23 4.22
N ILE D 121 9.29 -36.68 5.27
CA ILE D 121 7.99 -36.16 5.64
C ILE D 121 8.10 -35.36 6.93
N GLY D 122 8.08 -34.04 6.81
CA GLY D 122 8.29 -33.18 7.96
C GLY D 122 9.74 -33.21 8.40
N ASN D 123 9.97 -33.61 9.64
CA ASN D 123 11.33 -33.76 10.15
C ASN D 123 11.82 -35.19 10.05
N ASN D 124 10.93 -36.10 9.65
CA ASN D 124 11.24 -37.52 9.64
C ASN D 124 11.84 -37.98 8.32
N GLU D 125 12.89 -38.80 8.40
CA GLU D 125 13.52 -39.38 7.24
C GLU D 125 12.99 -40.80 6.99
N LEU D 126 11.88 -40.89 6.27
CA LEU D 126 11.27 -42.18 5.97
C LEU D 126 12.19 -43.02 5.07
N LEU D 127 12.21 -44.31 5.33
CA LEU D 127 13.03 -45.24 4.56
C LEU D 127 12.18 -45.95 3.51
N HIS D 128 10.87 -45.94 3.73
CA HIS D 128 9.91 -46.48 2.77
C HIS D 128 8.63 -45.66 2.83
N ARG D 129 7.73 -45.89 1.88
CA ARG D 129 6.54 -45.06 1.75
C ARG D 129 5.25 -45.84 2.00
N ALA D 130 5.39 -46.97 2.70
CA ALA D 130 4.23 -47.72 3.16
C ALA D 130 3.79 -47.19 4.52
N VAL D 131 2.75 -46.36 4.51
CA VAL D 131 2.31 -45.66 5.71
C VAL D 131 1.17 -46.38 6.41
N ILE D 132 1.20 -46.38 7.74
CA ILE D 132 0.10 -46.91 8.54
C ILE D 132 -0.92 -45.81 8.81
N PRO D 133 -2.08 -45.90 8.14
CA PRO D 133 -3.15 -44.92 8.32
C PRO D 133 -3.81 -45.04 9.68
N PRO D 134 -4.53 -44.00 10.12
CA PRO D 134 -5.26 -44.05 11.39
C PRO D 134 -6.25 -45.20 11.45
N LEU D 135 -6.18 -46.00 12.51
CA LEU D 135 -7.02 -47.18 12.65
C LEU D 135 -7.56 -47.32 14.07
N THR D 136 -8.80 -46.90 14.27
CA THR D 136 -9.45 -47.03 15.57
C THR D 136 -9.66 -48.49 15.94
N ARG D 137 -9.20 -48.88 17.12
CA ARG D 137 -9.28 -50.26 17.56
C ARG D 137 -10.19 -50.42 18.77
N MET D 138 -10.58 -49.28 19.35
CA MET D 138 -11.47 -49.25 20.51
C MET D 138 -10.94 -50.07 21.68
N ARG D 139 -9.64 -49.96 21.94
CA ARG D 139 -9.01 -50.69 23.03
C ARG D 139 -8.74 -49.80 24.24
N ALA D 140 -9.14 -48.52 24.15
CA ALA D 140 -8.89 -47.57 25.22
C ALA D 140 -9.72 -47.90 26.46
N LEU D 141 -9.25 -47.44 27.62
CA LEU D 141 -9.88 -47.77 28.88
C LEU D 141 -10.95 -46.77 29.30
N HIS D 142 -12.08 -47.28 29.77
CA HIS D 142 -13.15 -46.45 30.29
C HIS D 142 -13.25 -46.64 31.80
N PRO D 143 -13.39 -45.53 32.55
CA PRO D 143 -13.46 -44.16 32.04
C PRO D 143 -12.09 -43.51 31.85
N GLY D 144 -12.07 -42.32 31.26
CA GLY D 144 -10.83 -41.58 31.10
C GLY D 144 -10.31 -41.53 29.67
N ASN D 145 -10.85 -42.39 28.81
CA ASN D 145 -10.38 -42.53 27.43
C ASN D 145 -8.87 -42.76 27.39
N ILE D 146 -8.41 -43.69 28.21
CA ILE D 146 -6.99 -43.94 28.39
C ILE D 146 -6.49 -45.06 27.47
N PRO D 147 -5.37 -44.83 26.77
CA PRO D 147 -4.73 -45.85 25.94
C PRO D 147 -4.51 -47.15 26.71
N ASN D 148 -4.66 -48.28 26.02
CA ASN D 148 -4.58 -49.58 26.66
C ASN D 148 -3.25 -49.83 27.36
N ARG D 149 -3.28 -49.99 28.68
CA ARG D 149 -2.07 -50.20 29.45
C ARG D 149 -1.53 -51.61 29.28
N ASP D 150 -2.36 -52.51 28.77
CA ASP D 150 -1.99 -53.91 28.66
C ASP D 150 -1.42 -54.29 27.29
N TRP D 151 -2.01 -53.77 26.22
CA TRP D 151 -1.65 -54.23 24.88
C TRP D 151 -1.21 -53.15 23.89
N ALA D 152 -1.61 -51.90 24.13
CA ALA D 152 -1.39 -50.83 23.16
C ALA D 152 0.08 -50.63 22.78
N VAL D 153 0.95 -50.70 23.78
CA VAL D 153 2.39 -50.54 23.54
C VAL D 153 2.90 -51.64 22.62
N GLU D 154 2.50 -52.88 22.88
CA GLU D 154 2.92 -54.00 22.06
C GLU D 154 2.30 -53.93 20.66
N TYR D 155 1.10 -53.38 20.58
CA TYR D 155 0.39 -53.28 19.31
C TYR D 155 1.14 -52.42 18.29
N TYR D 156 1.75 -51.35 18.76
CA TYR D 156 2.46 -50.43 17.88
C TYR D 156 3.89 -50.87 17.59
N THR D 157 4.49 -51.64 18.51
CA THR D 157 5.83 -52.14 18.32
C THR D 157 5.89 -53.17 17.19
N GLN D 158 4.84 -53.98 17.09
CA GLN D 158 4.76 -55.00 16.04
C GLN D 158 4.71 -54.37 14.66
N ARG D 159 4.11 -53.20 14.56
CA ARG D 159 3.94 -52.53 13.28
C ARG D 159 4.99 -51.43 13.06
N ALA D 160 5.79 -51.19 14.09
CA ALA D 160 6.97 -50.33 13.94
C ALA D 160 8.17 -51.20 13.63
N GLN D 161 7.90 -52.47 13.36
CA GLN D 161 8.91 -53.49 13.07
C GLN D 161 9.92 -53.03 12.02
N ARG D 162 9.44 -52.68 10.84
CA ARG D 162 10.31 -52.16 9.79
C ARG D 162 10.77 -50.74 10.14
N PRO D 163 12.08 -50.53 10.20
CA PRO D 163 12.67 -49.23 10.53
C PRO D 163 12.25 -48.12 9.56
N GLY D 164 12.11 -46.90 10.07
CA GLY D 164 11.75 -45.76 9.26
C GLY D 164 10.31 -45.82 8.76
N THR D 165 9.44 -46.46 9.53
CA THR D 165 8.04 -46.59 9.16
C THR D 165 7.19 -45.47 9.74
N MET D 166 6.49 -44.73 8.89
CA MET D 166 5.61 -43.67 9.34
C MET D 166 4.30 -44.25 9.85
N ILE D 167 3.94 -43.91 11.09
CA ILE D 167 2.74 -44.43 11.71
C ILE D 167 1.80 -43.31 12.13
N ILE D 168 0.59 -43.33 11.59
CA ILE D 168 -0.46 -42.42 12.05
C ILE D 168 -1.36 -43.14 13.03
N THR D 169 -1.43 -42.63 14.25
CA THR D 169 -2.17 -43.29 15.33
C THR D 169 -3.66 -43.33 15.07
N GLU D 170 -4.36 -44.12 15.88
CA GLU D 170 -5.81 -44.13 15.89
C GLU D 170 -6.34 -42.74 16.25
N GLY D 171 -7.60 -42.48 15.90
CA GLY D 171 -8.21 -41.20 16.19
C GLY D 171 -8.20 -40.89 17.67
N ALA D 172 -7.61 -39.75 18.02
CA ALA D 172 -7.50 -39.34 19.42
C ALA D 172 -8.30 -38.07 19.69
N PHE D 173 -9.21 -38.15 20.64
CA PHE D 173 -10.05 -37.01 21.01
C PHE D 173 -9.20 -35.89 21.62
N ILE D 174 -9.45 -34.66 21.19
CA ILE D 174 -8.70 -33.51 21.68
C ILE D 174 -9.29 -32.99 22.98
N SER D 175 -10.53 -33.39 23.26
CA SER D 175 -11.24 -32.96 24.46
C SER D 175 -12.47 -33.83 24.66
N PRO D 176 -12.98 -33.90 25.91
CA PRO D 176 -14.22 -34.65 26.19
C PRO D 176 -15.38 -34.23 25.29
N GLN D 177 -15.48 -32.93 25.02
CA GLN D 177 -16.54 -32.41 24.14
C GLN D 177 -16.37 -32.93 22.72
N ALA D 178 -15.12 -33.17 22.32
CA ALA D 178 -14.82 -33.69 20.99
C ALA D 178 -15.00 -35.21 20.95
N GLY D 179 -15.28 -35.80 22.10
CA GLY D 179 -15.42 -37.25 22.22
C GLY D 179 -16.83 -37.74 21.94
N GLY D 180 -17.15 -38.89 22.53
CA GLY D 180 -18.44 -39.53 22.33
C GLY D 180 -18.31 -41.04 22.36
N TYR D 181 -17.08 -41.52 22.23
CA TYR D 181 -16.80 -42.96 22.30
C TYR D 181 -16.01 -43.27 23.56
N ASP D 182 -16.53 -44.19 24.37
CA ASP D 182 -15.92 -44.51 25.65
C ASP D 182 -14.62 -45.31 25.51
N ASN D 183 -14.48 -46.02 24.40
CA ASN D 183 -13.32 -46.88 24.19
C ASN D 183 -12.31 -46.30 23.19
N ALA D 184 -12.44 -45.01 22.88
CA ALA D 184 -11.48 -44.34 22.02
C ALA D 184 -10.52 -43.49 22.87
N PRO D 185 -9.22 -43.54 22.54
CA PRO D 185 -8.21 -42.84 23.34
C PRO D 185 -8.29 -41.32 23.22
N GLY D 186 -7.96 -40.63 24.30
CA GLY D 186 -7.91 -39.18 24.30
C GLY D 186 -6.48 -38.68 24.29
N VAL D 187 -6.30 -37.36 24.32
CA VAL D 187 -4.97 -36.77 24.25
C VAL D 187 -4.95 -35.45 25.01
N TRP D 188 -5.96 -35.23 25.84
CA TRP D 188 -6.11 -33.96 26.54
C TRP D 188 -5.59 -34.00 27.99
N SER D 189 -5.57 -35.18 28.59
CA SER D 189 -5.22 -35.30 30.01
C SER D 189 -3.84 -35.93 30.21
N GLU D 190 -3.24 -35.65 31.36
CA GLU D 190 -1.92 -36.16 31.71
C GLU D 190 -1.90 -37.68 31.80
N GLU D 191 -2.94 -38.26 32.40
CA GLU D 191 -3.04 -39.71 32.54
C GLU D 191 -3.00 -40.39 31.18
N GLN D 192 -3.55 -39.72 30.17
CA GLN D 192 -3.51 -40.21 28.80
C GLN D 192 -2.11 -40.05 28.21
N MET D 193 -1.49 -38.90 28.45
CA MET D 193 -0.18 -38.60 27.86
C MET D 193 0.93 -39.46 28.41
N VAL D 194 0.75 -39.95 29.64
CA VAL D 194 1.71 -40.86 30.24
C VAL D 194 1.79 -42.14 29.42
N GLU D 195 0.65 -42.62 28.94
CA GLU D 195 0.58 -43.83 28.15
C GLU D 195 1.09 -43.61 26.73
N TRP D 196 0.73 -42.48 26.14
CA TRP D 196 1.18 -42.13 24.80
C TRP D 196 2.69 -42.00 24.74
N THR D 197 3.28 -41.49 25.82
CA THR D 197 4.72 -41.34 25.90
C THR D 197 5.41 -42.69 25.78
N LYS D 198 4.85 -43.70 26.46
CA LYS D 198 5.36 -45.06 26.36
C LYS D 198 5.26 -45.58 24.94
N ILE D 199 4.12 -45.32 24.31
CA ILE D 199 3.87 -45.75 22.94
C ILE D 199 4.85 -45.11 21.96
N PHE D 200 5.13 -43.83 22.16
CA PHE D 200 6.01 -43.09 21.26
C PHE D 200 7.45 -43.56 21.40
N ASN D 201 7.90 -43.78 22.62
CA ASN D 201 9.25 -44.28 22.88
C ASN D 201 9.46 -45.64 22.24
N ALA D 202 8.43 -46.48 22.31
CA ALA D 202 8.50 -47.84 21.78
C ALA D 202 8.58 -47.85 20.26
N ILE D 203 7.94 -46.86 19.63
CA ILE D 203 8.00 -46.72 18.18
C ILE D 203 9.34 -46.12 17.76
N HIS D 204 9.85 -45.20 18.57
CA HIS D 204 11.12 -44.53 18.28
C HIS D 204 12.33 -45.45 18.45
N GLU D 205 12.24 -46.38 19.40
CA GLU D 205 13.33 -47.33 19.62
C GLU D 205 13.39 -48.34 18.49
N LYS D 206 12.33 -48.41 17.70
CA LYS D 206 12.31 -49.23 16.49
C LYS D 206 12.67 -48.39 15.26
N LYS D 207 13.23 -47.21 15.52
CA LYS D 207 13.68 -46.29 14.48
C LYS D 207 12.55 -45.87 13.53
N SER D 208 11.31 -45.92 14.02
CA SER D 208 10.17 -45.51 13.23
C SER D 208 9.64 -44.16 13.71
N PHE D 209 8.54 -43.71 13.11
CA PHE D 209 7.98 -42.41 13.45
C PHE D 209 6.48 -42.51 13.74
N VAL D 210 5.97 -41.53 14.48
CA VAL D 210 4.58 -41.57 14.91
C VAL D 210 3.89 -40.21 14.81
N TRP D 211 2.71 -40.20 14.20
CA TRP D 211 1.91 -38.98 14.05
C TRP D 211 0.52 -39.17 14.64
N VAL D 212 0.15 -38.29 15.58
CA VAL D 212 -1.13 -38.40 16.26
C VAL D 212 -2.26 -37.76 15.46
N GLN D 213 -3.33 -38.52 15.20
CA GLN D 213 -4.48 -37.97 14.51
C GLN D 213 -5.44 -37.30 15.49
N LEU D 214 -5.63 -36.00 15.33
CA LEU D 214 -6.52 -35.24 16.19
C LEU D 214 -7.97 -35.44 15.75
N TRP D 215 -8.77 -36.04 16.63
CA TRP D 215 -10.11 -36.50 16.26
C TRP D 215 -11.22 -35.74 16.97
N VAL D 216 -12.15 -35.20 16.19
CA VAL D 216 -13.35 -34.57 16.74
C VAL D 216 -14.59 -35.13 16.04
N LEU D 217 -15.45 -35.79 16.80
CA LEU D 217 -16.56 -36.58 16.24
C LEU D 217 -17.63 -35.76 15.52
N GLY D 218 -18.17 -34.75 16.20
CA GLY D 218 -19.26 -33.99 15.64
C GLY D 218 -20.59 -34.69 15.85
N TRP D 219 -21.32 -34.92 14.77
CA TRP D 219 -22.63 -35.56 14.87
C TRP D 219 -22.52 -37.08 14.83
N ALA D 220 -21.29 -37.57 14.74
CA ALA D 220 -21.04 -39.01 14.72
C ALA D 220 -20.85 -39.54 16.14
N ALA D 221 -20.94 -38.65 17.12
CA ALA D 221 -20.80 -39.02 18.51
C ALA D 221 -22.11 -39.61 19.03
N PHE D 222 -22.00 -40.44 20.07
CA PHE D 222 -23.18 -41.01 20.71
C PHE D 222 -23.78 -39.99 21.68
N PRO D 223 -24.98 -39.47 21.35
CA PRO D 223 -25.63 -38.41 22.12
C PRO D 223 -25.88 -38.79 23.57
N ASP D 224 -26.05 -40.08 23.84
CA ASP D 224 -26.31 -40.56 25.19
C ASP D 224 -25.05 -40.51 26.06
N ASN D 225 -23.90 -40.77 25.45
CA ASN D 225 -22.63 -40.69 26.16
C ASN D 225 -22.30 -39.26 26.56
N LEU D 226 -22.61 -38.32 25.67
CA LEU D 226 -22.35 -36.91 25.92
C LEU D 226 -23.28 -36.36 26.98
N ALA D 227 -24.54 -36.80 26.95
CA ALA D 227 -25.53 -36.35 27.93
C ALA D 227 -25.21 -36.88 29.32
N ARG D 228 -24.66 -38.09 29.37
CA ARG D 228 -24.22 -38.71 30.62
C ARG D 228 -23.10 -37.89 31.26
N ASP D 229 -22.26 -37.30 30.42
CA ASP D 229 -21.10 -36.53 30.90
C ASP D 229 -21.36 -35.03 30.87
N GLY D 230 -22.62 -34.66 30.63
CA GLY D 230 -23.00 -33.25 30.58
C GLY D 230 -22.33 -32.51 29.44
N LEU D 231 -22.32 -33.12 28.26
CA LEU D 231 -21.68 -32.53 27.09
C LEU D 231 -22.68 -32.32 25.96
N ARG D 232 -22.38 -31.37 25.09
CA ARG D 232 -23.27 -31.05 23.96
C ARG D 232 -23.11 -32.05 22.82
N TYR D 233 -24.18 -32.18 22.03
CA TYR D 233 -24.15 -32.97 20.80
C TYR D 233 -23.99 -32.01 19.62
N ASP D 234 -22.75 -31.83 19.17
CA ASP D 234 -22.40 -30.75 18.25
C ASP D 234 -22.41 -31.14 16.77
N SER D 235 -22.51 -30.11 15.93
CA SER D 235 -22.38 -30.25 14.48
C SER D 235 -22.33 -28.86 13.85
N ALA D 236 -22.34 -28.81 12.52
CA ALA D 236 -22.34 -27.53 11.81
C ALA D 236 -23.71 -26.86 11.93
N SER D 237 -24.76 -27.64 11.75
CA SER D 237 -26.12 -27.12 11.82
C SER D 237 -26.93 -27.86 12.89
N ASP D 238 -28.22 -27.56 12.95
CA ASP D 238 -29.11 -28.20 13.92
C ASP D 238 -30.40 -28.70 13.27
N ASN D 239 -30.40 -28.76 11.94
CA ASN D 239 -31.62 -29.11 11.21
C ASN D 239 -31.38 -30.08 10.05
N VAL D 240 -30.31 -30.86 10.14
CA VAL D 240 -29.98 -31.83 9.09
C VAL D 240 -29.90 -33.25 9.64
N PHE D 241 -29.04 -33.43 10.65
CA PHE D 241 -28.86 -34.69 11.37
C PHE D 241 -28.25 -35.81 10.51
N MET D 242 -27.46 -36.67 11.15
CA MET D 242 -26.75 -37.74 10.47
C MET D 242 -27.71 -38.77 9.88
N ASP D 243 -28.56 -39.34 10.72
CA ASP D 243 -29.59 -40.27 10.27
C ASP D 243 -30.80 -40.29 11.20
N ALA D 244 -31.58 -41.35 11.11
CA ALA D 244 -32.78 -41.50 11.91
C ALA D 244 -32.45 -41.83 13.37
N GLU D 245 -31.51 -42.75 13.56
CA GLU D 245 -31.12 -43.17 14.90
C GLU D 245 -30.55 -42.02 15.72
N GLN D 246 -29.64 -41.26 15.11
CA GLN D 246 -28.95 -40.17 15.80
C GLN D 246 -29.93 -39.09 16.27
N GLU D 247 -30.89 -38.75 15.44
CA GLU D 247 -31.88 -37.74 15.79
C GLU D 247 -32.78 -38.23 16.93
N ALA D 248 -33.08 -39.52 16.92
CA ALA D 248 -33.94 -40.11 17.95
C ALA D 248 -33.23 -40.15 19.30
N LYS D 249 -31.99 -40.62 19.30
CA LYS D 249 -31.20 -40.71 20.53
C LYS D 249 -30.88 -39.33 21.08
N ALA D 250 -30.86 -38.34 20.21
CA ALA D 250 -30.60 -36.96 20.63
C ALA D 250 -31.80 -36.40 21.41
N LYS D 251 -33.00 -36.78 20.99
CA LYS D 251 -34.22 -36.33 21.66
C LYS D 251 -34.47 -37.13 22.93
N LYS D 252 -34.20 -38.43 22.87
CA LYS D 252 -34.45 -39.32 23.99
C LYS D 252 -33.54 -39.00 25.18
N ALA D 253 -32.32 -38.59 24.88
CA ALA D 253 -31.37 -38.19 25.91
C ALA D 253 -31.49 -36.71 26.22
N ASN D 254 -32.51 -36.08 25.62
CA ASN D 254 -32.76 -34.65 25.78
C ASN D 254 -31.54 -33.79 25.46
N ASN D 255 -30.73 -34.27 24.52
CA ASN D 255 -29.51 -33.58 24.12
C ASN D 255 -29.51 -33.38 22.60
N PRO D 256 -30.35 -32.45 22.12
CA PRO D 256 -30.55 -32.24 20.68
C PRO D 256 -29.27 -31.75 19.98
N GLN D 257 -29.20 -31.95 18.67
CA GLN D 257 -28.05 -31.53 17.90
C GLN D 257 -27.87 -30.02 17.97
N HIS D 258 -26.68 -29.60 18.37
CA HIS D 258 -26.40 -28.18 18.58
C HIS D 258 -25.54 -27.58 17.49
N SER D 259 -26.01 -26.47 16.91
CA SER D 259 -25.23 -25.73 15.93
C SER D 259 -24.20 -24.87 16.66
N LEU D 260 -22.92 -25.13 16.40
CA LEU D 260 -21.83 -24.44 17.09
C LEU D 260 -21.87 -22.94 16.88
N THR D 261 -21.70 -22.19 17.95
CA THR D 261 -21.56 -20.74 17.87
C THR D 261 -20.10 -20.40 17.62
N LYS D 262 -19.82 -19.14 17.29
CA LYS D 262 -18.47 -18.71 16.97
C LYS D 262 -17.51 -18.94 18.14
N ASP D 263 -17.99 -18.71 19.36
CA ASP D 263 -17.17 -18.90 20.55
C ASP D 263 -16.83 -20.37 20.75
N GLU D 264 -17.82 -21.24 20.54
CA GLU D 264 -17.62 -22.68 20.69
C GLU D 264 -16.68 -23.20 19.60
N ILE D 265 -16.69 -22.56 18.44
CA ILE D 265 -15.76 -22.89 17.38
C ILE D 265 -14.34 -22.51 17.80
N LYS D 266 -14.21 -21.34 18.42
CA LYS D 266 -12.93 -20.89 18.97
C LYS D 266 -12.43 -21.85 20.05
N GLN D 267 -13.36 -22.33 20.87
CA GLN D 267 -13.02 -23.26 21.94
C GLN D 267 -12.47 -24.57 21.40
N TYR D 268 -13.06 -25.05 20.31
CA TYR D 268 -12.56 -26.25 19.64
C TYR D 268 -11.15 -26.02 19.12
N ILE D 269 -10.93 -24.85 18.53
CA ILE D 269 -9.62 -24.49 18.01
C ILE D 269 -8.59 -24.43 19.14
N LYS D 270 -8.99 -23.88 20.28
CA LYS D 270 -8.12 -23.80 21.44
C LYS D 270 -7.75 -25.21 21.94
N GLU D 271 -8.72 -26.12 21.86
CA GLU D 271 -8.48 -27.50 22.26
C GLU D 271 -7.61 -28.23 21.24
N TYR D 272 -7.77 -27.87 19.97
CA TYR D 272 -6.92 -28.41 18.91
C TYR D 272 -5.45 -28.07 19.17
N VAL D 273 -5.22 -26.83 19.56
CA VAL D 273 -3.87 -26.34 19.84
C VAL D 273 -3.25 -27.07 21.03
N GLN D 274 -3.99 -27.09 22.15
CA GLN D 274 -3.50 -27.71 23.36
C GLN D 274 -3.24 -29.20 23.16
N ALA D 275 -4.12 -29.86 22.41
CA ALA D 275 -3.96 -31.28 22.10
C ALA D 275 -2.72 -31.50 21.24
N ALA D 276 -2.45 -30.55 20.35
CA ALA D 276 -1.28 -30.63 19.48
C ALA D 276 0.01 -30.49 20.29
N LYS D 277 0.03 -29.52 21.19
CA LYS D 277 1.20 -29.29 22.02
C LYS D 277 1.41 -30.44 23.00
N ASN D 278 0.32 -31.07 23.43
CA ASN D 278 0.42 -32.24 24.29
C ASN D 278 1.11 -33.40 23.60
N SER D 279 0.75 -33.62 22.34
CA SER D 279 1.33 -34.70 21.54
C SER D 279 2.83 -34.48 21.36
N ILE D 280 3.20 -33.27 20.96
CA ILE D 280 4.61 -32.91 20.76
C ILE D 280 5.40 -33.02 22.06
N ALA D 281 4.78 -32.57 23.16
CA ALA D 281 5.42 -32.65 24.48
C ALA D 281 5.68 -34.09 24.89
N ALA D 282 4.74 -34.97 24.55
CA ALA D 282 4.88 -36.39 24.84
C ALA D 282 5.97 -37.02 23.99
N GLY D 283 6.28 -36.38 22.86
CA GLY D 283 7.34 -36.84 22.00
C GLY D 283 6.88 -37.33 20.64
N ALA D 284 5.75 -36.83 20.18
CA ALA D 284 5.24 -37.18 18.86
C ALA D 284 5.99 -36.41 17.77
N ASP D 285 6.18 -37.07 16.63
CA ASP D 285 6.87 -36.44 15.51
C ASP D 285 6.04 -35.32 14.90
N GLY D 286 4.72 -35.46 14.99
CA GLY D 286 3.82 -34.46 14.46
C GLY D 286 2.36 -34.85 14.67
N VAL D 287 1.45 -34.08 14.07
CA VAL D 287 0.04 -34.36 14.20
C VAL D 287 -0.67 -34.34 12.84
N GLU D 288 -1.77 -35.07 12.75
CA GLU D 288 -2.60 -35.05 11.56
C GLU D 288 -4.00 -34.55 11.89
N ILE D 289 -4.39 -33.44 11.27
CA ILE D 289 -5.72 -32.87 11.46
C ILE D 289 -6.76 -33.69 10.69
N HIS D 290 -7.62 -34.39 11.42
CA HIS D 290 -8.65 -35.21 10.79
C HIS D 290 -9.80 -34.34 10.31
N SER D 291 -9.89 -34.19 8.99
CA SER D 291 -10.95 -33.39 8.35
C SER D 291 -11.68 -34.24 7.31
N ALA D 292 -11.84 -35.52 7.60
CA ALA D 292 -12.42 -36.47 6.65
C ALA D 292 -13.41 -37.41 7.30
N ASN D 293 -14.04 -38.24 6.47
CA ASN D 293 -14.93 -39.30 6.93
C ASN D 293 -16.11 -38.83 7.78
N GLY D 294 -16.63 -37.65 7.48
CA GLY D 294 -17.89 -37.21 8.06
C GLY D 294 -17.89 -36.77 9.51
N TYR D 295 -16.73 -36.34 10.00
CA TYR D 295 -16.62 -35.84 11.36
C TYR D 295 -16.67 -34.31 11.36
N LEU D 296 -16.62 -33.71 12.54
CA LEU D 296 -16.97 -32.29 12.72
C LEU D 296 -16.43 -31.34 11.65
N LEU D 297 -15.16 -31.50 11.29
CA LEU D 297 -14.55 -30.63 10.29
C LEU D 297 -15.10 -30.92 8.88
N ASN D 298 -15.32 -32.20 8.59
CA ASN D 298 -15.92 -32.59 7.32
C ASN D 298 -17.36 -32.11 7.25
N GLN D 299 -18.04 -32.11 8.40
CA GLN D 299 -19.42 -31.67 8.49
C GLN D 299 -19.56 -30.19 8.16
N PHE D 300 -18.49 -29.43 8.39
CA PHE D 300 -18.47 -28.03 8.01
C PHE D 300 -18.12 -27.87 6.54
N LEU D 301 -17.32 -28.80 6.02
CA LEU D 301 -16.93 -28.78 4.62
C LEU D 301 -18.08 -29.15 3.69
N ASP D 302 -18.87 -30.14 4.10
CA ASP D 302 -19.93 -30.68 3.26
C ASP D 302 -21.17 -29.80 3.31
N PRO D 303 -21.68 -29.42 2.13
CA PRO D 303 -22.85 -28.52 2.00
C PRO D 303 -24.16 -29.16 2.46
N HIS D 304 -24.19 -30.48 2.56
CA HIS D 304 -25.38 -31.18 3.03
C HIS D 304 -25.53 -31.01 4.54
N SER D 305 -24.42 -31.14 5.26
CA SER D 305 -24.42 -31.06 6.71
C SER D 305 -24.27 -29.62 7.20
N ASN D 306 -23.82 -28.74 6.31
CA ASN D 306 -23.61 -27.34 6.66
C ASN D 306 -24.65 -26.45 6.00
N THR D 307 -25.63 -26.00 6.79
CA THR D 307 -26.67 -25.11 6.30
C THR D 307 -26.60 -23.76 7.02
N ARG D 308 -25.42 -23.41 7.51
CA ARG D 308 -25.22 -22.16 8.23
C ARG D 308 -25.35 -20.96 7.30
N THR D 309 -25.73 -19.81 7.88
CA THR D 309 -25.90 -18.60 7.09
C THR D 309 -24.85 -17.55 7.44
N ASP D 310 -23.99 -17.87 8.39
CA ASP D 310 -22.95 -16.94 8.83
C ASP D 310 -21.63 -17.16 8.08
N GLU D 311 -20.53 -16.80 8.73
CA GLU D 311 -19.21 -16.86 8.11
C GLU D 311 -18.69 -18.28 7.89
N TYR D 312 -19.40 -19.27 8.42
CA TYR D 312 -18.94 -20.65 8.35
C TYR D 312 -19.81 -21.51 7.44
N GLY D 313 -20.60 -20.87 6.58
CA GLY D 313 -21.45 -21.59 5.65
C GLY D 313 -22.01 -20.69 4.56
N GLY D 314 -22.68 -21.30 3.59
CA GLY D 314 -23.30 -20.57 2.50
C GLY D 314 -22.46 -20.54 1.24
N SER D 315 -21.20 -20.92 1.34
CA SER D 315 -20.30 -20.91 0.20
C SER D 315 -19.11 -21.85 0.40
N ILE D 316 -18.32 -22.01 -0.65
CA ILE D 316 -17.14 -22.87 -0.60
C ILE D 316 -16.09 -22.32 0.36
N GLU D 317 -15.84 -21.02 0.26
CA GLU D 317 -14.86 -20.35 1.12
C GLU D 317 -15.24 -20.44 2.59
N ASN D 318 -16.52 -20.26 2.89
CA ASN D 318 -17.01 -20.27 4.26
C ASN D 318 -16.99 -21.67 4.88
N ARG D 319 -17.33 -22.67 4.08
CA ARG D 319 -17.40 -24.05 4.55
C ARG D 319 -16.02 -24.62 4.89
N ALA D 320 -14.96 -23.97 4.38
CA ALA D 320 -13.61 -24.45 4.60
C ALA D 320 -12.89 -23.64 5.68
N ARG D 321 -13.58 -22.64 6.22
CA ARG D 321 -13.00 -21.73 7.19
C ARG D 321 -12.52 -22.44 8.45
N PHE D 322 -13.38 -23.30 9.01
CA PHE D 322 -13.07 -24.04 10.22
C PHE D 322 -11.80 -24.87 10.05
N THR D 323 -11.77 -25.71 9.03
CA THR D 323 -10.63 -26.58 8.75
C THR D 323 -9.33 -25.79 8.61
N LEU D 324 -9.39 -24.70 7.85
CA LEU D 324 -8.22 -23.87 7.62
C LEU D 324 -7.77 -23.11 8.86
N GLU D 325 -8.73 -22.71 9.70
CA GLU D 325 -8.41 -22.04 10.94
C GLU D 325 -7.71 -22.99 11.91
N VAL D 326 -8.14 -24.25 11.90
CA VAL D 326 -7.48 -25.28 12.70
C VAL D 326 -6.07 -25.50 12.18
N VAL D 327 -5.92 -25.47 10.86
CA VAL D 327 -4.61 -25.59 10.22
C VAL D 327 -3.70 -24.44 10.63
N ASP D 328 -4.19 -23.21 10.48
CA ASP D 328 -3.41 -22.02 10.79
C ASP D 328 -3.00 -21.97 12.26
N ALA D 329 -3.92 -22.35 13.13
CA ALA D 329 -3.67 -22.34 14.58
C ALA D 329 -2.58 -23.33 14.96
N LEU D 330 -2.66 -24.54 14.42
CA LEU D 330 -1.68 -25.57 14.72
C LEU D 330 -0.33 -25.27 14.08
N VAL D 331 -0.34 -24.53 12.98
CA VAL D 331 0.89 -24.13 12.33
C VAL D 331 1.66 -23.13 13.20
N GLU D 332 0.95 -22.16 13.75
CA GLU D 332 1.56 -21.19 14.64
C GLU D 332 1.92 -21.80 15.99
N ALA D 333 1.27 -22.91 16.32
CA ALA D 333 1.45 -23.54 17.63
C ALA D 333 2.69 -24.43 17.69
N ILE D 334 2.86 -25.30 16.70
CA ILE D 334 3.94 -26.28 16.73
C ILE D 334 4.80 -26.28 15.47
N GLY D 335 4.35 -25.57 14.44
CA GLY D 335 5.10 -25.50 13.20
C GLY D 335 4.47 -26.28 12.06
N HIS D 336 4.64 -25.77 10.85
CA HIS D 336 4.03 -26.37 9.66
C HIS D 336 4.67 -27.71 9.30
N GLU D 337 5.86 -27.97 9.82
CA GLU D 337 6.58 -29.20 9.53
C GLU D 337 6.08 -30.36 10.39
N LYS D 338 5.18 -30.06 11.31
CA LYS D 338 4.65 -31.07 12.23
C LYS D 338 3.14 -31.24 12.09
N VAL D 339 2.57 -30.65 11.04
CA VAL D 339 1.13 -30.68 10.85
C VAL D 339 0.72 -31.30 9.52
N GLY D 340 -0.15 -32.29 9.57
CA GLY D 340 -0.70 -32.91 8.37
C GLY D 340 -2.20 -32.75 8.32
N LEU D 341 -2.79 -33.04 7.17
CA LEU D 341 -4.23 -32.90 6.99
C LEU D 341 -4.81 -34.06 6.17
N ARG D 342 -5.90 -34.64 6.65
CA ARG D 342 -6.54 -35.73 5.93
C ARG D 342 -7.89 -35.30 5.37
N LEU D 343 -8.14 -35.67 4.11
CA LEU D 343 -9.37 -35.32 3.43
C LEU D 343 -9.98 -36.53 2.73
N SER D 344 -11.31 -36.57 2.66
CA SER D 344 -12.01 -37.63 1.94
C SER D 344 -13.04 -37.02 0.99
N PRO D 345 -12.58 -36.55 -0.18
CA PRO D 345 -13.41 -35.84 -1.16
C PRO D 345 -14.64 -36.63 -1.63
N TYR D 346 -14.46 -37.91 -1.91
CA TYR D 346 -15.53 -38.70 -2.50
C TYR D 346 -16.24 -39.61 -1.49
N GLY D 347 -15.90 -39.43 -0.21
CA GLY D 347 -16.48 -40.25 0.84
C GLY D 347 -17.90 -39.87 1.20
N VAL D 348 -18.75 -40.88 1.42
CA VAL D 348 -20.12 -40.65 1.84
C VAL D 348 -20.36 -41.19 3.24
N PHE D 349 -19.28 -41.65 3.88
CA PHE D 349 -19.35 -42.19 5.23
C PHE D 349 -19.84 -41.11 6.20
N ASN D 350 -20.68 -41.53 7.15
CA ASN D 350 -21.32 -40.61 8.10
C ASN D 350 -22.13 -39.53 7.41
N SER D 351 -22.90 -39.93 6.40
CA SER D 351 -23.85 -39.05 5.71
C SER D 351 -23.21 -37.84 5.02
N MET D 352 -22.13 -38.08 4.29
CA MET D 352 -21.51 -37.01 3.51
C MET D 352 -22.02 -37.06 2.07
N SER D 353 -21.94 -35.92 1.37
CA SER D 353 -22.49 -35.80 0.03
C SER D 353 -21.80 -36.74 -0.96
N GLY D 354 -20.47 -36.73 -0.96
CA GLY D 354 -19.71 -37.55 -1.89
C GLY D 354 -19.76 -37.00 -3.30
N GLY D 355 -19.59 -37.87 -4.28
CA GLY D 355 -19.60 -37.48 -5.68
C GLY D 355 -20.97 -37.04 -6.17
N ALA D 356 -22.01 -37.36 -5.40
CA ALA D 356 -23.37 -36.96 -5.75
C ALA D 356 -23.48 -35.44 -5.83
N GLU D 357 -22.75 -34.74 -4.95
CA GLU D 357 -22.66 -33.30 -5.01
C GLU D 357 -21.69 -32.89 -6.11
N THR D 358 -22.22 -32.23 -7.14
CA THR D 358 -21.42 -31.85 -8.30
C THR D 358 -20.32 -30.85 -7.96
N GLY D 359 -20.51 -30.10 -6.87
CA GLY D 359 -19.53 -29.11 -6.47
C GLY D 359 -18.60 -29.59 -5.37
N ILE D 360 -18.52 -30.91 -5.19
CA ILE D 360 -17.71 -31.47 -4.12
C ILE D 360 -16.21 -31.39 -4.43
N VAL D 361 -15.87 -31.43 -5.71
CA VAL D 361 -14.47 -31.38 -6.11
C VAL D 361 -13.94 -29.96 -5.99
N ALA D 362 -14.78 -28.99 -6.33
CA ALA D 362 -14.43 -27.58 -6.18
C ALA D 362 -14.18 -27.24 -4.71
N GLN D 363 -14.96 -27.85 -3.83
CA GLN D 363 -14.83 -27.62 -2.39
C GLN D 363 -13.47 -28.04 -1.87
N TYR D 364 -12.99 -29.18 -2.34
CA TYR D 364 -11.70 -29.71 -1.89
C TYR D 364 -10.54 -29.16 -2.71
N ALA D 365 -10.82 -28.71 -3.93
CA ALA D 365 -9.82 -28.05 -4.75
C ALA D 365 -9.45 -26.71 -4.10
N TYR D 366 -10.43 -26.08 -3.49
CA TYR D 366 -10.22 -24.81 -2.80
C TYR D 366 -9.33 -25.01 -1.57
N VAL D 367 -9.60 -26.08 -0.83
CA VAL D 367 -8.81 -26.40 0.35
C VAL D 367 -7.36 -26.66 -0.03
N ALA D 368 -7.15 -27.46 -1.07
CA ALA D 368 -5.82 -27.75 -1.57
C ALA D 368 -5.14 -26.46 -2.04
N GLY D 369 -5.92 -25.58 -2.68
CA GLY D 369 -5.41 -24.31 -3.14
C GLY D 369 -4.96 -23.41 -2.00
N GLU D 370 -5.76 -23.36 -0.94
CA GLU D 370 -5.42 -22.53 0.21
C GLU D 370 -4.23 -23.08 0.97
N LEU D 371 -4.04 -24.39 0.90
CA LEU D 371 -2.88 -25.03 1.52
C LEU D 371 -1.60 -24.69 0.76
N GLU D 372 -1.71 -24.65 -0.56
CA GLU D 372 -0.56 -24.34 -1.41
C GLU D 372 -0.17 -22.88 -1.29
N LYS D 373 -1.17 -22.00 -1.16
CA LYS D 373 -0.92 -20.58 -0.98
C LYS D 373 -0.10 -20.33 0.29
N ARG D 374 -0.47 -21.03 1.35
CA ARG D 374 0.28 -20.97 2.61
C ARG D 374 1.68 -21.56 2.42
N ALA D 375 1.75 -22.65 1.65
CA ALA D 375 3.01 -23.31 1.37
C ALA D 375 3.96 -22.39 0.61
N LYS D 376 3.42 -21.73 -0.42
CA LYS D 376 4.22 -20.79 -1.21
C LYS D 376 4.63 -19.59 -0.38
N ALA D 377 3.89 -19.33 0.70
CA ALA D 377 4.20 -18.23 1.60
C ALA D 377 5.23 -18.67 2.65
N GLY D 378 5.71 -19.90 2.52
CA GLY D 378 6.76 -20.41 3.40
C GLY D 378 6.27 -21.22 4.57
N LYS D 379 5.02 -21.68 4.50
CA LYS D 379 4.46 -22.53 5.55
C LYS D 379 3.77 -23.75 4.95
N ARG D 380 4.56 -24.68 4.45
CA ARG D 380 4.04 -25.88 3.82
C ARG D 380 3.79 -26.98 4.85
N LEU D 381 2.59 -27.56 4.80
CA LEU D 381 2.27 -28.70 5.66
C LEU D 381 3.13 -29.90 5.28
N ALA D 382 3.32 -30.81 6.24
CA ALA D 382 4.17 -31.97 6.02
C ALA D 382 3.62 -32.86 4.91
N PHE D 383 2.30 -32.99 4.85
CA PHE D 383 1.66 -33.85 3.86
C PHE D 383 0.16 -33.60 3.75
N VAL D 384 -0.44 -34.20 2.73
CA VAL D 384 -1.89 -34.23 2.60
C VAL D 384 -2.36 -35.66 2.45
N HIS D 385 -3.18 -36.11 3.39
CA HIS D 385 -3.66 -37.48 3.40
C HIS D 385 -5.00 -37.60 2.69
N LEU D 386 -5.09 -38.48 1.69
CA LEU D 386 -6.29 -38.59 0.88
C LEU D 386 -6.94 -39.97 0.95
N VAL D 387 -8.25 -39.99 1.13
CA VAL D 387 -9.02 -41.22 1.09
C VAL D 387 -9.54 -41.45 -0.33
N GLU D 388 -9.20 -42.60 -0.89
CA GLU D 388 -9.53 -42.92 -2.28
C GLU D 388 -11.01 -43.19 -2.49
N PRO D 389 -11.52 -42.89 -3.70
CA PRO D 389 -12.90 -43.23 -4.08
C PRO D 389 -13.16 -44.72 -4.01
N ARG D 390 -14.43 -45.11 -3.91
CA ARG D 390 -14.79 -46.52 -3.76
C ARG D 390 -16.18 -46.79 -4.32
N1 FMN E . -10.24 34.27 -16.50
C2 FMN E . -10.40 33.18 -17.33
O2 FMN E . -10.42 33.32 -18.55
N3 FMN E . -10.54 31.91 -16.78
C4 FMN E . -10.51 31.74 -15.42
O4 FMN E . -10.64 30.61 -14.94
C4A FMN E . -10.35 32.84 -14.59
N5 FMN E . -10.32 32.68 -13.23
C5A FMN E . -10.16 33.77 -12.39
C6 FMN E . -10.13 33.60 -11.01
C7 FMN E . -9.97 34.68 -10.17
C7M FMN E . -9.94 34.50 -8.69
C8 FMN E . -9.84 35.96 -10.72
C8M FMN E . -9.66 37.15 -9.82
C9 FMN E . -9.86 36.14 -12.10
C9A FMN E . -10.02 35.04 -12.94
N10 FMN E . -10.05 35.21 -14.31
C10 FMN E . -10.21 34.11 -15.13
C1' FMN E . -9.91 36.57 -14.91
C2' FMN E . -11.30 37.20 -15.02
O2' FMN E . -11.98 36.64 -16.11
C3' FMN E . -11.21 38.71 -15.19
O3' FMN E . -10.51 39.01 -16.38
C4' FMN E . -10.48 39.32 -14.00
O4' FMN E . -11.24 39.10 -12.83
C5' FMN E . -10.26 40.82 -14.17
O5' FMN E . -11.50 41.49 -14.15
P FMN E . -11.91 42.38 -12.87
O1P FMN E . -11.65 41.58 -11.61
O2P FMN E . -13.38 42.74 -12.94
O3P FMN E . -11.05 43.62 -12.82
C1' HBA F . -7.04 32.93 -16.55
O1' HBA F . -7.53 32.11 -17.31
C1 HBA F . -7.00 32.67 -15.07
C2 HBA F . -6.61 33.66 -14.20
C3 HBA F . -6.58 33.41 -12.83
C4 HBA F . -6.95 32.16 -12.35
C5 HBA F . -7.35 31.17 -13.23
C6 HBA F . -7.37 31.42 -14.59
O4 HBA F . -6.93 31.91 -10.97
N1 FMN G . 30.36 -3.75 -13.52
C2 FMN G . 29.09 -3.26 -13.30
O2 FMN G . 28.42 -3.70 -12.37
N3 FMN G . 28.57 -2.28 -14.12
C4 FMN G . 29.31 -1.79 -15.16
O4 FMN G . 28.85 -0.91 -15.89
C4A FMN G . 30.60 -2.28 -15.40
N5 FMN G . 31.35 -1.79 -16.44
C5A FMN G . 32.61 -2.27 -16.67
C6 FMN G . 33.37 -1.78 -17.73
C7 FMN G . 34.65 -2.27 -17.96
C7M FMN G . 35.46 -1.73 -19.11
C8 FMN G . 35.17 -3.26 -17.14
C8M FMN G . 36.55 -3.79 -17.39
C9 FMN G . 34.42 -3.75 -16.08
C9A FMN G . 33.14 -3.26 -15.85
N10 FMN G . 32.39 -3.76 -14.80
C10 FMN G . 31.11 -3.26 -14.57
C1' FMN G . 32.93 -4.82 -13.89
C2' FMN G . 32.55 -6.20 -14.46
O2' FMN G . 31.16 -6.42 -14.28
C3' FMN G . 33.33 -7.32 -13.79
O3' FMN G . 33.02 -7.37 -12.43
C4' FMN G . 34.83 -7.08 -13.97
O4' FMN G . 35.11 -6.83 -15.33
C5' FMN G . 35.66 -8.26 -13.51
O5' FMN G . 35.42 -9.37 -14.36
P FMN G . 36.63 -9.97 -15.23
O1P FMN G . 37.21 -8.86 -16.09
O2P FMN G . 36.12 -11.10 -16.11
O3P FMN G . 37.71 -10.49 -14.31
C1' HBA H . 30.89 -0.93 -11.84
O1' HBA H . 29.69 -0.72 -11.75
C1 HBA H . 31.69 -0.29 -12.95
C2 HBA H . 33.03 -0.59 -13.10
C3 HBA H . 33.76 0.00 -14.12
C4 HBA H . 33.16 0.91 -14.97
C5 HBA H . 31.81 1.22 -14.81
C6 HBA H . 31.08 0.62 -13.80
O4 HBA H . 33.90 1.51 -16.00
N1 FMN I . -10.55 12.90 20.62
C2 FMN I . -9.27 12.38 20.45
O2 FMN I . -8.81 11.61 21.29
N3 FMN I . -8.53 12.72 19.34
C4 FMN I . -9.04 13.59 18.40
O4 FMN I . -8.38 13.89 17.42
C4A FMN I . -10.33 14.12 18.57
N5 FMN I . -10.86 14.97 17.63
C5A FMN I . -12.13 15.49 17.81
C6 FMN I . -12.65 16.36 16.85
C7 FMN I . -13.92 16.88 17.01
C7M FMN I . -14.49 17.82 15.99
C8 FMN I . -14.68 16.53 18.14
C8M FMN I . -16.05 17.10 18.32
C9 FMN I . -14.15 15.67 19.09
C9A FMN I . -12.87 15.14 18.92
N10 FMN I . -12.34 14.28 19.86
C10 FMN I . -11.08 13.76 19.69
C1' FMN I . -13.13 13.90 21.08
C2' FMN I . -12.86 14.91 22.19
O2' FMN I . -11.64 14.59 22.83
C3' FMN I . -13.99 14.92 23.21
O3' FMN I . -14.14 13.64 23.76
C4' FMN I . -15.29 15.33 22.53
O4' FMN I . -15.17 16.67 22.08
C5' FMN I . -16.50 15.23 23.46
O5' FMN I . -16.46 16.25 24.42
P FMN I . -17.55 17.43 24.38
O1P FMN I . -17.64 17.94 22.96
O2P FMN I . -17.14 18.55 25.31
O3P FMN I . -18.90 16.89 24.79
C1' HBA J . -12.44 13.20 14.69
O1' HBA J . -13.51 13.77 14.69
C1 HBA J . -12.01 12.36 15.88
C2 HBA J . -10.72 11.85 15.92
C3 HBA J . -10.30 11.07 16.98
C4 HBA J . -11.17 10.82 18.04
C5 HBA J . -12.46 11.32 18.01
C6 HBA J . -12.88 12.09 16.93
O4 HBA J . -10.72 10.02 19.10
N1 FMN K . -9.61 -43.45 9.36
C2 FMN K . -9.38 -42.32 10.13
O2 FMN K . -9.12 -41.25 9.57
N3 FMN K . -9.45 -42.39 11.50
C4 FMN K . -9.75 -43.58 12.11
O4 FMN K . -9.81 -43.64 13.34
C4A FMN K . -9.98 -44.73 11.35
N5 FMN K . -10.27 -45.93 11.95
C5A FMN K . -10.49 -47.05 11.19
C6 FMN K . -10.79 -48.27 11.81
C7 FMN K . -11.02 -49.40 11.04
C7M FMN K . -11.34 -50.70 11.72
C8 FMN K . -10.95 -49.33 9.65
C8M FMN K . -11.19 -50.55 8.83
C9 FMN K . -10.65 -48.13 9.03
C9A FMN K . -10.42 -46.98 9.80
N10 FMN K . -10.12 -45.78 9.19
C10 FMN K . -9.90 -44.65 9.96
C1' FMN K . -10.04 -45.68 7.70
C2' FMN K . -8.61 -45.98 7.25
O2' FMN K . -7.78 -44.85 7.45
C3' FMN K . -8.58 -46.39 5.78
O3' FMN K . -9.14 -45.37 5.00
C4' FMN K . -9.36 -47.68 5.58
O4' FMN K . -8.72 -48.72 6.30
C5' FMN K . -9.45 -48.10 4.12
O5' FMN K . -8.19 -48.51 3.65
P FMN K . -7.90 -50.07 3.42
O1P FMN K . -8.61 -50.85 4.50
O2P FMN K . -6.41 -50.34 3.47
O3P FMN K . -8.45 -50.50 2.08
C1' HBA L . -13.91 -46.55 12.84
O1' HBA L . -14.08 -47.61 12.27
C1 HBA L . -13.53 -45.31 12.05
C2 HBA L . -13.25 -44.14 12.73
C3 HBA L . -12.91 -42.99 12.04
C4 HBA L . -12.83 -43.03 10.67
C5 HBA L . -13.11 -44.19 9.97
C6 HBA L . -13.47 -45.34 10.66
O4 HBA L . -12.48 -41.88 9.95
#